data_1FGA
# 
_entry.id   1FGA 
# 
_audit_conform.dict_name       mmcif_pdbx.dic 
_audit_conform.dict_version    5.403 
_audit_conform.dict_location   http://mmcif.pdb.org/dictionaries/ascii/mmcif_pdbx.dic 
# 
loop_
_database_2.database_id 
_database_2.database_code 
_database_2.pdbx_database_accession 
_database_2.pdbx_DOI 
PDB   1FGA         pdb_00001fga 10.2210/pdb1fga/pdb 
WWPDB D_1000173272 ?            ?                   
# 
loop_
_pdbx_audit_revision_history.ordinal 
_pdbx_audit_revision_history.data_content_type 
_pdbx_audit_revision_history.major_revision 
_pdbx_audit_revision_history.minor_revision 
_pdbx_audit_revision_history.revision_date 
_pdbx_audit_revision_history.part_number 
1 'Structure model' 1 0 1993-07-15 ? 
2 'Structure model' 1 1 2008-03-24 ? 
3 'Structure model' 1 2 2011-07-13 ? 
4 'Structure model' 1 3 2017-11-29 ? 
5 'Structure model' 1 4 2020-07-22 ? 
6 'Structure model' 1 5 2025-03-26 ? 
# 
_pdbx_audit_revision_details.ordinal             1 
_pdbx_audit_revision_details.revision_ordinal    1 
_pdbx_audit_revision_details.data_content_type   'Structure model' 
_pdbx_audit_revision_details.provider            repository 
_pdbx_audit_revision_details.type                'Initial release' 
_pdbx_audit_revision_details.description         ? 
_pdbx_audit_revision_details.details             ? 
# 
loop_
_pdbx_audit_revision_group.ordinal 
_pdbx_audit_revision_group.revision_ordinal 
_pdbx_audit_revision_group.data_content_type 
_pdbx_audit_revision_group.group 
1  2 'Structure model' 'Version format compliance' 
2  3 'Structure model' 'Version format compliance' 
3  4 'Structure model' 'Derived calculations'      
4  4 'Structure model' Other                       
5  5 'Structure model' 'Data collection'           
6  5 'Structure model' 'Derived calculations'      
7  5 'Structure model' Other                       
8  5 'Structure model' 'Refinement description'    
9  6 'Structure model' 'Data collection'           
10 6 'Structure model' 'Database references'       
11 6 'Structure model' 'Derived calculations'      
12 6 'Structure model' 'Structure summary'         
# 
loop_
_pdbx_audit_revision_category.ordinal 
_pdbx_audit_revision_category.revision_ordinal 
_pdbx_audit_revision_category.data_content_type 
_pdbx_audit_revision_category.category 
1  4 'Structure model' pdbx_database_status 
2  4 'Structure model' struct_conf          
3  4 'Structure model' struct_conf_type     
4  5 'Structure model' diffrn               
5  5 'Structure model' diffrn_detector      
6  5 'Structure model' diffrn_radiation     
7  5 'Structure model' diffrn_source        
8  5 'Structure model' pdbx_database_status 
9  5 'Structure model' software             
10 5 'Structure model' struct_conn          
11 6 'Structure model' chem_comp_atom       
12 6 'Structure model' chem_comp_bond       
13 6 'Structure model' database_2           
14 6 'Structure model' pdbx_entry_details   
15 6 'Structure model' struct_site          
# 
loop_
_pdbx_audit_revision_item.ordinal 
_pdbx_audit_revision_item.revision_ordinal 
_pdbx_audit_revision_item.data_content_type 
_pdbx_audit_revision_item.item 
1  4 'Structure model' '_pdbx_database_status.process_site'               
2  5 'Structure model' '_diffrn.ambient_pressure'                         
3  5 'Structure model' '_diffrn.ambient_temp'                             
4  5 'Structure model' '_diffrn_radiation.monochromator'                  
5  5 'Structure model' '_diffrn_radiation.pdbx_diffrn_protocol'           
6  5 'Structure model' '_diffrn_radiation.pdbx_monochromatic_or_laue_m_l' 
7  5 'Structure model' '_diffrn_radiation.pdbx_wavelength_list'           
8  5 'Structure model' '_pdbx_database_status.status_code_sf'             
9  5 'Structure model' '_struct_conn.pdbx_leaving_atom_flag'              
10 6 'Structure model' '_database_2.pdbx_DOI'                             
11 6 'Structure model' '_database_2.pdbx_database_accession'              
12 6 'Structure model' '_struct_site.pdbx_auth_asym_id'                   
13 6 'Structure model' '_struct_site.pdbx_auth_comp_id'                   
14 6 'Structure model' '_struct_site.pdbx_auth_seq_id'                    
# 
_pdbx_database_status.status_code                     REL 
_pdbx_database_status.entry_id                        1FGA 
_pdbx_database_status.recvd_initial_deposition_date   1993-02-26 
_pdbx_database_status.deposit_site                    ? 
_pdbx_database_status.process_site                    BNL 
_pdbx_database_status.SG_entry                        . 
_pdbx_database_status.pdb_format_compatible           Y 
_pdbx_database_status.status_code_mr                  ? 
_pdbx_database_status.status_code_sf                  REL 
_pdbx_database_status.status_code_cs                  ? 
_pdbx_database_status.methods_development_category    ? 
_pdbx_database_status.status_code_nmr_data            ? 
# 
loop_
_audit_author.name 
_audit_author.pdbx_ordinal 
'Eriksson, A.E.' 1 
'Matthews, B.W.' 2 
# 
loop_
_citation.id 
_citation.title 
_citation.journal_abbrev 
_citation.journal_volume 
_citation.page_first 
_citation.page_last 
_citation.year 
_citation.journal_id_ASTM 
_citation.country 
_citation.journal_id_ISSN 
_citation.journal_id_CSD 
_citation.book_publisher 
_citation.pdbx_database_id_PubMed 
_citation.pdbx_database_id_DOI 
primary 
;Refinement of the structure of human basic fibroblast growth factor at 1.6 A resolution and analysis of presumed heparin binding sites by selenate substitution.
;
'Protein Sci.'         2  1274 1284 1993 PRCIEI US 0961-8368 0795 ? 7691311 ? 
1       'Three-Dimensional Structure of Human Basic Fibroblast Growth Factor' Proc.Natl.Acad.Sci.USA 88 3441 ?    1991 PNASA6 US 
0027-8424 0040 ? ?       ? 
# 
loop_
_citation_author.citation_id 
_citation_author.name 
_citation_author.ordinal 
_citation_author.identifier_ORCID 
primary 'Eriksson, A.E.' 1 ? 
primary 'Cousens, L.S.'  2 ? 
primary 'Matthews, B.W.' 3 ? 
1       'Eriksson, A.E.' 4 ? 
1       'Cousens, L.S.'  5 ? 
1       'Weaver, L.H.'   6 ? 
1       'Matthews, B.W.' 7 ? 
# 
loop_
_entity.id 
_entity.type 
_entity.src_method 
_entity.pdbx_description 
_entity.formula_weight 
_entity.pdbx_number_of_molecules 
_entity.pdbx_ec 
_entity.pdbx_mutation 
_entity.pdbx_fragment 
_entity.details 
1 polymer     man 'BASIC FIBROBLAST GROWTH FACTOR' 16435.857 1  ? ? ? ? 
2 non-polymer syn 'SELENATE ION'                   142.958   2  ? ? ? ? 
3 non-polymer syn BETA-MERCAPTOETHANOL             78.133    2  ? ? ? ? 
4 water       nat water                            18.015    65 ? ? ? ? 
# 
_entity_poly.entity_id                      1 
_entity_poly.type                           'polypeptide(L)' 
_entity_poly.nstd_linkage                   no 
_entity_poly.nstd_monomer                   no 
_entity_poly.pdbx_seq_one_letter_code       
;PALPEDGGSGAFPPGHFKDPKRLYCKNGGFFLRIHPDGRVDGVREKSDPHIKLQLQAEERGVVSIKGVCANRYLAMKEDG
RLLASKCVTDECFFFERLESNNYNTYRSRKYTSWYVALKRTGQYKLGSKTGPGQKAILFLPMSAKS
;
_entity_poly.pdbx_seq_one_letter_code_can   
;PALPEDGGSGAFPPGHFKDPKRLYCKNGGFFLRIHPDGRVDGVREKSDPHIKLQLQAEERGVVSIKGVCANRYLAMKEDG
RLLASKCVTDECFFFERLESNNYNTYRSRKYTSWYVALKRTGQYKLGSKTGPGQKAILFLPMSAKS
;
_entity_poly.pdbx_strand_id                 A 
_entity_poly.pdbx_target_identifier         ? 
# 
loop_
_pdbx_entity_nonpoly.entity_id 
_pdbx_entity_nonpoly.name 
_pdbx_entity_nonpoly.comp_id 
2 'SELENATE ION'       SE4 
3 BETA-MERCAPTOETHANOL BME 
4 water                HOH 
# 
loop_
_entity_poly_seq.entity_id 
_entity_poly_seq.num 
_entity_poly_seq.mon_id 
_entity_poly_seq.hetero 
1 1   PRO n 
1 2   ALA n 
1 3   LEU n 
1 4   PRO n 
1 5   GLU n 
1 6   ASP n 
1 7   GLY n 
1 8   GLY n 
1 9   SER n 
1 10  GLY n 
1 11  ALA n 
1 12  PHE n 
1 13  PRO n 
1 14  PRO n 
1 15  GLY n 
1 16  HIS n 
1 17  PHE n 
1 18  LYS n 
1 19  ASP n 
1 20  PRO n 
1 21  LYS n 
1 22  ARG n 
1 23  LEU n 
1 24  TYR n 
1 25  CYS n 
1 26  LYS n 
1 27  ASN n 
1 28  GLY n 
1 29  GLY n 
1 30  PHE n 
1 31  PHE n 
1 32  LEU n 
1 33  ARG n 
1 34  ILE n 
1 35  HIS n 
1 36  PRO n 
1 37  ASP n 
1 38  GLY n 
1 39  ARG n 
1 40  VAL n 
1 41  ASP n 
1 42  GLY n 
1 43  VAL n 
1 44  ARG n 
1 45  GLU n 
1 46  LYS n 
1 47  SER n 
1 48  ASP n 
1 49  PRO n 
1 50  HIS n 
1 51  ILE n 
1 52  LYS n 
1 53  LEU n 
1 54  GLN n 
1 55  LEU n 
1 56  GLN n 
1 57  ALA n 
1 58  GLU n 
1 59  GLU n 
1 60  ARG n 
1 61  GLY n 
1 62  VAL n 
1 63  VAL n 
1 64  SER n 
1 65  ILE n 
1 66  LYS n 
1 67  GLY n 
1 68  VAL n 
1 69  CYS n 
1 70  ALA n 
1 71  ASN n 
1 72  ARG n 
1 73  TYR n 
1 74  LEU n 
1 75  ALA n 
1 76  MET n 
1 77  LYS n 
1 78  GLU n 
1 79  ASP n 
1 80  GLY n 
1 81  ARG n 
1 82  LEU n 
1 83  LEU n 
1 84  ALA n 
1 85  SER n 
1 86  LYS n 
1 87  CYS n 
1 88  VAL n 
1 89  THR n 
1 90  ASP n 
1 91  GLU n 
1 92  CYS n 
1 93  PHE n 
1 94  PHE n 
1 95  PHE n 
1 96  GLU n 
1 97  ARG n 
1 98  LEU n 
1 99  GLU n 
1 100 SER n 
1 101 ASN n 
1 102 ASN n 
1 103 TYR n 
1 104 ASN n 
1 105 THR n 
1 106 TYR n 
1 107 ARG n 
1 108 SER n 
1 109 ARG n 
1 110 LYS n 
1 111 TYR n 
1 112 THR n 
1 113 SER n 
1 114 TRP n 
1 115 TYR n 
1 116 VAL n 
1 117 ALA n 
1 118 LEU n 
1 119 LYS n 
1 120 ARG n 
1 121 THR n 
1 122 GLY n 
1 123 GLN n 
1 124 TYR n 
1 125 LYS n 
1 126 LEU n 
1 127 GLY n 
1 128 SER n 
1 129 LYS n 
1 130 THR n 
1 131 GLY n 
1 132 PRO n 
1 133 GLY n 
1 134 GLN n 
1 135 LYS n 
1 136 ALA n 
1 137 ILE n 
1 138 LEU n 
1 139 PHE n 
1 140 LEU n 
1 141 PRO n 
1 142 MET n 
1 143 SER n 
1 144 ALA n 
1 145 LYS n 
1 146 SER n 
# 
_entity_src_gen.entity_id                          1 
_entity_src_gen.pdbx_src_id                        1 
_entity_src_gen.pdbx_alt_source_flag               sample 
_entity_src_gen.pdbx_seq_type                      ? 
_entity_src_gen.pdbx_beg_seq_num                   ? 
_entity_src_gen.pdbx_end_seq_num                   ? 
_entity_src_gen.gene_src_common_name               human 
_entity_src_gen.gene_src_genus                     Homo 
_entity_src_gen.pdbx_gene_src_gene                 ? 
_entity_src_gen.gene_src_species                   ? 
_entity_src_gen.gene_src_strain                    ? 
_entity_src_gen.gene_src_tissue                    ? 
_entity_src_gen.gene_src_tissue_fraction           ? 
_entity_src_gen.gene_src_details                   ? 
_entity_src_gen.pdbx_gene_src_fragment             ? 
_entity_src_gen.pdbx_gene_src_scientific_name      'Homo sapiens' 
_entity_src_gen.pdbx_gene_src_ncbi_taxonomy_id     9606 
_entity_src_gen.pdbx_gene_src_variant              ? 
_entity_src_gen.pdbx_gene_src_cell_line            ? 
_entity_src_gen.pdbx_gene_src_atcc                 ? 
_entity_src_gen.pdbx_gene_src_organ                ? 
_entity_src_gen.pdbx_gene_src_organelle            ? 
_entity_src_gen.pdbx_gene_src_cell                 ? 
_entity_src_gen.pdbx_gene_src_cellular_location    ? 
_entity_src_gen.host_org_common_name               ? 
_entity_src_gen.pdbx_host_org_scientific_name      ? 
_entity_src_gen.pdbx_host_org_ncbi_taxonomy_id     ? 
_entity_src_gen.host_org_genus                     ? 
_entity_src_gen.pdbx_host_org_gene                 ? 
_entity_src_gen.pdbx_host_org_organ                ? 
_entity_src_gen.host_org_species                   ? 
_entity_src_gen.pdbx_host_org_tissue               ? 
_entity_src_gen.pdbx_host_org_tissue_fraction      ? 
_entity_src_gen.pdbx_host_org_strain               ? 
_entity_src_gen.pdbx_host_org_variant              ? 
_entity_src_gen.pdbx_host_org_cell_line            ? 
_entity_src_gen.pdbx_host_org_atcc                 ? 
_entity_src_gen.pdbx_host_org_culture_collection   ? 
_entity_src_gen.pdbx_host_org_cell                 ? 
_entity_src_gen.pdbx_host_org_organelle            ? 
_entity_src_gen.pdbx_host_org_cellular_location    ? 
_entity_src_gen.pdbx_host_org_vector_type          ? 
_entity_src_gen.pdbx_host_org_vector               ? 
_entity_src_gen.host_org_details                   ? 
_entity_src_gen.expression_system_id               ? 
_entity_src_gen.plasmid_name                       ? 
_entity_src_gen.plasmid_details                    ? 
_entity_src_gen.pdbx_description                   ? 
# 
loop_
_chem_comp.id 
_chem_comp.type 
_chem_comp.mon_nstd_flag 
_chem_comp.name 
_chem_comp.pdbx_synonyms 
_chem_comp.formula 
_chem_comp.formula_weight 
ALA 'L-peptide linking' y ALANINE              ? 'C3 H7 N O2'     89.093  
ARG 'L-peptide linking' y ARGININE             ? 'C6 H15 N4 O2 1' 175.209 
ASN 'L-peptide linking' y ASPARAGINE           ? 'C4 H8 N2 O3'    132.118 
ASP 'L-peptide linking' y 'ASPARTIC ACID'      ? 'C4 H7 N O4'     133.103 
BME non-polymer         . BETA-MERCAPTOETHANOL ? 'C2 H6 O S'      78.133  
CYS 'L-peptide linking' y CYSTEINE             ? 'C3 H7 N O2 S'   121.158 
GLN 'L-peptide linking' y GLUTAMINE            ? 'C5 H10 N2 O3'   146.144 
GLU 'L-peptide linking' y 'GLUTAMIC ACID'      ? 'C5 H9 N O4'     147.129 
GLY 'peptide linking'   y GLYCINE              ? 'C2 H5 N O2'     75.067  
HIS 'L-peptide linking' y HISTIDINE            ? 'C6 H10 N3 O2 1' 156.162 
HOH non-polymer         . WATER                ? 'H2 O'           18.015  
ILE 'L-peptide linking' y ISOLEUCINE           ? 'C6 H13 N O2'    131.173 
LEU 'L-peptide linking' y LEUCINE              ? 'C6 H13 N O2'    131.173 
LYS 'L-peptide linking' y LYSINE               ? 'C6 H15 N2 O2 1' 147.195 
MET 'L-peptide linking' y METHIONINE           ? 'C5 H11 N O2 S'  149.211 
PHE 'L-peptide linking' y PHENYLALANINE        ? 'C9 H11 N O2'    165.189 
PRO 'L-peptide linking' y PROLINE              ? 'C5 H9 N O2'     115.130 
SE4 non-polymer         . 'SELENATE ION'       ? 'O4 Se -2'       142.958 
SER 'L-peptide linking' y SERINE               ? 'C3 H7 N O3'     105.093 
THR 'L-peptide linking' y THREONINE            ? 'C4 H9 N O3'     119.119 
TRP 'L-peptide linking' y TRYPTOPHAN           ? 'C11 H12 N2 O2'  204.225 
TYR 'L-peptide linking' y TYROSINE             ? 'C9 H11 N O3'    181.189 
VAL 'L-peptide linking' y VALINE               ? 'C5 H11 N O2'    117.146 
# 
loop_
_pdbx_poly_seq_scheme.asym_id 
_pdbx_poly_seq_scheme.entity_id 
_pdbx_poly_seq_scheme.seq_id 
_pdbx_poly_seq_scheme.mon_id 
_pdbx_poly_seq_scheme.ndb_seq_num 
_pdbx_poly_seq_scheme.pdb_seq_num 
_pdbx_poly_seq_scheme.auth_seq_num 
_pdbx_poly_seq_scheme.pdb_mon_id 
_pdbx_poly_seq_scheme.auth_mon_id 
_pdbx_poly_seq_scheme.pdb_strand_id 
_pdbx_poly_seq_scheme.pdb_ins_code 
_pdbx_poly_seq_scheme.hetero 
A 1 1   PRO 1   1   ?   ?   ?   A . n 
A 1 2   ALA 2   2   ?   ?   ?   A . n 
A 1 3   LEU 3   3   ?   ?   ?   A . n 
A 1 4   PRO 4   4   ?   ?   ?   A . n 
A 1 5   GLU 5   5   ?   ?   ?   A . n 
A 1 6   ASP 6   6   ?   ?   ?   A . n 
A 1 7   GLY 7   7   ?   ?   ?   A . n 
A 1 8   GLY 8   8   ?   ?   ?   A . n 
A 1 9   SER 9   9   ?   ?   ?   A . n 
A 1 10  GLY 10  10  ?   ?   ?   A . n 
A 1 11  ALA 11  11  ?   ?   ?   A . n 
A 1 12  PHE 12  12  ?   ?   ?   A . n 
A 1 13  PRO 13  13  ?   ?   ?   A . n 
A 1 14  PRO 14  14  ?   ?   ?   A . n 
A 1 15  GLY 15  15  ?   ?   ?   A . n 
A 1 16  HIS 16  16  ?   ?   ?   A . n 
A 1 17  PHE 17  17  ?   ?   ?   A . n 
A 1 18  LYS 18  18  ?   ?   ?   A . n 
A 1 19  ASP 19  19  ?   ?   ?   A . n 
A 1 20  PRO 20  20  20  PRO PRO A . n 
A 1 21  LYS 21  21  21  LYS LYS A . n 
A 1 22  ARG 22  22  22  ARG ARG A . n 
A 1 23  LEU 23  23  23  LEU LEU A . n 
A 1 24  TYR 24  24  24  TYR TYR A . n 
A 1 25  CYS 25  25  25  CYS CYS A . n 
A 1 26  LYS 26  26  26  LYS LYS A . n 
A 1 27  ASN 27  27  27  ASN ASN A . n 
A 1 28  GLY 28  28  28  GLY GLY A . n 
A 1 29  GLY 29  29  29  GLY GLY A . n 
A 1 30  PHE 30  30  30  PHE PHE A . n 
A 1 31  PHE 31  31  31  PHE PHE A . n 
A 1 32  LEU 32  32  32  LEU LEU A . n 
A 1 33  ARG 33  33  33  ARG ARG A . n 
A 1 34  ILE 34  34  34  ILE ILE A . n 
A 1 35  HIS 35  35  35  HIS HIS A . n 
A 1 36  PRO 36  36  36  PRO PRO A . n 
A 1 37  ASP 37  37  37  ASP ASP A . n 
A 1 38  GLY 38  38  38  GLY GLY A . n 
A 1 39  ARG 39  39  39  ARG ARG A . n 
A 1 40  VAL 40  40  40  VAL VAL A . n 
A 1 41  ASP 41  41  41  ASP ASP A . n 
A 1 42  GLY 42  42  42  GLY GLY A . n 
A 1 43  VAL 43  43  43  VAL VAL A . n 
A 1 44  ARG 44  44  44  ARG ARG A . n 
A 1 45  GLU 45  45  45  GLU GLU A . n 
A 1 46  LYS 46  46  46  LYS LYS A . n 
A 1 47  SER 47  47  47  SER SER A . n 
A 1 48  ASP 48  48  48  ASP ASP A . n 
A 1 49  PRO 49  49  49  PRO PRO A . n 
A 1 50  HIS 50  50  50  HIS HIS A . n 
A 1 51  ILE 51  51  51  ILE ILE A . n 
A 1 52  LYS 52  52  52  LYS LYS A . n 
A 1 53  LEU 53  53  53  LEU LEU A . n 
A 1 54  GLN 54  54  54  GLN GLN A . n 
A 1 55  LEU 55  55  55  LEU LEU A . n 
A 1 56  GLN 56  56  56  GLN GLN A . n 
A 1 57  ALA 57  57  57  ALA ALA A . n 
A 1 58  GLU 58  58  58  GLU GLU A . n 
A 1 59  GLU 59  59  59  GLU GLU A . n 
A 1 60  ARG 60  60  60  ARG ARG A . n 
A 1 61  GLY 61  61  61  GLY GLY A . n 
A 1 62  VAL 62  62  62  VAL VAL A . n 
A 1 63  VAL 63  63  63  VAL VAL A . n 
A 1 64  SER 64  64  64  SER SER A . n 
A 1 65  ILE 65  65  65  ILE ILE A . n 
A 1 66  LYS 66  66  66  LYS LYS A . n 
A 1 67  GLY 67  67  67  GLY GLY A . n 
A 1 68  VAL 68  68  68  VAL VAL A . n 
A 1 69  CYS 69  69  69  CYS CYS A . n 
A 1 70  ALA 70  70  70  ALA ALA A . n 
A 1 71  ASN 71  71  71  ASN ASN A . n 
A 1 72  ARG 72  72  72  ARG ARG A . n 
A 1 73  TYR 73  73  73  TYR TYR A . n 
A 1 74  LEU 74  74  74  LEU LEU A . n 
A 1 75  ALA 75  75  75  ALA ALA A . n 
A 1 76  MET 76  76  76  MET MET A . n 
A 1 77  LYS 77  77  77  LYS LYS A . n 
A 1 78  GLU 78  78  78  GLU GLU A . n 
A 1 79  ASP 79  79  79  ASP ASP A . n 
A 1 80  GLY 80  80  80  GLY GLY A . n 
A 1 81  ARG 81  81  81  ARG ARG A . n 
A 1 82  LEU 82  82  82  LEU LEU A . n 
A 1 83  LEU 83  83  83  LEU LEU A . n 
A 1 84  ALA 84  84  84  ALA ALA A . n 
A 1 85  SER 85  85  85  SER SER A . n 
A 1 86  LYS 86  86  86  LYS LYS A . n 
A 1 87  CYS 87  87  87  CYS CYS A . n 
A 1 88  VAL 88  88  88  VAL VAL A . n 
A 1 89  THR 89  89  89  THR THR A . n 
A 1 90  ASP 90  90  90  ASP ASP A . n 
A 1 91  GLU 91  91  91  GLU GLU A . n 
A 1 92  CYS 92  92  92  CYS CYS A . n 
A 1 93  PHE 93  93  93  PHE PHE A . n 
A 1 94  PHE 94  94  94  PHE PHE A . n 
A 1 95  PHE 95  95  95  PHE PHE A . n 
A 1 96  GLU 96  96  96  GLU GLU A . n 
A 1 97  ARG 97  97  97  ARG ARG A . n 
A 1 98  LEU 98  98  98  LEU LEU A . n 
A 1 99  GLU 99  99  99  GLU GLU A . n 
A 1 100 SER 100 100 100 SER SER A . n 
A 1 101 ASN 101 101 101 ASN ASN A . n 
A 1 102 ASN 102 102 102 ASN ASN A . n 
A 1 103 TYR 103 103 103 TYR TYR A . n 
A 1 104 ASN 104 104 104 ASN ASN A . n 
A 1 105 THR 105 105 105 THR THR A . n 
A 1 106 TYR 106 106 106 TYR TYR A . n 
A 1 107 ARG 107 107 107 ARG ARG A . n 
A 1 108 SER 108 108 108 SER SER A . n 
A 1 109 ARG 109 109 109 ARG ARG A . n 
A 1 110 LYS 110 110 110 LYS LYS A . n 
A 1 111 TYR 111 111 111 TYR TYR A . n 
A 1 112 THR 112 112 112 THR THR A . n 
A 1 113 SER 113 113 113 SER SER A . n 
A 1 114 TRP 114 114 114 TRP TRP A . n 
A 1 115 TYR 115 115 115 TYR TYR A . n 
A 1 116 VAL 116 116 116 VAL VAL A . n 
A 1 117 ALA 117 117 117 ALA ALA A . n 
A 1 118 LEU 118 118 118 LEU LEU A . n 
A 1 119 LYS 119 119 119 LYS LYS A . n 
A 1 120 ARG 120 120 120 ARG ARG A . n 
A 1 121 THR 121 121 121 THR THR A . n 
A 1 122 GLY 122 122 122 GLY GLY A . n 
A 1 123 GLN 123 123 123 GLN GLN A . n 
A 1 124 TYR 124 124 124 TYR TYR A . n 
A 1 125 LYS 125 125 125 LYS LYS A . n 
A 1 126 LEU 126 126 126 LEU LEU A . n 
A 1 127 GLY 127 127 127 GLY GLY A . n 
A 1 128 SER 128 128 128 SER SER A . n 
A 1 129 LYS 129 129 129 LYS LYS A . n 
A 1 130 THR 130 130 130 THR THR A . n 
A 1 131 GLY 131 131 131 GLY GLY A . n 
A 1 132 PRO 132 132 132 PRO PRO A . n 
A 1 133 GLY 133 133 133 GLY GLY A . n 
A 1 134 GLN 134 134 134 GLN GLN A . n 
A 1 135 LYS 135 135 135 LYS LYS A . n 
A 1 136 ALA 136 136 136 ALA ALA A . n 
A 1 137 ILE 137 137 137 ILE ILE A . n 
A 1 138 LEU 138 138 138 LEU LEU A . n 
A 1 139 PHE 139 139 139 PHE PHE A . n 
A 1 140 LEU 140 140 140 LEU LEU A . n 
A 1 141 PRO 141 141 141 PRO PRO A . n 
A 1 142 MET 142 142 142 MET MET A . n 
A 1 143 SER 143 143 143 SER SER A . n 
A 1 144 ALA 144 144 ?   ?   ?   A . n 
A 1 145 LYS 145 145 ?   ?   ?   A . n 
A 1 146 SER 146 146 ?   ?   ?   A . n 
# 
loop_
_pdbx_nonpoly_scheme.asym_id 
_pdbx_nonpoly_scheme.entity_id 
_pdbx_nonpoly_scheme.mon_id 
_pdbx_nonpoly_scheme.ndb_seq_num 
_pdbx_nonpoly_scheme.pdb_seq_num 
_pdbx_nonpoly_scheme.auth_seq_num 
_pdbx_nonpoly_scheme.pdb_mon_id 
_pdbx_nonpoly_scheme.auth_mon_id 
_pdbx_nonpoly_scheme.pdb_strand_id 
_pdbx_nonpoly_scheme.pdb_ins_code 
B 2 SE4 1  147 147 SE4 SE4 A . 
C 2 SE4 1  301 301 SE4 SE4 A . 
D 3 BME 1  302 69  BME SEO A . 
E 3 BME 1  303 92  BME SEO A . 
F 4 HOH 1  149 149 HOH HOH A . 
F 4 HOH 2  150 150 HOH HOH A . 
F 4 HOH 3  151 151 HOH HOH A . 
F 4 HOH 4  152 152 HOH HOH A . 
F 4 HOH 5  153 153 HOH HOH A . 
F 4 HOH 6  154 154 HOH HOH A . 
F 4 HOH 7  155 155 HOH HOH A . 
F 4 HOH 8  156 156 HOH HOH A . 
F 4 HOH 9  157 157 HOH HOH A . 
F 4 HOH 10 158 158 HOH HOH A . 
F 4 HOH 11 161 161 HOH HOH A . 
F 4 HOH 12 163 163 HOH HOH A . 
F 4 HOH 13 164 164 HOH HOH A . 
F 4 HOH 14 165 165 HOH HOH A . 
F 4 HOH 15 166 166 HOH HOH A . 
F 4 HOH 16 167 167 HOH HOH A . 
F 4 HOH 17 168 168 HOH HOH A . 
F 4 HOH 18 169 169 HOH HOH A . 
F 4 HOH 19 170 170 HOH HOH A . 
F 4 HOH 20 171 171 HOH HOH A . 
F 4 HOH 21 172 172 HOH HOH A . 
F 4 HOH 22 173 173 HOH HOH A . 
F 4 HOH 23 175 175 HOH HOH A . 
F 4 HOH 24 176 176 HOH HOH A . 
F 4 HOH 25 177 177 HOH HOH A . 
F 4 HOH 26 178 178 HOH HOH A . 
F 4 HOH 27 179 179 HOH HOH A . 
F 4 HOH 28 180 180 HOH HOH A . 
F 4 HOH 29 181 181 HOH HOH A . 
F 4 HOH 30 182 182 HOH HOH A . 
F 4 HOH 31 183 183 HOH HOH A . 
F 4 HOH 32 184 184 HOH HOH A . 
F 4 HOH 33 185 185 HOH HOH A . 
F 4 HOH 34 186 186 HOH HOH A . 
F 4 HOH 35 187 187 HOH HOH A . 
F 4 HOH 36 189 189 HOH HOH A . 
F 4 HOH 37 190 190 HOH HOH A . 
F 4 HOH 38 192 192 HOH HOH A . 
F 4 HOH 39 193 193 HOH HOH A . 
F 4 HOH 40 194 194 HOH HOH A . 
F 4 HOH 41 195 195 HOH HOH A . 
F 4 HOH 42 199 199 HOH HOH A . 
F 4 HOH 43 201 201 HOH HOH A . 
F 4 HOH 44 202 202 HOH HOH A . 
F 4 HOH 45 203 203 HOH HOH A . 
F 4 HOH 46 204 204 HOH HOH A . 
F 4 HOH 47 205 205 HOH HOH A . 
F 4 HOH 48 206 206 HOH HOH A . 
F 4 HOH 49 208 208 HOH HOH A . 
F 4 HOH 50 209 209 HOH HOH A . 
F 4 HOH 51 211 211 HOH HOH A . 
F 4 HOH 52 212 212 HOH HOH A . 
F 4 HOH 53 213 213 HOH HOH A . 
F 4 HOH 54 214 214 HOH HOH A . 
F 4 HOH 55 215 215 HOH HOH A . 
F 4 HOH 56 216 216 HOH HOH A . 
F 4 HOH 57 217 217 HOH HOH A . 
F 4 HOH 58 218 218 HOH HOH A . 
F 4 HOH 59 219 219 HOH HOH A . 
F 4 HOH 60 220 220 HOH HOH A . 
F 4 HOH 61 221 221 HOH HOH A . 
F 4 HOH 62 222 222 HOH HOH A . 
F 4 HOH 63 223 223 HOH HOH A . 
F 4 HOH 64 224 224 HOH HOH A . 
F 4 HOH 65 225 225 HOH HOH A . 
# 
loop_
_software.name 
_software.classification 
_software.version 
_software.citation_id 
_software.pdbx_ordinal 
TNT                               refinement     . ? 1 
'Xengen (HOWARD, NIELSEN, XUONG)' 'data scaling' . ? 2 
# 
_cell.entry_id           1FGA 
_cell.length_a           30.800 
_cell.length_b           33.500 
_cell.length_c           35.800 
_cell.angle_alpha        58.80 
_cell.angle_beta         72.40 
_cell.angle_gamma        76.10 
_cell.Z_PDB              1 
_cell.pdbx_unique_axis   ? 
# 
_symmetry.entry_id                         1FGA 
_symmetry.space_group_name_H-M             'P 1' 
_symmetry.pdbx_full_space_group_name_H-M   ? 
_symmetry.cell_setting                     ? 
_symmetry.Int_Tables_number                1 
# 
_exptl.entry_id          1FGA 
_exptl.method            'X-RAY DIFFRACTION' 
_exptl.crystals_number   ? 
# 
_exptl_crystal.id                    1 
_exptl_crystal.density_meas          ? 
_exptl_crystal.density_Matthews      1.82 
_exptl_crystal.density_percent_sol   32.48 
_exptl_crystal.description           ? 
# 
_diffrn.id                     1 
_diffrn.ambient_temp           298 
_diffrn.ambient_temp_details   ? 
_diffrn.crystal_id             1 
_diffrn.ambient_pressure       101 
# 
_diffrn_detector.diffrn_id              1 
_diffrn_detector.detector               'AREA DETECTOR' 
_diffrn_detector.type                   'AREA DETECTOR' 
_diffrn_detector.details                Xuong-Hamlin 
_diffrn_detector.pdbx_collection_date   ? 
# 
_diffrn_radiation.diffrn_id                        1 
_diffrn_radiation.wavelength_id                    1 
_diffrn_radiation.pdbx_monochromatic_or_laue_m_l   M 
_diffrn_radiation.monochromator                    graphite 
_diffrn_radiation.pdbx_diffrn_protocol             'SINGLE WAVELENGTH' 
_diffrn_radiation.pdbx_scattering_type             x-ray 
_diffrn_radiation.pdbx_wavelength_list             1.5418 
# 
_diffrn_radiation_wavelength.id           1 
_diffrn_radiation_wavelength.wavelength   . 
_diffrn_radiation_wavelength.wt           1.0 
# 
_diffrn_source.diffrn_id                   1 
_diffrn_source.source                      'rotating-anode X-ray tube' 
_diffrn_source.type                        'RIGAKU RU200' 
_diffrn_source.voltage                     ? 
_diffrn_source.target                      Cu 
_diffrn_source.pdbx_synchrotron_site       ? 
_diffrn_source.pdbx_synchrotron_beamline   ? 
_diffrn_source.pdbx_wavelength             ? 
_diffrn_source.pdbx_wavelength_list        ? 
# 
_refine.entry_id                                 1FGA 
_refine.ls_number_reflns_obs                     ? 
_refine.ls_number_reflns_all                     ? 
_refine.pdbx_ls_sigma_I                          ? 
_refine.pdbx_ls_sigma_F                          ? 
_refine.pdbx_data_cutoff_high_absF               ? 
_refine.pdbx_data_cutoff_low_absF                ? 
_refine.pdbx_data_cutoff_high_rms_absF           ? 
_refine.ls_d_res_low                             20.0 
_refine.ls_d_res_high                            2.2 
_refine.ls_percent_reflns_obs                    ? 
_refine.ls_R_factor_obs                          0.1380000 
_refine.ls_R_factor_all                          ? 
_refine.ls_R_factor_R_work                       ? 
_refine.ls_R_factor_R_free                       ? 
_refine.ls_R_factor_R_free_error                 ? 
_refine.ls_R_factor_R_free_error_details         ? 
_refine.ls_percent_reflns_R_free                 ? 
_refine.ls_number_reflns_R_free                  ? 
_refine.ls_number_parameters                     ? 
_refine.ls_number_restraints                     ? 
_refine.occupancy_min                            ? 
_refine.occupancy_max                            ? 
_refine.B_iso_mean                               ? 
_refine.aniso_B[1][1]                            ? 
_refine.aniso_B[2][2]                            ? 
_refine.aniso_B[3][3]                            ? 
_refine.aniso_B[1][2]                            ? 
_refine.aniso_B[1][3]                            ? 
_refine.aniso_B[2][3]                            ? 
_refine.solvent_model_details                    ? 
_refine.solvent_model_param_ksol                 ? 
_refine.solvent_model_param_bsol                 ? 
_refine.pdbx_ls_cross_valid_method               ? 
_refine.details                                  ? 
_refine.pdbx_starting_model                      ? 
_refine.pdbx_method_to_determine_struct          ? 
_refine.pdbx_isotropic_thermal_model             ? 
_refine.pdbx_stereochemistry_target_values       ? 
_refine.pdbx_stereochem_target_val_spec_case     ? 
_refine.pdbx_R_Free_selection_details            ? 
_refine.pdbx_overall_ESU_R                       ? 
_refine.pdbx_overall_ESU_R_Free                  ? 
_refine.overall_SU_ML                            ? 
_refine.overall_SU_B                             ? 
_refine.pdbx_refine_id                           'X-RAY DIFFRACTION' 
_refine.pdbx_diffrn_id                           1 
_refine.pdbx_TLS_residual_ADP_flag               ? 
_refine.correlation_coeff_Fo_to_Fc               ? 
_refine.correlation_coeff_Fo_to_Fc_free          ? 
_refine.pdbx_solvent_vdw_probe_radii             ? 
_refine.pdbx_solvent_ion_probe_radii             ? 
_refine.pdbx_solvent_shrinkage_radii             ? 
_refine.pdbx_overall_phase_error                 ? 
_refine.overall_SU_R_Cruickshank_DPI             ? 
_refine.pdbx_overall_SU_R_free_Cruickshank_DPI   ? 
_refine.pdbx_overall_SU_R_Blow_DPI               ? 
_refine.pdbx_overall_SU_R_free_Blow_DPI          ? 
# 
_refine_hist.pdbx_refine_id                   'X-RAY DIFFRACTION' 
_refine_hist.cycle_id                         LAST 
_refine_hist.pdbx_number_atoms_protein        1002 
_refine_hist.pdbx_number_atoms_nucleic_acid   0 
_refine_hist.pdbx_number_atoms_ligand         10 
_refine_hist.number_atoms_solvent             73 
_refine_hist.number_atoms_total               1085 
_refine_hist.d_res_high                       2.2 
_refine_hist.d_res_low                        20.0 
# 
loop_
_refine_ls_restr.type 
_refine_ls_restr.dev_ideal 
_refine_ls_restr.dev_ideal_target 
_refine_ls_restr.weight 
_refine_ls_restr.number 
_refine_ls_restr.pdbx_refine_id 
_refine_ls_restr.pdbx_restraint_function 
t_bond_d    0.018 ? ? ? 'X-RAY DIFFRACTION' ? 
t_angle_deg 3.2   ? ? ? 'X-RAY DIFFRACTION' ? 
# 
_struct.entry_id                  1FGA 
_struct.title                     
;REFINEMENT OF THE STRUCTURE OF HUMAN BASIC FIBROBLAST GROWTH FACTOR AT 1.6 ANGSTROMS RESOLUTION AND ANALYSIS OF PRESUMED HEPARIN BINDING SITES BY SELENATE SUBSTITUTION
;
_struct.pdbx_model_details        ? 
_struct.pdbx_CASP_flag            ? 
_struct.pdbx_model_type_details   ? 
# 
_struct_keywords.entry_id        1FGA 
_struct_keywords.pdbx_keywords   'GROWTH FACTOR' 
_struct_keywords.text            'GROWTH FACTOR' 
# 
loop_
_struct_asym.id 
_struct_asym.pdbx_blank_PDB_chainid_flag 
_struct_asym.pdbx_modified 
_struct_asym.entity_id 
_struct_asym.details 
A N N 1 ? 
B N N 2 ? 
C N N 2 ? 
D N N 3 ? 
E N N 3 ? 
F N N 4 ? 
# 
_struct_ref.id                         1 
_struct_ref.db_name                    UNP 
_struct_ref.db_code                    FGF2_HUMAN 
_struct_ref.entity_id                  1 
_struct_ref.pdbx_db_accession          P09038 
_struct_ref.pdbx_align_begin           1 
_struct_ref.pdbx_seq_one_letter_code   
;MAAGSITTLPALPEDGGSGAFPPGHFKDPKRLYCKNGGFFLRIHPDGRVDGVREKSDPHIKLQLQAEERGVVSIKGVCAN
RYLAMKEDGRLLASKCVTDECFFFERLESNNYNTYRSRKYTSWYVALKRTGQYKLGSKTGPGQKAILFLPMSAKS
;
_struct_ref.pdbx_db_isoform            ? 
# 
_struct_ref_seq.align_id                      1 
_struct_ref_seq.ref_id                        1 
_struct_ref_seq.pdbx_PDB_id_code              1FGA 
_struct_ref_seq.pdbx_strand_id                A 
_struct_ref_seq.seq_align_beg                 1 
_struct_ref_seq.pdbx_seq_align_beg_ins_code   ? 
_struct_ref_seq.seq_align_end                 146 
_struct_ref_seq.pdbx_seq_align_end_ins_code   ? 
_struct_ref_seq.pdbx_db_accession             P09038 
_struct_ref_seq.db_align_beg                  10 
_struct_ref_seq.pdbx_db_align_beg_ins_code    ? 
_struct_ref_seq.db_align_end                  155 
_struct_ref_seq.pdbx_db_align_end_ins_code    ? 
_struct_ref_seq.pdbx_auth_seq_align_beg       1 
_struct_ref_seq.pdbx_auth_seq_align_end       146 
# 
_pdbx_struct_assembly.id                   1 
_pdbx_struct_assembly.details              author_defined_assembly 
_pdbx_struct_assembly.method_details       ? 
_pdbx_struct_assembly.oligomeric_details   monomeric 
_pdbx_struct_assembly.oligomeric_count     1 
# 
_pdbx_struct_assembly_gen.assembly_id       1 
_pdbx_struct_assembly_gen.oper_expression   1 
_pdbx_struct_assembly_gen.asym_id_list      A,B,C,D,E,F 
# 
_pdbx_struct_oper_list.id                   1 
_pdbx_struct_oper_list.type                 'identity operation' 
_pdbx_struct_oper_list.name                 1_555 
_pdbx_struct_oper_list.symmetry_operation   x,y,z 
_pdbx_struct_oper_list.matrix[1][1]         1.0000000000 
_pdbx_struct_oper_list.matrix[1][2]         0.0000000000 
_pdbx_struct_oper_list.matrix[1][3]         0.0000000000 
_pdbx_struct_oper_list.vector[1]            0.0000000000 
_pdbx_struct_oper_list.matrix[2][1]         0.0000000000 
_pdbx_struct_oper_list.matrix[2][2]         1.0000000000 
_pdbx_struct_oper_list.matrix[2][3]         0.0000000000 
_pdbx_struct_oper_list.vector[2]            0.0000000000 
_pdbx_struct_oper_list.matrix[3][1]         0.0000000000 
_pdbx_struct_oper_list.matrix[3][2]         0.0000000000 
_pdbx_struct_oper_list.matrix[3][3]         1.0000000000 
_pdbx_struct_oper_list.vector[3]            0.0000000000 
# 
_struct_biol.id   1 
# 
loop_
_struct_conf.conf_type_id 
_struct_conf.id 
_struct_conf.pdbx_PDB_helix_id 
_struct_conf.beg_label_comp_id 
_struct_conf.beg_label_asym_id 
_struct_conf.beg_label_seq_id 
_struct_conf.pdbx_beg_PDB_ins_code 
_struct_conf.end_label_comp_id 
_struct_conf.end_label_asym_id 
_struct_conf.end_label_seq_id 
_struct_conf.pdbx_end_PDB_ins_code 
_struct_conf.beg_auth_comp_id 
_struct_conf.beg_auth_asym_id 
_struct_conf.beg_auth_seq_id 
_struct_conf.end_auth_comp_id 
_struct_conf.end_auth_asym_id 
_struct_conf.end_auth_seq_id 
_struct_conf.pdbx_PDB_helix_class 
_struct_conf.details 
_struct_conf.pdbx_PDB_helix_length 
HELX_P HELX_P1 1 ASP A 48  ? ILE A 51  ? ASP A 48  ILE A 51  5 ? 4 
HELX_P HELX_P2 2 LEU A 126 ? THR A 130 ? LEU A 126 THR A 130 5 ? 5 
HELX_P HELX_P3 3 GLN A 134 ? ILE A 137 ? GLN A 134 ILE A 137 5 ? 4 
# 
_struct_conf_type.id          HELX_P 
_struct_conf_type.criteria    ? 
_struct_conf_type.reference   ? 
# 
loop_
_struct_conn.id 
_struct_conn.conn_type_id 
_struct_conn.pdbx_leaving_atom_flag 
_struct_conn.pdbx_PDB_id 
_struct_conn.ptnr1_label_asym_id 
_struct_conn.ptnr1_label_comp_id 
_struct_conn.ptnr1_label_seq_id 
_struct_conn.ptnr1_label_atom_id 
_struct_conn.pdbx_ptnr1_label_alt_id 
_struct_conn.pdbx_ptnr1_PDB_ins_code 
_struct_conn.pdbx_ptnr1_standard_comp_id 
_struct_conn.ptnr1_symmetry 
_struct_conn.ptnr2_label_asym_id 
_struct_conn.ptnr2_label_comp_id 
_struct_conn.ptnr2_label_seq_id 
_struct_conn.ptnr2_label_atom_id 
_struct_conn.pdbx_ptnr2_label_alt_id 
_struct_conn.pdbx_ptnr2_PDB_ins_code 
_struct_conn.ptnr1_auth_asym_id 
_struct_conn.ptnr1_auth_comp_id 
_struct_conn.ptnr1_auth_seq_id 
_struct_conn.ptnr2_auth_asym_id 
_struct_conn.ptnr2_auth_comp_id 
_struct_conn.ptnr2_auth_seq_id 
_struct_conn.ptnr2_symmetry 
_struct_conn.pdbx_ptnr3_label_atom_id 
_struct_conn.pdbx_ptnr3_label_seq_id 
_struct_conn.pdbx_ptnr3_label_comp_id 
_struct_conn.pdbx_ptnr3_label_asym_id 
_struct_conn.pdbx_ptnr3_label_alt_id 
_struct_conn.pdbx_ptnr3_PDB_ins_code 
_struct_conn.details 
_struct_conn.pdbx_dist_value 
_struct_conn.pdbx_value_order 
_struct_conn.pdbx_role 
covale1 covale none ? A CYS 69 SG ? ? ? 1_555 D BME . S2 ? ? A CYS 69 A BME 302 1_555 ? ? ? ? ? ? ? 2.092 ? ? 
covale2 covale none ? A CYS 92 SG A ? ? 1_555 E BME . S2 ? ? A CYS 92 A BME 303 1_555 ? ? ? ? ? ? ? 2.015 ? ? 
# 
_struct_conn_type.id          covale 
_struct_conn_type.criteria    ? 
_struct_conn_type.reference   ? 
# 
loop_
_struct_sheet.id 
_struct_sheet.type 
_struct_sheet.number_strands 
_struct_sheet.details 
S1 ? 4 ? 
S2 ? 4 ? 
S3 ? 4 ? 
# 
loop_
_struct_sheet_order.sheet_id 
_struct_sheet_order.range_id_1 
_struct_sheet_order.range_id_2 
_struct_sheet_order.offset 
_struct_sheet_order.sense 
S1 1 2 ? anti-parallel 
S1 2 3 ? anti-parallel 
S1 3 4 ? anti-parallel 
S2 1 2 ? anti-parallel 
S2 2 3 ? anti-parallel 
S2 3 4 ? anti-parallel 
S3 1 2 ? anti-parallel 
S3 2 3 ? anti-parallel 
S3 3 4 ? anti-parallel 
# 
loop_
_struct_sheet_range.sheet_id 
_struct_sheet_range.id 
_struct_sheet_range.beg_label_comp_id 
_struct_sheet_range.beg_label_asym_id 
_struct_sheet_range.beg_label_seq_id 
_struct_sheet_range.pdbx_beg_PDB_ins_code 
_struct_sheet_range.end_label_comp_id 
_struct_sheet_range.end_label_asym_id 
_struct_sheet_range.end_label_seq_id 
_struct_sheet_range.pdbx_end_PDB_ins_code 
_struct_sheet_range.beg_auth_comp_id 
_struct_sheet_range.beg_auth_asym_id 
_struct_sheet_range.beg_auth_seq_id 
_struct_sheet_range.end_auth_comp_id 
_struct_sheet_range.end_auth_asym_id 
_struct_sheet_range.end_auth_seq_id 
S1 1 ARG A 39  ? VAL A 43  ? ARG A 39  VAL A 43  
S1 2 PHE A 30  ? HIS A 35  ? PHE A 30  HIS A 35  
S1 3 ARG A 22  ? CYS A 25  ? ARG A 22  CYS A 25  
S1 4 LEU A 138 ? MET A 142 ? LEU A 138 MET A 142 
S2 1 GLY A 80  ? LYS A 86  ? GLY A 80  LYS A 86  
S2 2 ARG A 72  ? GLU A 78  ? ARG A 72  GLU A 78  
S2 3 VAL A 62  ? VAL A 68  ? VAL A 62  VAL A 68  
S2 4 LYS A 52  ? GLU A 58  ? LYS A 52  GLU A 58  
S3 1 GLN A 123 ? LYS A 125 ? GLN A 123 LYS A 125 
S3 2 TRP A 114 ? LYS A 119 ? TRP A 114 LYS A 119 
S3 3 TYR A 103 ? ARG A 109 ? TYR A 103 ARG A 109 
S3 4 PHE A 93  ? GLU A 99  ? PHE A 93  GLU A 99  
# 
loop_
_pdbx_struct_sheet_hbond.sheet_id 
_pdbx_struct_sheet_hbond.range_id_1 
_pdbx_struct_sheet_hbond.range_id_2 
_pdbx_struct_sheet_hbond.range_1_label_atom_id 
_pdbx_struct_sheet_hbond.range_1_label_comp_id 
_pdbx_struct_sheet_hbond.range_1_label_asym_id 
_pdbx_struct_sheet_hbond.range_1_label_seq_id 
_pdbx_struct_sheet_hbond.range_1_PDB_ins_code 
_pdbx_struct_sheet_hbond.range_1_auth_atom_id 
_pdbx_struct_sheet_hbond.range_1_auth_comp_id 
_pdbx_struct_sheet_hbond.range_1_auth_asym_id 
_pdbx_struct_sheet_hbond.range_1_auth_seq_id 
_pdbx_struct_sheet_hbond.range_2_label_atom_id 
_pdbx_struct_sheet_hbond.range_2_label_comp_id 
_pdbx_struct_sheet_hbond.range_2_label_asym_id 
_pdbx_struct_sheet_hbond.range_2_label_seq_id 
_pdbx_struct_sheet_hbond.range_2_PDB_ins_code 
_pdbx_struct_sheet_hbond.range_2_auth_atom_id 
_pdbx_struct_sheet_hbond.range_2_auth_comp_id 
_pdbx_struct_sheet_hbond.range_2_auth_asym_id 
_pdbx_struct_sheet_hbond.range_2_auth_seq_id 
S1 1 2 O VAL A 43  ? O VAL A 43  N PHE A 31  ? N PHE A 31  
S1 2 3 O PHE A 30  ? O PHE A 30  N CYS A 25  ? N CYS A 25  
S1 3 4 O TYR A 24  ? O TYR A 24  N LEU A 140 ? N LEU A 140 
S2 1 2 N SER A 85  ? N SER A 85  O TYR A 73  ? O TYR A 73  
S2 2 3 O ARG A 72  ? O ARG A 72  N GLY A 67  ? N GLY A 67  
S2 3 4 O VAL A 62  ? O VAL A 62  N GLU A 58  ? N GLU A 58  
S3 1 2 O GLN A 123 ? O GLN A 123 N LYS A 119 ? N LYS A 119 
S3 2 3 N VAL A 116 ? N VAL A 116 O TYR A 106 ? O TYR A 106 
S3 3 4 N ARG A 109 ? N ARG A 109 O PHE A 93  ? O PHE A 93  
# 
loop_
_struct_site.id 
_struct_site.pdbx_evidence_code 
_struct_site.pdbx_auth_asym_id 
_struct_site.pdbx_auth_comp_id 
_struct_site.pdbx_auth_seq_id 
_struct_site.pdbx_auth_ins_code 
_struct_site.pdbx_num_residues 
_struct_site.details 
AC1 Software A SE4 147 ? 6 'BINDING SITE FOR RESIDUE SE4 A 147' 
AC2 Software A SE4 301 ? 6 'BINDING SITE FOR RESIDUE SE4 A 301' 
AC3 Software A BME 302 ? 4 'BINDING SITE FOR RESIDUE BME A 302' 
AC4 Software A BME 303 ? 7 'BINDING SITE FOR RESIDUE BME A 303' 
# 
loop_
_struct_site_gen.id 
_struct_site_gen.site_id 
_struct_site_gen.pdbx_num_res 
_struct_site_gen.label_comp_id 
_struct_site_gen.label_asym_id 
_struct_site_gen.label_seq_id 
_struct_site_gen.pdbx_auth_ins_code 
_struct_site_gen.auth_comp_id 
_struct_site_gen.auth_asym_id 
_struct_site_gen.auth_seq_id 
_struct_site_gen.label_atom_id 
_struct_site_gen.label_alt_id 
_struct_site_gen.symmetry 
_struct_site_gen.details 
1  AC1 6 ASN A 27  ? ASN A 27  . ? 1_555 ? 
2  AC1 6 LYS A 119 ? LYS A 119 . ? 1_555 ? 
3  AC1 6 ARG A 120 ? ARG A 120 . ? 1_555 ? 
4  AC1 6 LYS A 125 ? LYS A 125 . ? 1_555 ? 
5  AC1 6 HOH F .   ? HOH A 158 . ? 1_555 ? 
6  AC1 6 BME D .   ? BME A 302 . ? 1_545 ? 
7  AC2 6 LYS A 52  ? LYS A 52  . ? 1_545 ? 
8  AC2 6 GLU A 59  ? GLU A 59  . ? 1_546 ? 
9  AC2 6 ARG A 120 ? ARG A 120 . ? 1_555 ? 
10 AC2 6 LYS A 135 ? LYS A 135 . ? 1_555 ? 
11 AC2 6 HOH F .   ? HOH A 183 . ? 1_555 ? 
12 AC2 6 HOH F .   ? HOH A 219 . ? 1_555 ? 
13 AC3 4 CYS A 69  ? CYS A 69  . ? 1_555 ? 
14 AC3 4 ARG A 109 ? ARG A 109 . ? 1_556 ? 
15 AC3 4 ARG A 120 ? ARG A 120 . ? 1_565 ? 
16 AC3 4 SE4 B .   ? SE4 A 147 . ? 1_565 ? 
17 AC4 7 ARG A 44  ? ARG A 44  . ? 1_564 ? 
18 AC4 7 GLN A 56  ? GLN A 56  . ? 1_555 ? 
19 AC4 7 GLU A 58  ? GLU A 58  . ? 1_555 ? 
20 AC4 7 SER A 64  ? SER A 64  . ? 1_555 ? 
21 AC4 7 VAL A 88  ? VAL A 88  . ? 1_555 ? 
22 AC4 7 CYS A 92  ? CYS A 92  . ? 1_555 ? 
23 AC4 7 PHE A 93  ? PHE A 93  . ? 1_555 ? 
# 
_pdbx_entry_details.entry_id                   1FGA 
_pdbx_entry_details.compound_details           ? 
_pdbx_entry_details.source_details             ? 
_pdbx_entry_details.nonpolymer_details         ? 
_pdbx_entry_details.sequence_details           ? 
_pdbx_entry_details.has_ligand_of_interest     ? 
_pdbx_entry_details.has_protein_modification   N 
# 
loop_
_pdbx_validate_rmsd_bond.id 
_pdbx_validate_rmsd_bond.PDB_model_num 
_pdbx_validate_rmsd_bond.auth_atom_id_1 
_pdbx_validate_rmsd_bond.auth_asym_id_1 
_pdbx_validate_rmsd_bond.auth_comp_id_1 
_pdbx_validate_rmsd_bond.auth_seq_id_1 
_pdbx_validate_rmsd_bond.PDB_ins_code_1 
_pdbx_validate_rmsd_bond.label_alt_id_1 
_pdbx_validate_rmsd_bond.auth_atom_id_2 
_pdbx_validate_rmsd_bond.auth_asym_id_2 
_pdbx_validate_rmsd_bond.auth_comp_id_2 
_pdbx_validate_rmsd_bond.auth_seq_id_2 
_pdbx_validate_rmsd_bond.PDB_ins_code_2 
_pdbx_validate_rmsd_bond.label_alt_id_2 
_pdbx_validate_rmsd_bond.bond_value 
_pdbx_validate_rmsd_bond.bond_target_value 
_pdbx_validate_rmsd_bond.bond_deviation 
_pdbx_validate_rmsd_bond.bond_standard_deviation 
_pdbx_validate_rmsd_bond.linker_flag 
1 1 CD A GLU 45 ? ? OE1 A GLU 45 ? ? 1.319 1.252 0.067 0.011 N 
2 1 CD A GLU 91 ? ? OE1 A GLU 91 ? ? 1.320 1.252 0.068 0.011 N 
3 1 CD A GLU 96 ? ? OE2 A GLU 96 ? ? 1.340 1.252 0.088 0.011 N 
# 
loop_
_pdbx_validate_rmsd_angle.id 
_pdbx_validate_rmsd_angle.PDB_model_num 
_pdbx_validate_rmsd_angle.auth_atom_id_1 
_pdbx_validate_rmsd_angle.auth_asym_id_1 
_pdbx_validate_rmsd_angle.auth_comp_id_1 
_pdbx_validate_rmsd_angle.auth_seq_id_1 
_pdbx_validate_rmsd_angle.PDB_ins_code_1 
_pdbx_validate_rmsd_angle.label_alt_id_1 
_pdbx_validate_rmsd_angle.auth_atom_id_2 
_pdbx_validate_rmsd_angle.auth_asym_id_2 
_pdbx_validate_rmsd_angle.auth_comp_id_2 
_pdbx_validate_rmsd_angle.auth_seq_id_2 
_pdbx_validate_rmsd_angle.PDB_ins_code_2 
_pdbx_validate_rmsd_angle.label_alt_id_2 
_pdbx_validate_rmsd_angle.auth_atom_id_3 
_pdbx_validate_rmsd_angle.auth_asym_id_3 
_pdbx_validate_rmsd_angle.auth_comp_id_3 
_pdbx_validate_rmsd_angle.auth_seq_id_3 
_pdbx_validate_rmsd_angle.PDB_ins_code_3 
_pdbx_validate_rmsd_angle.label_alt_id_3 
_pdbx_validate_rmsd_angle.angle_value 
_pdbx_validate_rmsd_angle.angle_target_value 
_pdbx_validate_rmsd_angle.angle_deviation 
_pdbx_validate_rmsd_angle.angle_standard_deviation 
_pdbx_validate_rmsd_angle.linker_flag 
1  1 CB A TYR 24  ? ? CG A TYR 24  ? ? CD2 A TYR 24  ? ? 116.93 121.00 -4.07  0.60 N 
2  1 NE A ARG 39  ? ? CZ A ARG 39  ? ? NH1 A ARG 39  ? ? 123.55 120.30 3.25   0.50 N 
3  1 CB A ASP 41  ? ? CG A ASP 41  ? ? OD1 A ASP 41  ? ? 125.09 118.30 6.79   0.90 N 
4  1 CB A ASP 48  ? ? CG A ASP 48  ? ? OD1 A ASP 48  ? ? 124.10 118.30 5.80   0.90 N 
5  1 CB A ASP 48  ? ? CG A ASP 48  ? ? OD2 A ASP 48  ? ? 111.66 118.30 -6.64  0.90 N 
6  1 NE A ARG 60  ? ? CZ A ARG 60  ? ? NH2 A ARG 60  ? ? 116.99 120.30 -3.31  0.50 N 
7  1 CB A CYS 87  ? ? CA A CYS 87  ? ? C   A CYS 87  ? ? 118.75 111.50 7.25   1.20 N 
8  1 N  A THR 89  ? ? CA A THR 89  ? ? CB  A THR 89  ? ? 96.95  110.30 -13.35 1.90 N 
9  1 CB A ASP 90  ? ? CG A ASP 90  ? ? OD1 A ASP 90  ? ? 111.99 118.30 -6.31  0.90 N 
10 1 CB A PHE 95  ? ? CA A PHE 95  ? ? C   A PHE 95  ? ? 96.68  110.40 -13.72 2.00 N 
11 1 N  A TYR 103 ? ? CA A TYR 103 ? ? CB  A TYR 103 ? ? 121.46 110.60 10.86  1.80 N 
12 1 CB A TYR 103 ? ? CG A TYR 103 ? ? CD2 A TYR 103 ? ? 114.80 121.00 -6.20  0.60 N 
13 1 CB A TYR 103 ? ? CG A TYR 103 ? ? CD1 A TYR 103 ? ? 125.37 121.00 4.37   0.60 N 
14 1 NE A ARG 109 ? ? CZ A ARG 109 ? ? NH1 A ARG 109 ? ? 124.42 120.30 4.12   0.50 N 
15 1 NE A ARG 109 ? ? CZ A ARG 109 ? ? NH2 A ARG 109 ? ? 115.37 120.30 -4.93  0.50 N 
16 1 C  A GLY 131 ? ? N  A PRO 132 ? ? CA  A PRO 132 ? ? 129.09 119.30 9.79   1.50 Y 
17 1 C  A GLY 131 ? ? N  A PRO 132 ? ? CD  A PRO 132 ? ? 115.08 128.40 -13.32 2.10 Y 
# 
loop_
_pdbx_validate_torsion.id 
_pdbx_validate_torsion.PDB_model_num 
_pdbx_validate_torsion.auth_comp_id 
_pdbx_validate_torsion.auth_asym_id 
_pdbx_validate_torsion.auth_seq_id 
_pdbx_validate_torsion.PDB_ins_code 
_pdbx_validate_torsion.label_alt_id 
_pdbx_validate_torsion.phi 
_pdbx_validate_torsion.psi 
1 1 ASP A 41  ? ? -172.67 -166.35 
2 1 HIS A 50  ? ? -68.08  10.83   
3 1 TYR A 111 ? ? -100.49 66.27   
4 1 THR A 112 ? ? -22.76  -34.64  
# 
_pdbx_validate_chiral.id              1 
_pdbx_validate_chiral.PDB_model_num   1 
_pdbx_validate_chiral.auth_atom_id    CA 
_pdbx_validate_chiral.label_alt_id    ? 
_pdbx_validate_chiral.auth_asym_id    A 
_pdbx_validate_chiral.auth_comp_id    THR 
_pdbx_validate_chiral.auth_seq_id     112 
_pdbx_validate_chiral.PDB_ins_code    ? 
_pdbx_validate_chiral.details         PLANAR 
_pdbx_validate_chiral.omega           . 
# 
loop_
_pdbx_unobs_or_zero_occ_residues.id 
_pdbx_unobs_or_zero_occ_residues.PDB_model_num 
_pdbx_unobs_or_zero_occ_residues.polymer_flag 
_pdbx_unobs_or_zero_occ_residues.occupancy_flag 
_pdbx_unobs_or_zero_occ_residues.auth_asym_id 
_pdbx_unobs_or_zero_occ_residues.auth_comp_id 
_pdbx_unobs_or_zero_occ_residues.auth_seq_id 
_pdbx_unobs_or_zero_occ_residues.PDB_ins_code 
_pdbx_unobs_or_zero_occ_residues.label_asym_id 
_pdbx_unobs_or_zero_occ_residues.label_comp_id 
_pdbx_unobs_or_zero_occ_residues.label_seq_id 
1  1 Y 1 A PRO 1   ? A PRO 1   
2  1 Y 1 A ALA 2   ? A ALA 2   
3  1 Y 1 A LEU 3   ? A LEU 3   
4  1 Y 1 A PRO 4   ? A PRO 4   
5  1 Y 1 A GLU 5   ? A GLU 5   
6  1 Y 1 A ASP 6   ? A ASP 6   
7  1 Y 1 A GLY 7   ? A GLY 7   
8  1 Y 1 A GLY 8   ? A GLY 8   
9  1 Y 1 A SER 9   ? A SER 9   
10 1 Y 1 A GLY 10  ? A GLY 10  
11 1 Y 1 A ALA 11  ? A ALA 11  
12 1 Y 1 A PHE 12  ? A PHE 12  
13 1 Y 1 A PRO 13  ? A PRO 13  
14 1 Y 1 A PRO 14  ? A PRO 14  
15 1 Y 1 A GLY 15  ? A GLY 15  
16 1 Y 1 A HIS 16  ? A HIS 16  
17 1 Y 1 A PHE 17  ? A PHE 17  
18 1 Y 1 A LYS 18  ? A LYS 18  
19 1 Y 1 A ASP 19  ? A ASP 19  
20 1 Y 1 A ALA 144 ? A ALA 144 
21 1 Y 1 A LYS 145 ? A LYS 145 
22 1 Y 1 A SER 146 ? A SER 146 
# 
loop_
_chem_comp_atom.comp_id 
_chem_comp_atom.atom_id 
_chem_comp_atom.type_symbol 
_chem_comp_atom.pdbx_aromatic_flag 
_chem_comp_atom.pdbx_stereo_config 
_chem_comp_atom.pdbx_ordinal 
ALA N    N  N N 1   
ALA CA   C  N S 2   
ALA C    C  N N 3   
ALA O    O  N N 4   
ALA CB   C  N N 5   
ALA OXT  O  N N 6   
ALA H    H  N N 7   
ALA H2   H  N N 8   
ALA HA   H  N N 9   
ALA HB1  H  N N 10  
ALA HB2  H  N N 11  
ALA HB3  H  N N 12  
ALA HXT  H  N N 13  
ARG N    N  N N 14  
ARG CA   C  N S 15  
ARG C    C  N N 16  
ARG O    O  N N 17  
ARG CB   C  N N 18  
ARG CG   C  N N 19  
ARG CD   C  N N 20  
ARG NE   N  N N 21  
ARG CZ   C  N N 22  
ARG NH1  N  N N 23  
ARG NH2  N  N N 24  
ARG OXT  O  N N 25  
ARG H    H  N N 26  
ARG H2   H  N N 27  
ARG HA   H  N N 28  
ARG HB2  H  N N 29  
ARG HB3  H  N N 30  
ARG HG2  H  N N 31  
ARG HG3  H  N N 32  
ARG HD2  H  N N 33  
ARG HD3  H  N N 34  
ARG HE   H  N N 35  
ARG HH11 H  N N 36  
ARG HH12 H  N N 37  
ARG HH21 H  N N 38  
ARG HH22 H  N N 39  
ARG HXT  H  N N 40  
ASN N    N  N N 41  
ASN CA   C  N S 42  
ASN C    C  N N 43  
ASN O    O  N N 44  
ASN CB   C  N N 45  
ASN CG   C  N N 46  
ASN OD1  O  N N 47  
ASN ND2  N  N N 48  
ASN OXT  O  N N 49  
ASN H    H  N N 50  
ASN H2   H  N N 51  
ASN HA   H  N N 52  
ASN HB2  H  N N 53  
ASN HB3  H  N N 54  
ASN HD21 H  N N 55  
ASN HD22 H  N N 56  
ASN HXT  H  N N 57  
ASP N    N  N N 58  
ASP CA   C  N S 59  
ASP C    C  N N 60  
ASP O    O  N N 61  
ASP CB   C  N N 62  
ASP CG   C  N N 63  
ASP OD1  O  N N 64  
ASP OD2  O  N N 65  
ASP OXT  O  N N 66  
ASP H    H  N N 67  
ASP H2   H  N N 68  
ASP HA   H  N N 69  
ASP HB2  H  N N 70  
ASP HB3  H  N N 71  
ASP HD2  H  N N 72  
ASP HXT  H  N N 73  
BME C1   C  N N 74  
BME C2   C  N N 75  
BME O1   O  N N 76  
BME S2   S  N N 77  
BME H11  H  N N 78  
BME H12  H  N N 79  
BME H21  H  N N 80  
BME H22  H  N N 81  
BME HO1  H  N N 82  
BME HS2  H  N N 83  
CYS N    N  N N 84  
CYS CA   C  N R 85  
CYS C    C  N N 86  
CYS O    O  N N 87  
CYS CB   C  N N 88  
CYS SG   S  N N 89  
CYS OXT  O  N N 90  
CYS H    H  N N 91  
CYS H2   H  N N 92  
CYS HA   H  N N 93  
CYS HB2  H  N N 94  
CYS HB3  H  N N 95  
CYS HG   H  N N 96  
CYS HXT  H  N N 97  
GLN N    N  N N 98  
GLN CA   C  N S 99  
GLN C    C  N N 100 
GLN O    O  N N 101 
GLN CB   C  N N 102 
GLN CG   C  N N 103 
GLN CD   C  N N 104 
GLN OE1  O  N N 105 
GLN NE2  N  N N 106 
GLN OXT  O  N N 107 
GLN H    H  N N 108 
GLN H2   H  N N 109 
GLN HA   H  N N 110 
GLN HB2  H  N N 111 
GLN HB3  H  N N 112 
GLN HG2  H  N N 113 
GLN HG3  H  N N 114 
GLN HE21 H  N N 115 
GLN HE22 H  N N 116 
GLN HXT  H  N N 117 
GLU N    N  N N 118 
GLU CA   C  N S 119 
GLU C    C  N N 120 
GLU O    O  N N 121 
GLU CB   C  N N 122 
GLU CG   C  N N 123 
GLU CD   C  N N 124 
GLU OE1  O  N N 125 
GLU OE2  O  N N 126 
GLU OXT  O  N N 127 
GLU H    H  N N 128 
GLU H2   H  N N 129 
GLU HA   H  N N 130 
GLU HB2  H  N N 131 
GLU HB3  H  N N 132 
GLU HG2  H  N N 133 
GLU HG3  H  N N 134 
GLU HE2  H  N N 135 
GLU HXT  H  N N 136 
GLY N    N  N N 137 
GLY CA   C  N N 138 
GLY C    C  N N 139 
GLY O    O  N N 140 
GLY OXT  O  N N 141 
GLY H    H  N N 142 
GLY H2   H  N N 143 
GLY HA2  H  N N 144 
GLY HA3  H  N N 145 
GLY HXT  H  N N 146 
HIS N    N  N N 147 
HIS CA   C  N S 148 
HIS C    C  N N 149 
HIS O    O  N N 150 
HIS CB   C  N N 151 
HIS CG   C  Y N 152 
HIS ND1  N  Y N 153 
HIS CD2  C  Y N 154 
HIS CE1  C  Y N 155 
HIS NE2  N  Y N 156 
HIS OXT  O  N N 157 
HIS H    H  N N 158 
HIS H2   H  N N 159 
HIS HA   H  N N 160 
HIS HB2  H  N N 161 
HIS HB3  H  N N 162 
HIS HD1  H  N N 163 
HIS HD2  H  N N 164 
HIS HE1  H  N N 165 
HIS HE2  H  N N 166 
HIS HXT  H  N N 167 
HOH O    O  N N 168 
HOH H1   H  N N 169 
HOH H2   H  N N 170 
ILE N    N  N N 171 
ILE CA   C  N S 172 
ILE C    C  N N 173 
ILE O    O  N N 174 
ILE CB   C  N S 175 
ILE CG1  C  N N 176 
ILE CG2  C  N N 177 
ILE CD1  C  N N 178 
ILE OXT  O  N N 179 
ILE H    H  N N 180 
ILE H2   H  N N 181 
ILE HA   H  N N 182 
ILE HB   H  N N 183 
ILE HG12 H  N N 184 
ILE HG13 H  N N 185 
ILE HG21 H  N N 186 
ILE HG22 H  N N 187 
ILE HG23 H  N N 188 
ILE HD11 H  N N 189 
ILE HD12 H  N N 190 
ILE HD13 H  N N 191 
ILE HXT  H  N N 192 
LEU N    N  N N 193 
LEU CA   C  N S 194 
LEU C    C  N N 195 
LEU O    O  N N 196 
LEU CB   C  N N 197 
LEU CG   C  N N 198 
LEU CD1  C  N N 199 
LEU CD2  C  N N 200 
LEU OXT  O  N N 201 
LEU H    H  N N 202 
LEU H2   H  N N 203 
LEU HA   H  N N 204 
LEU HB2  H  N N 205 
LEU HB3  H  N N 206 
LEU HG   H  N N 207 
LEU HD11 H  N N 208 
LEU HD12 H  N N 209 
LEU HD13 H  N N 210 
LEU HD21 H  N N 211 
LEU HD22 H  N N 212 
LEU HD23 H  N N 213 
LEU HXT  H  N N 214 
LYS N    N  N N 215 
LYS CA   C  N S 216 
LYS C    C  N N 217 
LYS O    O  N N 218 
LYS CB   C  N N 219 
LYS CG   C  N N 220 
LYS CD   C  N N 221 
LYS CE   C  N N 222 
LYS NZ   N  N N 223 
LYS OXT  O  N N 224 
LYS H    H  N N 225 
LYS H2   H  N N 226 
LYS HA   H  N N 227 
LYS HB2  H  N N 228 
LYS HB3  H  N N 229 
LYS HG2  H  N N 230 
LYS HG3  H  N N 231 
LYS HD2  H  N N 232 
LYS HD3  H  N N 233 
LYS HE2  H  N N 234 
LYS HE3  H  N N 235 
LYS HZ1  H  N N 236 
LYS HZ2  H  N N 237 
LYS HZ3  H  N N 238 
LYS HXT  H  N N 239 
MET N    N  N N 240 
MET CA   C  N S 241 
MET C    C  N N 242 
MET O    O  N N 243 
MET CB   C  N N 244 
MET CG   C  N N 245 
MET SD   S  N N 246 
MET CE   C  N N 247 
MET OXT  O  N N 248 
MET H    H  N N 249 
MET H2   H  N N 250 
MET HA   H  N N 251 
MET HB2  H  N N 252 
MET HB3  H  N N 253 
MET HG2  H  N N 254 
MET HG3  H  N N 255 
MET HE1  H  N N 256 
MET HE2  H  N N 257 
MET HE3  H  N N 258 
MET HXT  H  N N 259 
PHE N    N  N N 260 
PHE CA   C  N S 261 
PHE C    C  N N 262 
PHE O    O  N N 263 
PHE CB   C  N N 264 
PHE CG   C  Y N 265 
PHE CD1  C  Y N 266 
PHE CD2  C  Y N 267 
PHE CE1  C  Y N 268 
PHE CE2  C  Y N 269 
PHE CZ   C  Y N 270 
PHE OXT  O  N N 271 
PHE H    H  N N 272 
PHE H2   H  N N 273 
PHE HA   H  N N 274 
PHE HB2  H  N N 275 
PHE HB3  H  N N 276 
PHE HD1  H  N N 277 
PHE HD2  H  N N 278 
PHE HE1  H  N N 279 
PHE HE2  H  N N 280 
PHE HZ   H  N N 281 
PHE HXT  H  N N 282 
PRO N    N  N N 283 
PRO CA   C  N S 284 
PRO C    C  N N 285 
PRO O    O  N N 286 
PRO CB   C  N N 287 
PRO CG   C  N N 288 
PRO CD   C  N N 289 
PRO OXT  O  N N 290 
PRO H    H  N N 291 
PRO HA   H  N N 292 
PRO HB2  H  N N 293 
PRO HB3  H  N N 294 
PRO HG2  H  N N 295 
PRO HG3  H  N N 296 
PRO HD2  H  N N 297 
PRO HD3  H  N N 298 
PRO HXT  H  N N 299 
SE4 SE   SE N N 300 
SE4 O1   O  N N 301 
SE4 O2   O  N N 302 
SE4 O3   O  N N 303 
SE4 O4   O  N N 304 
SER N    N  N N 305 
SER CA   C  N S 306 
SER C    C  N N 307 
SER O    O  N N 308 
SER CB   C  N N 309 
SER OG   O  N N 310 
SER OXT  O  N N 311 
SER H    H  N N 312 
SER H2   H  N N 313 
SER HA   H  N N 314 
SER HB2  H  N N 315 
SER HB3  H  N N 316 
SER HG   H  N N 317 
SER HXT  H  N N 318 
THR N    N  N N 319 
THR CA   C  N S 320 
THR C    C  N N 321 
THR O    O  N N 322 
THR CB   C  N R 323 
THR OG1  O  N N 324 
THR CG2  C  N N 325 
THR OXT  O  N N 326 
THR H    H  N N 327 
THR H2   H  N N 328 
THR HA   H  N N 329 
THR HB   H  N N 330 
THR HG1  H  N N 331 
THR HG21 H  N N 332 
THR HG22 H  N N 333 
THR HG23 H  N N 334 
THR HXT  H  N N 335 
TRP N    N  N N 336 
TRP CA   C  N S 337 
TRP C    C  N N 338 
TRP O    O  N N 339 
TRP CB   C  N N 340 
TRP CG   C  Y N 341 
TRP CD1  C  Y N 342 
TRP CD2  C  Y N 343 
TRP NE1  N  Y N 344 
TRP CE2  C  Y N 345 
TRP CE3  C  Y N 346 
TRP CZ2  C  Y N 347 
TRP CZ3  C  Y N 348 
TRP CH2  C  Y N 349 
TRP OXT  O  N N 350 
TRP H    H  N N 351 
TRP H2   H  N N 352 
TRP HA   H  N N 353 
TRP HB2  H  N N 354 
TRP HB3  H  N N 355 
TRP HD1  H  N N 356 
TRP HE1  H  N N 357 
TRP HE3  H  N N 358 
TRP HZ2  H  N N 359 
TRP HZ3  H  N N 360 
TRP HH2  H  N N 361 
TRP HXT  H  N N 362 
TYR N    N  N N 363 
TYR CA   C  N S 364 
TYR C    C  N N 365 
TYR O    O  N N 366 
TYR CB   C  N N 367 
TYR CG   C  Y N 368 
TYR CD1  C  Y N 369 
TYR CD2  C  Y N 370 
TYR CE1  C  Y N 371 
TYR CE2  C  Y N 372 
TYR CZ   C  Y N 373 
TYR OH   O  N N 374 
TYR OXT  O  N N 375 
TYR H    H  N N 376 
TYR H2   H  N N 377 
TYR HA   H  N N 378 
TYR HB2  H  N N 379 
TYR HB3  H  N N 380 
TYR HD1  H  N N 381 
TYR HD2  H  N N 382 
TYR HE1  H  N N 383 
TYR HE2  H  N N 384 
TYR HH   H  N N 385 
TYR HXT  H  N N 386 
VAL N    N  N N 387 
VAL CA   C  N S 388 
VAL C    C  N N 389 
VAL O    O  N N 390 
VAL CB   C  N N 391 
VAL CG1  C  N N 392 
VAL CG2  C  N N 393 
VAL OXT  O  N N 394 
VAL H    H  N N 395 
VAL H2   H  N N 396 
VAL HA   H  N N 397 
VAL HB   H  N N 398 
VAL HG11 H  N N 399 
VAL HG12 H  N N 400 
VAL HG13 H  N N 401 
VAL HG21 H  N N 402 
VAL HG22 H  N N 403 
VAL HG23 H  N N 404 
VAL HXT  H  N N 405 
# 
loop_
_chem_comp_bond.comp_id 
_chem_comp_bond.atom_id_1 
_chem_comp_bond.atom_id_2 
_chem_comp_bond.value_order 
_chem_comp_bond.pdbx_aromatic_flag 
_chem_comp_bond.pdbx_stereo_config 
_chem_comp_bond.pdbx_ordinal 
ALA N   CA   sing N N 1   
ALA N   H    sing N N 2   
ALA N   H2   sing N N 3   
ALA CA  C    sing N N 4   
ALA CA  CB   sing N N 5   
ALA CA  HA   sing N N 6   
ALA C   O    doub N N 7   
ALA C   OXT  sing N N 8   
ALA CB  HB1  sing N N 9   
ALA CB  HB2  sing N N 10  
ALA CB  HB3  sing N N 11  
ALA OXT HXT  sing N N 12  
ARG N   CA   sing N N 13  
ARG N   H    sing N N 14  
ARG N   H2   sing N N 15  
ARG CA  C    sing N N 16  
ARG CA  CB   sing N N 17  
ARG CA  HA   sing N N 18  
ARG C   O    doub N N 19  
ARG C   OXT  sing N N 20  
ARG CB  CG   sing N N 21  
ARG CB  HB2  sing N N 22  
ARG CB  HB3  sing N N 23  
ARG CG  CD   sing N N 24  
ARG CG  HG2  sing N N 25  
ARG CG  HG3  sing N N 26  
ARG CD  NE   sing N N 27  
ARG CD  HD2  sing N N 28  
ARG CD  HD3  sing N N 29  
ARG NE  CZ   sing N N 30  
ARG NE  HE   sing N N 31  
ARG CZ  NH1  sing N N 32  
ARG CZ  NH2  doub N N 33  
ARG NH1 HH11 sing N N 34  
ARG NH1 HH12 sing N N 35  
ARG NH2 HH21 sing N N 36  
ARG NH2 HH22 sing N N 37  
ARG OXT HXT  sing N N 38  
ASN N   CA   sing N N 39  
ASN N   H    sing N N 40  
ASN N   H2   sing N N 41  
ASN CA  C    sing N N 42  
ASN CA  CB   sing N N 43  
ASN CA  HA   sing N N 44  
ASN C   O    doub N N 45  
ASN C   OXT  sing N N 46  
ASN CB  CG   sing N N 47  
ASN CB  HB2  sing N N 48  
ASN CB  HB3  sing N N 49  
ASN CG  OD1  doub N N 50  
ASN CG  ND2  sing N N 51  
ASN ND2 HD21 sing N N 52  
ASN ND2 HD22 sing N N 53  
ASN OXT HXT  sing N N 54  
ASP N   CA   sing N N 55  
ASP N   H    sing N N 56  
ASP N   H2   sing N N 57  
ASP CA  C    sing N N 58  
ASP CA  CB   sing N N 59  
ASP CA  HA   sing N N 60  
ASP C   O    doub N N 61  
ASP C   OXT  sing N N 62  
ASP CB  CG   sing N N 63  
ASP CB  HB2  sing N N 64  
ASP CB  HB3  sing N N 65  
ASP CG  OD1  doub N N 66  
ASP CG  OD2  sing N N 67  
ASP OD2 HD2  sing N N 68  
ASP OXT HXT  sing N N 69  
BME C1  C2   sing N N 70  
BME C1  O1   sing N N 71  
BME C1  H11  sing N N 72  
BME C1  H12  sing N N 73  
BME C2  S2   sing N N 74  
BME C2  H21  sing N N 75  
BME C2  H22  sing N N 76  
BME O1  HO1  sing N N 77  
BME S2  HS2  sing N N 78  
CYS N   CA   sing N N 79  
CYS N   H    sing N N 80  
CYS N   H2   sing N N 81  
CYS CA  C    sing N N 82  
CYS CA  CB   sing N N 83  
CYS CA  HA   sing N N 84  
CYS C   O    doub N N 85  
CYS C   OXT  sing N N 86  
CYS CB  SG   sing N N 87  
CYS CB  HB2  sing N N 88  
CYS CB  HB3  sing N N 89  
CYS SG  HG   sing N N 90  
CYS OXT HXT  sing N N 91  
GLN N   CA   sing N N 92  
GLN N   H    sing N N 93  
GLN N   H2   sing N N 94  
GLN CA  C    sing N N 95  
GLN CA  CB   sing N N 96  
GLN CA  HA   sing N N 97  
GLN C   O    doub N N 98  
GLN C   OXT  sing N N 99  
GLN CB  CG   sing N N 100 
GLN CB  HB2  sing N N 101 
GLN CB  HB3  sing N N 102 
GLN CG  CD   sing N N 103 
GLN CG  HG2  sing N N 104 
GLN CG  HG3  sing N N 105 
GLN CD  OE1  doub N N 106 
GLN CD  NE2  sing N N 107 
GLN NE2 HE21 sing N N 108 
GLN NE2 HE22 sing N N 109 
GLN OXT HXT  sing N N 110 
GLU N   CA   sing N N 111 
GLU N   H    sing N N 112 
GLU N   H2   sing N N 113 
GLU CA  C    sing N N 114 
GLU CA  CB   sing N N 115 
GLU CA  HA   sing N N 116 
GLU C   O    doub N N 117 
GLU C   OXT  sing N N 118 
GLU CB  CG   sing N N 119 
GLU CB  HB2  sing N N 120 
GLU CB  HB3  sing N N 121 
GLU CG  CD   sing N N 122 
GLU CG  HG2  sing N N 123 
GLU CG  HG3  sing N N 124 
GLU CD  OE1  doub N N 125 
GLU CD  OE2  sing N N 126 
GLU OE2 HE2  sing N N 127 
GLU OXT HXT  sing N N 128 
GLY N   CA   sing N N 129 
GLY N   H    sing N N 130 
GLY N   H2   sing N N 131 
GLY CA  C    sing N N 132 
GLY CA  HA2  sing N N 133 
GLY CA  HA3  sing N N 134 
GLY C   O    doub N N 135 
GLY C   OXT  sing N N 136 
GLY OXT HXT  sing N N 137 
HIS N   CA   sing N N 138 
HIS N   H    sing N N 139 
HIS N   H2   sing N N 140 
HIS CA  C    sing N N 141 
HIS CA  CB   sing N N 142 
HIS CA  HA   sing N N 143 
HIS C   O    doub N N 144 
HIS C   OXT  sing N N 145 
HIS CB  CG   sing N N 146 
HIS CB  HB2  sing N N 147 
HIS CB  HB3  sing N N 148 
HIS CG  ND1  sing Y N 149 
HIS CG  CD2  doub Y N 150 
HIS ND1 CE1  doub Y N 151 
HIS ND1 HD1  sing N N 152 
HIS CD2 NE2  sing Y N 153 
HIS CD2 HD2  sing N N 154 
HIS CE1 NE2  sing Y N 155 
HIS CE1 HE1  sing N N 156 
HIS NE2 HE2  sing N N 157 
HIS OXT HXT  sing N N 158 
HOH O   H1   sing N N 159 
HOH O   H2   sing N N 160 
ILE N   CA   sing N N 161 
ILE N   H    sing N N 162 
ILE N   H2   sing N N 163 
ILE CA  C    sing N N 164 
ILE CA  CB   sing N N 165 
ILE CA  HA   sing N N 166 
ILE C   O    doub N N 167 
ILE C   OXT  sing N N 168 
ILE CB  CG1  sing N N 169 
ILE CB  CG2  sing N N 170 
ILE CB  HB   sing N N 171 
ILE CG1 CD1  sing N N 172 
ILE CG1 HG12 sing N N 173 
ILE CG1 HG13 sing N N 174 
ILE CG2 HG21 sing N N 175 
ILE CG2 HG22 sing N N 176 
ILE CG2 HG23 sing N N 177 
ILE CD1 HD11 sing N N 178 
ILE CD1 HD12 sing N N 179 
ILE CD1 HD13 sing N N 180 
ILE OXT HXT  sing N N 181 
LEU N   CA   sing N N 182 
LEU N   H    sing N N 183 
LEU N   H2   sing N N 184 
LEU CA  C    sing N N 185 
LEU CA  CB   sing N N 186 
LEU CA  HA   sing N N 187 
LEU C   O    doub N N 188 
LEU C   OXT  sing N N 189 
LEU CB  CG   sing N N 190 
LEU CB  HB2  sing N N 191 
LEU CB  HB3  sing N N 192 
LEU CG  CD1  sing N N 193 
LEU CG  CD2  sing N N 194 
LEU CG  HG   sing N N 195 
LEU CD1 HD11 sing N N 196 
LEU CD1 HD12 sing N N 197 
LEU CD1 HD13 sing N N 198 
LEU CD2 HD21 sing N N 199 
LEU CD2 HD22 sing N N 200 
LEU CD2 HD23 sing N N 201 
LEU OXT HXT  sing N N 202 
LYS N   CA   sing N N 203 
LYS N   H    sing N N 204 
LYS N   H2   sing N N 205 
LYS CA  C    sing N N 206 
LYS CA  CB   sing N N 207 
LYS CA  HA   sing N N 208 
LYS C   O    doub N N 209 
LYS C   OXT  sing N N 210 
LYS CB  CG   sing N N 211 
LYS CB  HB2  sing N N 212 
LYS CB  HB3  sing N N 213 
LYS CG  CD   sing N N 214 
LYS CG  HG2  sing N N 215 
LYS CG  HG3  sing N N 216 
LYS CD  CE   sing N N 217 
LYS CD  HD2  sing N N 218 
LYS CD  HD3  sing N N 219 
LYS CE  NZ   sing N N 220 
LYS CE  HE2  sing N N 221 
LYS CE  HE3  sing N N 222 
LYS NZ  HZ1  sing N N 223 
LYS NZ  HZ2  sing N N 224 
LYS NZ  HZ3  sing N N 225 
LYS OXT HXT  sing N N 226 
MET N   CA   sing N N 227 
MET N   H    sing N N 228 
MET N   H2   sing N N 229 
MET CA  C    sing N N 230 
MET CA  CB   sing N N 231 
MET CA  HA   sing N N 232 
MET C   O    doub N N 233 
MET C   OXT  sing N N 234 
MET CB  CG   sing N N 235 
MET CB  HB2  sing N N 236 
MET CB  HB3  sing N N 237 
MET CG  SD   sing N N 238 
MET CG  HG2  sing N N 239 
MET CG  HG3  sing N N 240 
MET SD  CE   sing N N 241 
MET CE  HE1  sing N N 242 
MET CE  HE2  sing N N 243 
MET CE  HE3  sing N N 244 
MET OXT HXT  sing N N 245 
PHE N   CA   sing N N 246 
PHE N   H    sing N N 247 
PHE N   H2   sing N N 248 
PHE CA  C    sing N N 249 
PHE CA  CB   sing N N 250 
PHE CA  HA   sing N N 251 
PHE C   O    doub N N 252 
PHE C   OXT  sing N N 253 
PHE CB  CG   sing N N 254 
PHE CB  HB2  sing N N 255 
PHE CB  HB3  sing N N 256 
PHE CG  CD1  doub Y N 257 
PHE CG  CD2  sing Y N 258 
PHE CD1 CE1  sing Y N 259 
PHE CD1 HD1  sing N N 260 
PHE CD2 CE2  doub Y N 261 
PHE CD2 HD2  sing N N 262 
PHE CE1 CZ   doub Y N 263 
PHE CE1 HE1  sing N N 264 
PHE CE2 CZ   sing Y N 265 
PHE CE2 HE2  sing N N 266 
PHE CZ  HZ   sing N N 267 
PHE OXT HXT  sing N N 268 
PRO N   CA   sing N N 269 
PRO N   CD   sing N N 270 
PRO N   H    sing N N 271 
PRO CA  C    sing N N 272 
PRO CA  CB   sing N N 273 
PRO CA  HA   sing N N 274 
PRO C   O    doub N N 275 
PRO C   OXT  sing N N 276 
PRO CB  CG   sing N N 277 
PRO CB  HB2  sing N N 278 
PRO CB  HB3  sing N N 279 
PRO CG  CD   sing N N 280 
PRO CG  HG2  sing N N 281 
PRO CG  HG3  sing N N 282 
PRO CD  HD2  sing N N 283 
PRO CD  HD3  sing N N 284 
PRO OXT HXT  sing N N 285 
SE4 SE  O1   doub N N 286 
SE4 SE  O2   doub N N 287 
SE4 SE  O3   sing N N 288 
SE4 SE  O4   sing N N 289 
SER N   CA   sing N N 290 
SER N   H    sing N N 291 
SER N   H2   sing N N 292 
SER CA  C    sing N N 293 
SER CA  CB   sing N N 294 
SER CA  HA   sing N N 295 
SER C   O    doub N N 296 
SER C   OXT  sing N N 297 
SER CB  OG   sing N N 298 
SER CB  HB2  sing N N 299 
SER CB  HB3  sing N N 300 
SER OG  HG   sing N N 301 
SER OXT HXT  sing N N 302 
THR N   CA   sing N N 303 
THR N   H    sing N N 304 
THR N   H2   sing N N 305 
THR CA  C    sing N N 306 
THR CA  CB   sing N N 307 
THR CA  HA   sing N N 308 
THR C   O    doub N N 309 
THR C   OXT  sing N N 310 
THR CB  OG1  sing N N 311 
THR CB  CG2  sing N N 312 
THR CB  HB   sing N N 313 
THR OG1 HG1  sing N N 314 
THR CG2 HG21 sing N N 315 
THR CG2 HG22 sing N N 316 
THR CG2 HG23 sing N N 317 
THR OXT HXT  sing N N 318 
TRP N   CA   sing N N 319 
TRP N   H    sing N N 320 
TRP N   H2   sing N N 321 
TRP CA  C    sing N N 322 
TRP CA  CB   sing N N 323 
TRP CA  HA   sing N N 324 
TRP C   O    doub N N 325 
TRP C   OXT  sing N N 326 
TRP CB  CG   sing N N 327 
TRP CB  HB2  sing N N 328 
TRP CB  HB3  sing N N 329 
TRP CG  CD1  doub Y N 330 
TRP CG  CD2  sing Y N 331 
TRP CD1 NE1  sing Y N 332 
TRP CD1 HD1  sing N N 333 
TRP CD2 CE2  doub Y N 334 
TRP CD2 CE3  sing Y N 335 
TRP NE1 CE2  sing Y N 336 
TRP NE1 HE1  sing N N 337 
TRP CE2 CZ2  sing Y N 338 
TRP CE3 CZ3  doub Y N 339 
TRP CE3 HE3  sing N N 340 
TRP CZ2 CH2  doub Y N 341 
TRP CZ2 HZ2  sing N N 342 
TRP CZ3 CH2  sing Y N 343 
TRP CZ3 HZ3  sing N N 344 
TRP CH2 HH2  sing N N 345 
TRP OXT HXT  sing N N 346 
TYR N   CA   sing N N 347 
TYR N   H    sing N N 348 
TYR N   H2   sing N N 349 
TYR CA  C    sing N N 350 
TYR CA  CB   sing N N 351 
TYR CA  HA   sing N N 352 
TYR C   O    doub N N 353 
TYR C   OXT  sing N N 354 
TYR CB  CG   sing N N 355 
TYR CB  HB2  sing N N 356 
TYR CB  HB3  sing N N 357 
TYR CG  CD1  doub Y N 358 
TYR CG  CD2  sing Y N 359 
TYR CD1 CE1  sing Y N 360 
TYR CD1 HD1  sing N N 361 
TYR CD2 CE2  doub Y N 362 
TYR CD2 HD2  sing N N 363 
TYR CE1 CZ   doub Y N 364 
TYR CE1 HE1  sing N N 365 
TYR CE2 CZ   sing Y N 366 
TYR CE2 HE2  sing N N 367 
TYR CZ  OH   sing N N 368 
TYR OH  HH   sing N N 369 
TYR OXT HXT  sing N N 370 
VAL N   CA   sing N N 371 
VAL N   H    sing N N 372 
VAL N   H2   sing N N 373 
VAL CA  C    sing N N 374 
VAL CA  CB   sing N N 375 
VAL CA  HA   sing N N 376 
VAL C   O    doub N N 377 
VAL C   OXT  sing N N 378 
VAL CB  CG1  sing N N 379 
VAL CB  CG2  sing N N 380 
VAL CB  HB   sing N N 381 
VAL CG1 HG11 sing N N 382 
VAL CG1 HG12 sing N N 383 
VAL CG1 HG13 sing N N 384 
VAL CG2 HG21 sing N N 385 
VAL CG2 HG22 sing N N 386 
VAL CG2 HG23 sing N N 387 
VAL OXT HXT  sing N N 388 
# 
_atom_sites.entry_id                    1FGA 
_atom_sites.fract_transf_matrix[1][1]   -0.00377005 
_atom_sites.fract_transf_matrix[1][2]   0.02618698 
_atom_sites.fract_transf_matrix[1][3]   -0.02173804 
_atom_sites.fract_transf_matrix[2][1]   0.02984127 
_atom_sites.fract_transf_matrix[2][2]   0.01154043 
_atom_sites.fract_transf_matrix[2][3]   0.01439256 
_atom_sites.fract_transf_matrix[3][1]   0.00118886 
_atom_sites.fract_transf_matrix[3][2]   -0.02630176 
_atom_sites.fract_transf_matrix[3][3]   -0.02060509 
_atom_sites.fract_transf_vector[1]      0.782400 
_atom_sites.fract_transf_vector[2]      0.658702 
_atom_sites.fract_transf_vector[3]      0.367914 
# 
_atom_sites_footnote.id     1 
_atom_sites_footnote.text   'SG SEO 69 IS BONDED TO SG CYS 69 AND SG SEO 92 IS BONDED TO SD CYS 92.' 
# 
loop_
_atom_type.symbol 
C  
N  
O  
S  
SE 
# 
loop_
_atom_site.group_PDB 
_atom_site.id 
_atom_site.type_symbol 
_atom_site.label_atom_id 
_atom_site.label_alt_id 
_atom_site.label_comp_id 
_atom_site.label_asym_id 
_atom_site.label_entity_id 
_atom_site.label_seq_id 
_atom_site.pdbx_PDB_ins_code 
_atom_site.Cartn_x 
_atom_site.Cartn_y 
_atom_site.Cartn_z 
_atom_site.occupancy 
_atom_site.B_iso_or_equiv 
_atom_site.pdbx_formal_charge 
_atom_site.auth_seq_id 
_atom_site.auth_comp_id 
_atom_site.auth_asym_id 
_atom_site.auth_atom_id 
_atom_site.pdbx_PDB_model_num 
ATOM   1    N  N   . PRO A 1 20  ? 12.261  -5.960  5.205   1.00 54.69 ? 20  PRO A N   1 
ATOM   2    C  CA  . PRO A 1 20  ? 12.281  -5.914  3.748   1.00 15.90 ? 20  PRO A CA  1 
ATOM   3    C  C   . PRO A 1 20  ? 11.258  -6.826  3.068   1.00 65.00 ? 20  PRO A C   1 
ATOM   4    O  O   . PRO A 1 20  ? 11.617  -7.735  2.294   1.00 65.00 ? 20  PRO A O   1 
ATOM   5    C  CB  . PRO A 1 20  ? 13.727  -6.188  3.312   1.00 56.17 ? 20  PRO A CB  1 
ATOM   6    C  CG  . PRO A 1 20  ? 14.579  -6.186  4.583   1.00 65.00 ? 20  PRO A CG  1 
ATOM   7    C  CD  . PRO A 1 20  ? 13.632  -6.076  5.781   1.00 65.00 ? 20  PRO A CD  1 
ATOM   8    N  N   . LYS A 1 21  ? 9.965   -6.539  3.386   1.00 13.05 ? 21  LYS A N   1 
ATOM   9    C  CA  . LYS A 1 21  ? 8.817   -7.295  2.861   1.00 15.95 ? 21  LYS A CA  1 
ATOM   10   C  C   . LYS A 1 21  ? 8.229   -6.790  1.535   1.00 54.00 ? 21  LYS A C   1 
ATOM   11   O  O   . LYS A 1 21  ? 8.411   -5.652  1.105   1.00 28.42 ? 21  LYS A O   1 
ATOM   12   C  CB  . LYS A 1 21  ? 7.659   -7.404  3.856   1.00 59.85 ? 21  LYS A CB  1 
ATOM   13   C  CG  . LYS A 1 21  ? 7.983   -7.799  5.290   1.00 41.21 ? 21  LYS A CG  1 
ATOM   14   C  CD  . LYS A 1 21  ? 7.138   -6.964  6.246   1.00 33.06 ? 21  LYS A CD  1 
ATOM   15   C  CE  . LYS A 1 21  ? 7.578   -7.062  7.682   1.00 65.00 ? 21  LYS A CE  1 
ATOM   16   N  NZ  . LYS A 1 21  ? 8.781   -7.899  7.843   1.00 42.92 ? 21  LYS A NZ  1 
ATOM   17   N  N   . ARG A 1 22  ? 7.474   -7.714  0.942   1.00 26.84 ? 22  ARG A N   1 
ATOM   18   C  CA  . ARG A 1 22  ? 6.639   -7.581  -0.220  1.00 16.95 ? 22  ARG A CA  1 
ATOM   19   C  C   . ARG A 1 22  ? 5.258   -7.648  0.368   1.00 10.09 ? 22  ARG A C   1 
ATOM   20   O  O   . ARG A 1 22  ? 5.091   -8.134  1.491   1.00 10.00 ? 22  ARG A O   1 
ATOM   21   C  CB  . ARG A 1 22  ? 6.838   -8.779  -1.119  1.00 55.40 ? 22  ARG A CB  1 
ATOM   22   C  CG  . ARG A 1 22  ? 7.215   -9.994  -0.287  1.00 65.00 ? 22  ARG A CG  1 
ATOM   23   C  CD  . ARG A 1 22  ? 7.342   -11.263 -1.100  1.00 28.01 ? 22  ARG A CD  1 
ATOM   24   N  NE  . ARG A 1 22  ? 8.528   -11.180 -1.938  1.00 65.00 ? 22  ARG A NE  1 
ATOM   25   C  CZ  . ARG A 1 22  ? 9.276   -12.240 -2.269  1.00 65.00 ? 22  ARG A CZ  1 
ATOM   26   N  NH1 . ARG A 1 22  ? 8.924   -13.476 -1.873  1.00 65.00 ? 22  ARG A NH1 1 
ATOM   27   N  NH2 . ARG A 1 22  ? 10.367  -12.015 -3.015  1.00 36.53 ? 22  ARG A NH2 1 
ATOM   28   N  N   . LEU A 1 23  ? 4.259   -7.111  -0.318  1.00 22.96 ? 23  LEU A N   1 
ATOM   29   C  CA  . LEU A 1 23  ? 2.897   -7.156  0.246   1.00 28.41 ? 23  LEU A CA  1 
ATOM   30   C  C   . LEU A 1 23  ? 2.073   -7.836  -0.766  1.00 43.57 ? 23  LEU A C   1 
ATOM   31   O  O   . LEU A 1 23  ? 2.108   -7.550  -1.969  1.00 43.85 ? 23  LEU A O   1 
ATOM   32   C  CB  . LEU A 1 23  ? 2.160   -5.840  0.599   1.00 27.99 ? 23  LEU A CB  1 
ATOM   33   C  CG  . LEU A 1 23  ? 2.907   -4.951  1.591   1.00 54.36 ? 23  LEU A CG  1 
ATOM   34   C  CD1 . LEU A 1 23  ? 1.980   -3.863  2.108   1.00 10.00 ? 23  LEU A CD1 1 
ATOM   35   C  CD2 . LEU A 1 23  ? 3.456   -5.779  2.743   1.00 46.63 ? 23  LEU A CD2 1 
ATOM   36   N  N   . TYR A 1 24  ? 1.293   -8.685  -0.218  1.00 34.31 ? 24  TYR A N   1 
ATOM   37   C  CA  . TYR A 1 24  ? 0.558   -9.473  -1.107  1.00 24.02 ? 24  TYR A CA  1 
ATOM   38   C  C   . TYR A 1 24  ? -0.973  -9.406  -1.015  1.00 12.04 ? 24  TYR A C   1 
ATOM   39   O  O   . TYR A 1 24  ? -1.585  -9.827  -0.053  1.00 41.89 ? 24  TYR A O   1 
ATOM   40   C  CB  . TYR A 1 24  ? 1.286   -10.799 -0.961  1.00 10.00 ? 24  TYR A CB  1 
ATOM   41   C  CG  . TYR A 1 24  ? 0.548   -11.822 -1.697  1.00 22.46 ? 24  TYR A CG  1 
ATOM   42   C  CD1 . TYR A 1 24  ? 0.592   -11.891 -3.087  1.00 61.54 ? 24  TYR A CD1 1 
ATOM   43   C  CD2 . TYR A 1 24  ? -0.316  -12.624 -0.962  1.00 65.00 ? 24  TYR A CD2 1 
ATOM   44   C  CE1 . TYR A 1 24  ? -0.159  -12.845 -3.771  1.00 11.95 ? 24  TYR A CE1 1 
ATOM   45   C  CE2 . TYR A 1 24  ? -1.082  -13.568 -1.639  1.00 30.62 ? 24  TYR A CE2 1 
ATOM   46   C  CZ  . TYR A 1 24  ? -0.986  -13.684 -3.028  1.00 65.00 ? 24  TYR A CZ  1 
ATOM   47   O  OH  . TYR A 1 24  ? -1.730  -14.628 -3.674  1.00 62.46 ? 24  TYR A OH  1 
ATOM   48   N  N   . CYS A 1 25  ? -1.546  -8.853  -2.058  1.00 59.02 ? 25  CYS A N   1 
ATOM   49   C  CA  . CYS A 1 25  ? -2.970  -8.663  -2.206  1.00 10.00 ? 25  CYS A CA  1 
ATOM   50   C  C   . CYS A 1 25  ? -3.797  -9.910  -2.284  1.00 34.47 ? 25  CYS A C   1 
ATOM   51   O  O   . CYS A 1 25  ? -3.588  -10.752 -3.149  1.00 23.25 ? 25  CYS A O   1 
ATOM   52   C  CB  . CYS A 1 25  ? -3.424  -7.860  -3.451  1.00 20.38 ? 25  CYS A CB  1 
ATOM   53   S  SG  . CYS A 1 25  ? -5.144  -7.314  -3.216  1.00 32.49 ? 25  CYS A SG  1 
ATOM   54   N  N   . LYS A 1 26  ? -4.827  -9.881  -1.458  1.00 33.21 ? 26  LYS A N   1 
ATOM   55   C  CA  . LYS A 1 26  ? -5.836  -10.904 -1.395  1.00 32.09 ? 26  LYS A CA  1 
ATOM   56   C  C   . LYS A 1 26  ? -6.626  -10.901 -2.693  1.00 35.45 ? 26  LYS A C   1 
ATOM   57   O  O   . LYS A 1 26  ? -6.933  -11.966 -3.226  1.00 18.43 ? 26  LYS A O   1 
ATOM   58   C  CB  . LYS A 1 26  ? -6.800  -10.683 -0.232  1.00 20.74 ? 26  LYS A CB  1 
ATOM   59   C  CG  . LYS A 1 26  ? -7.014  -11.970 0.510   1.00 26.50 ? 26  LYS A CG  1 
ATOM   60   C  CD  . LYS A 1 26  ? -8.142  -12.011 1.535   1.00 65.00 ? 26  LYS A CD  1 
ATOM   61   C  CE  . LYS A 1 26  ? -8.381  -13.460 1.880   1.00 16.58 ? 26  LYS A CE  1 
ATOM   62   N  NZ  . LYS A 1 26  ? -9.459  -13.706 2.911   1.00 65.00 ? 26  LYS A NZ  1 
ATOM   63   N  N   . ASN A 1 27  ? -6.905  -9.684  -3.170  1.00 24.67 ? 27  ASN A N   1 
ATOM   64   C  CA  . ASN A 1 27  ? -7.635  -9.394  -4.401  1.00 26.74 ? 27  ASN A CA  1 
ATOM   65   C  C   . ASN A 1 27  ? -6.794  -9.656  -5.683  1.00 48.85 ? 27  ASN A C   1 
ATOM   66   O  O   . ASN A 1 27  ? -6.136  -8.768  -6.291  1.00 22.86 ? 27  ASN A O   1 
ATOM   67   C  CB  . ASN A 1 27  ? -8.258  -7.963  -4.345  1.00 32.63 ? 27  ASN A CB  1 
ATOM   68   C  CG  . ASN A 1 27  ? -9.559  -7.840  -5.128  1.00 51.99 ? 27  ASN A CG  1 
ATOM   69   O  OD1 . ASN A 1 27  ? -10.337 -8.821  -5.158  1.00 27.42 ? 27  ASN A OD1 1 
ATOM   70   N  ND2 . ASN A 1 27  ? -9.753  -6.656  -5.752  1.00 23.02 ? 27  ASN A ND2 1 
ATOM   71   N  N   . GLY A 1 28  ? -6.827  -10.949 -6.027  1.00 48.10 ? 28  GLY A N   1 
ATOM   72   C  CA  . GLY A 1 28  ? -6.137  -11.545 -7.145  1.00 10.00 ? 28  GLY A CA  1 
ATOM   73   C  C   . GLY A 1 28  ? -4.671  -11.979 -6.897  1.00 41.51 ? 28  GLY A C   1 
ATOM   74   O  O   . GLY A 1 28  ? -4.043  -12.458 -7.816  1.00 19.50 ? 28  GLY A O   1 
ATOM   75   N  N   . GLY A 1 29  ? -4.051  -11.809 -5.718  1.00 52.32 ? 29  GLY A N   1 
ATOM   76   C  CA  . GLY A 1 29  ? -2.652  -12.254 -5.524  1.00 19.17 ? 29  GLY A CA  1 
ATOM   77   C  C   . GLY A 1 29  ? -1.560  -11.580 -6.413  1.00 35.68 ? 29  GLY A C   1 
ATOM   78   O  O   . GLY A 1 29  ? -0.821  -12.189 -7.215  1.00 19.47 ? 29  GLY A O   1 
ATOM   79   N  N   . PHE A 1 30  ? -1.458  -10.273 -6.224  1.00 22.51 ? 30  PHE A N   1 
ATOM   80   C  CA  . PHE A 1 30  ? -0.578  -9.269  -6.811  1.00 38.82 ? 30  PHE A CA  1 
ATOM   81   C  C   . PHE A 1 30  ? 0.228   -8.658  -5.663  1.00 25.49 ? 30  PHE A C   1 
ATOM   82   O  O   . PHE A 1 30  ? -0.341  -8.339  -4.605  1.00 43.41 ? 30  PHE A O   1 
ATOM   83   C  CB  . PHE A 1 30  ? -1.405  -8.040  -7.331  1.00 27.77 ? 30  PHE A CB  1 
ATOM   84   C  CG  . PHE A 1 30  ? -2.030  -8.266  -8.683  1.00 16.36 ? 30  PHE A CG  1 
ATOM   85   C  CD1 . PHE A 1 30  ? -1.234  -8.273  -9.828  1.00 53.29 ? 30  PHE A CD1 1 
ATOM   86   C  CD2 . PHE A 1 30  ? -3.378  -8.596  -8.822  1.00 37.63 ? 30  PHE A CD2 1 
ATOM   87   C  CE1 . PHE A 1 30  ? -1.748  -8.579  -11.088 1.00 15.31 ? 30  PHE A CE1 1 
ATOM   88   C  CE2 . PHE A 1 30  ? -3.912  -8.914  -10.070 1.00 16.03 ? 30  PHE A CE2 1 
ATOM   89   C  CZ  . PHE A 1 30  ? -3.100  -8.903  -11.202 1.00 23.89 ? 30  PHE A CZ  1 
ATOM   90   N  N   . PHE A 1 31  ? 1.535   -8.399  -5.861  1.00 24.41 ? 31  PHE A N   1 
ATOM   91   C  CA  . PHE A 1 31  ? 2.291   -7.667  -4.839  1.00 12.86 ? 31  PHE A CA  1 
ATOM   92   C  C   . PHE A 1 31  ? 2.225   -6.169  -5.187  1.00 28.96 ? 31  PHE A C   1 
ATOM   93   O  O   . PHE A 1 31  ? 2.182   -5.855  -6.363  1.00 12.62 ? 31  PHE A O   1 
ATOM   94   C  CB  . PHE A 1 31  ? 3.760   -8.079  -4.921  1.00 32.44 ? 31  PHE A CB  1 
ATOM   95   C  CG  . PHE A 1 31  ? 3.847   -9.546  -4.659  1.00 10.00 ? 31  PHE A CG  1 
ATOM   96   C  CD1 . PHE A 1 31  ? 3.503   -10.463 -5.645  1.00 65.00 ? 31  PHE A CD1 1 
ATOM   97   C  CD2 . PHE A 1 31  ? 4.072   -9.983  -3.354  1.00 16.71 ? 31  PHE A CD2 1 
ATOM   98   C  CE1 . PHE A 1 31  ? 3.493   -11.827 -5.366  1.00 14.88 ? 31  PHE A CE1 1 
ATOM   99   C  CE2 . PHE A 1 31  ? 4.079   -11.345 -3.062  1.00 41.02 ? 31  PHE A CE2 1 
ATOM   100  C  CZ  . PHE A 1 31  ? 3.794   -12.257 -4.071  1.00 32.87 ? 31  PHE A CZ  1 
ATOM   101  N  N   . LEU A 1 32  ? 2.186   -5.263  -4.199  1.00 18.63 ? 32  LEU A N   1 
ATOM   102  C  CA  . LEU A 1 32  ? 2.216   -3.849  -4.481  1.00 47.68 ? 32  LEU A CA  1 
ATOM   103  C  C   . LEU A 1 32  ? 3.557   -3.563  -5.156  1.00 32.28 ? 32  LEU A C   1 
ATOM   104  O  O   . LEU A 1 32  ? 4.627   -4.050  -4.731  1.00 11.69 ? 32  LEU A O   1 
ATOM   105  C  CB  . LEU A 1 32  ? 2.158   -3.033  -3.173  1.00 50.52 ? 32  LEU A CB  1 
ATOM   106  C  CG  . LEU A 1 32  ? 1.493   -1.651  -3.196  1.00 10.00 ? 32  LEU A CG  1 
ATOM   107  C  CD1 . LEU A 1 32  ? 0.418   -1.544  -4.271  1.00 21.54 ? 32  LEU A CD1 1 
ATOM   108  C  CD2 . LEU A 1 32  ? 0.871   -1.366  -1.830  1.00 65.00 ? 32  LEU A CD2 1 
ATOM   109  N  N   . ARG A 1 33  ? 3.489   -2.792  -6.243  1.00 18.03 ? 33  ARG A N   1 
ATOM   110  C  CA  . ARG A 1 33  ? 4.706   -2.429  -6.945  1.00 10.89 ? 33  ARG A CA  1 
ATOM   111  C  C   . ARG A 1 33  ? 4.811   -0.966  -6.992  1.00 10.00 ? 33  ARG A C   1 
ATOM   112  O  O   . ARG A 1 33  ? 3.839   -0.330  -7.395  1.00 33.90 ? 33  ARG A O   1 
ATOM   113  C  CB  . ARG A 1 33  ? 4.698   -2.904  -8.367  1.00 41.74 ? 33  ARG A CB  1 
ATOM   114  C  CG  . ARG A 1 33  ? 5.991   -2.564  -9.069  1.00 23.10 ? 33  ARG A CG  1 
ATOM   115  C  CD  . ARG A 1 33  ? 6.030   -3.323  -10.372 1.00 10.00 ? 33  ARG A CD  1 
ATOM   116  N  NE  . ARG A 1 33  ? 4.994   -2.890  -11.304 1.00 62.47 ? 33  ARG A NE  1 
ATOM   117  C  CZ  . ARG A 1 33  ? 4.968   -3.415  -12.513 1.00 42.66 ? 33  ARG A CZ  1 
ATOM   118  N  NH1 . ARG A 1 33  ? 5.889   -4.298  -12.826 1.00 10.00 ? 33  ARG A NH1 1 
ATOM   119  N  NH2 . ARG A 1 33  ? 4.050   -3.078  -13.417 1.00 16.11 ? 33  ARG A NH2 1 
ATOM   120  N  N   . ILE A 1 34  ? 6.004   -0.487  -6.580  1.00 15.73 ? 34  ILE A N   1 
ATOM   121  C  CA  . ILE A 1 34  ? 6.349   0.956   -6.589  1.00 21.81 ? 34  ILE A CA  1 
ATOM   122  C  C   . ILE A 1 34  ? 7.360   1.277   -7.708  1.00 65.00 ? 34  ILE A C   1 
ATOM   123  O  O   . ILE A 1 34  ? 8.465   0.703   -7.760  1.00 28.80 ? 34  ILE A O   1 
ATOM   124  C  CB  . ILE A 1 34  ? 6.773   1.556   -5.213  1.00 24.85 ? 34  ILE A CB  1 
ATOM   125  C  CG1 . ILE A 1 34  ? 5.649   1.329   -4.165  1.00 60.98 ? 34  ILE A CG1 1 
ATOM   126  C  CG2 . ILE A 1 34  ? 7.109   3.051   -5.343  1.00 37.58 ? 34  ILE A CG2 1 
ATOM   127  C  CD1 . ILE A 1 34  ? 5.877   1.951   -2.772  1.00 10.00 ? 34  ILE A CD1 1 
ATOM   128  N  N   . HIS A 1 35  ? 6.975   2.147   -8.657  1.00 10.00 ? 35  HIS A N   1 
ATOM   129  C  CA  . HIS A 1 35  ? 7.945   2.421   -9.695  1.00 10.00 ? 35  HIS A CA  1 
ATOM   130  C  C   . HIS A 1 35  ? 8.782   3.624   -9.329  1.00 18.07 ? 35  HIS A C   1 
ATOM   131  O  O   . HIS A 1 35  ? 8.358   4.601   -8.681  1.00 10.00 ? 35  HIS A O   1 
ATOM   132  C  CB  . HIS A 1 35  ? 7.438   2.686   -11.117 1.00 10.00 ? 35  HIS A CB  1 
ATOM   133  C  CG  . HIS A 1 35  ? 6.672   1.582   -11.713 1.00 41.58 ? 35  HIS A CG  1 
ATOM   134  N  ND1 . HIS A 1 35  ? 5.281   1.551   -11.632 1.00 65.00 ? 35  HIS A ND1 1 
ATOM   135  C  CD2 . HIS A 1 35  ? 7.077   0.524   -12.438 1.00 39.05 ? 35  HIS A CD2 1 
ATOM   136  C  CE1 . HIS A 1 35  ? 4.873   0.455   -12.268 1.00 26.99 ? 35  HIS A CE1 1 
ATOM   137  N  NE2 . HIS A 1 35  ? 5.933   -0.170  -12.791 1.00 34.22 ? 35  HIS A NE2 1 
ATOM   138  N  N   . PRO A 1 36  ? 9.989   3.555   -9.848  1.00 21.88 ? 36  PRO A N   1 
ATOM   139  C  CA  . PRO A 1 36  ? 10.922  4.618   -9.630  1.00 12.98 ? 36  PRO A CA  1 
ATOM   140  C  C   . PRO A 1 36  ? 10.345  5.966   -9.974  1.00 22.00 ? 36  PRO A C   1 
ATOM   141  O  O   . PRO A 1 36  ? 10.636  6.943   -9.297  1.00 19.88 ? 36  PRO A O   1 
ATOM   142  C  CB  . PRO A 1 36  ? 12.182  4.245   -10.390 1.00 25.51 ? 36  PRO A CB  1 
ATOM   143  C  CG  . PRO A 1 36  ? 12.136  2.730   -10.481 1.00 10.00 ? 36  PRO A CG  1 
ATOM   144  C  CD  . PRO A 1 36  ? 10.651  2.366   -10.453 1.00 56.90 ? 36  PRO A CD  1 
ATOM   145  N  N   . ASP A 1 37  ? 9.446   5.993   -10.954 1.00 18.66 ? 37  ASP A N   1 
ATOM   146  C  CA  . ASP A 1 37  ? 8.839   7.265   -11.265 1.00 15.09 ? 37  ASP A CA  1 
ATOM   147  C  C   . ASP A 1 37  ? 7.670   7.668   -10.370 1.00 56.35 ? 37  ASP A C   1 
ATOM   148  O  O   . ASP A 1 37  ? 7.145   8.744   -10.611 1.00 14.55 ? 37  ASP A O   1 
ATOM   149  C  CB  . ASP A 1 37  ? 8.388   7.409   -12.715 1.00 11.70 ? 37  ASP A CB  1 
ATOM   150  C  CG  . ASP A 1 37  ? 7.570   6.248   -13.173 1.00 54.54 ? 37  ASP A CG  1 
ATOM   151  O  OD1 . ASP A 1 37  ? 6.528   5.948   -12.642 1.00 16.86 ? 37  ASP A OD1 1 
ATOM   152  O  OD2 . ASP A 1 37  ? 8.110   5.601   -14.181 1.00 45.42 ? 37  ASP A OD2 1 
ATOM   153  N  N   . GLY A 1 38  ? 7.239   6.847   -9.376  1.00 13.07 ? 38  GLY A N   1 
ATOM   154  C  CA  . GLY A 1 38  ? 6.137   7.218   -8.483  1.00 65.00 ? 38  GLY A CA  1 
ATOM   155  C  C   . GLY A 1 38  ? 4.845   6.433   -8.681  1.00 14.50 ? 38  GLY A C   1 
ATOM   156  O  O   . GLY A 1 38  ? 4.081   6.262   -7.762  1.00 29.77 ? 38  GLY A O   1 
ATOM   157  N  N   . ARG A 1 39  ? 4.661   5.949   -9.867  1.00 46.98 ? 39  ARG A N   1 
ATOM   158  C  CA  . ARG A 1 39  ? 3.547   5.170   -10.309 1.00 27.65 ? 39  ARG A CA  1 
ATOM   159  C  C   . ARG A 1 39  ? 3.389   3.920   -9.436  1.00 32.00 ? 39  ARG A C   1 
ATOM   160  O  O   . ARG A 1 39  ? 4.388   3.214   -9.217  1.00 21.15 ? 39  ARG A O   1 
ATOM   161  C  CB  . ARG A 1 39  ? 3.939   4.706   -11.708 1.00 10.00 ? 39  ARG A CB  1 
ATOM   162  C  CG  . ARG A 1 39  ? 3.772   5.653   -12.899 1.00 15.79 ? 39  ARG A CG  1 
ATOM   163  C  CD  . ARG A 1 39  ? 3.820   4.861   -14.234 1.00 18.03 ? 39  ARG A CD  1 
ATOM   164  N  NE  . ARG A 1 39  ? 5.141   4.780   -14.857 1.00 33.30 ? 39  ARG A NE  1 
ATOM   165  C  CZ  . ARG A 1 39  ? 5.956   3.710   -14.857 1.00 25.21 ? 39  ARG A CZ  1 
ATOM   166  N  NH1 . ARG A 1 39  ? 5.662   2.564   -14.258 1.00 64.56 ? 39  ARG A NH1 1 
ATOM   167  N  NH2 . ARG A 1 39  ? 7.147   3.790   -15.471 1.00 54.89 ? 39  ARG A NH2 1 
ATOM   168  N  N   . VAL A 1 40  ? 2.161   3.561   -8.984  1.00 15.65 ? 40  VAL A N   1 
ATOM   169  C  CA  . VAL A 1 40  ? 2.050   2.312   -8.207  1.00 10.00 ? 40  VAL A CA  1 
ATOM   170  C  C   . VAL A 1 40  ? 1.186   1.244   -8.917  1.00 12.12 ? 40  VAL A C   1 
ATOM   171  O  O   . VAL A 1 40  ? 0.284   1.571   -9.662  1.00 20.35 ? 40  VAL A O   1 
ATOM   172  C  CB  . VAL A 1 40  ? 1.469   2.618   -6.814  1.00 30.58 ? 40  VAL A CB  1 
ATOM   173  C  CG1 . VAL A 1 40  ? 1.018   1.334   -6.114  1.00 10.00 ? 40  VAL A CG1 1 
ATOM   174  C  CG2 . VAL A 1 40  ? 2.411   3.485   -5.946  1.00 10.00 ? 40  VAL A CG2 1 
ATOM   175  N  N   . ASP A 1 41  ? 1.374   -0.032  -8.644  1.00 12.37 ? 41  ASP A N   1 
ATOM   176  C  CA  . ASP A 1 41  ? 0.430   -0.968  -9.208  1.00 12.49 ? 41  ASP A CA  1 
ATOM   177  C  C   . ASP A 1 41  ? 0.692   -2.318  -8.655  1.00 10.00 ? 41  ASP A C   1 
ATOM   178  O  O   . ASP A 1 41  ? 1.504   -2.467  -7.761  1.00 10.50 ? 41  ASP A O   1 
ATOM   179  C  CB  . ASP A 1 41  ? 0.445   -1.005  -10.733 1.00 26.67 ? 41  ASP A CB  1 
ATOM   180  C  CG  . ASP A 1 41  ? 1.797   -1.457  -11.276 1.00 65.00 ? 41  ASP A CG  1 
ATOM   181  O  OD1 . ASP A 1 41  ? 2.470   -2.368  -10.818 1.00 32.49 ? 41  ASP A OD1 1 
ATOM   182  O  OD2 . ASP A 1 41  ? 2.186   -0.776  -12.324 1.00 26.70 ? 41  ASP A OD2 1 
ATOM   183  N  N   . GLY A 1 42  ? 0.111   -3.310  -9.267  1.00 10.00 ? 42  GLY A N   1 
ATOM   184  C  CA  . GLY A 1 42  ? 0.395   -4.639  -8.822  1.00 10.00 ? 42  GLY A CA  1 
ATOM   185  C  C   . GLY A 1 42  ? 0.960   -5.464  -9.976  1.00 18.55 ? 42  GLY A C   1 
ATOM   186  O  O   . GLY A 1 42  ? 0.710   -5.150  -11.137 1.00 39.25 ? 42  GLY A O   1 
ATOM   187  N  N   . VAL A 1 43  ? 1.673   -6.550  -9.614  1.00 20.49 ? 43  VAL A N   1 
ATOM   188  C  CA  . VAL A 1 43  ? 2.245   -7.522  -10.541 1.00 11.10 ? 43  VAL A CA  1 
ATOM   189  C  C   . VAL A 1 43  ? 2.263   -8.869  -9.874  1.00 23.21 ? 43  VAL A C   1 
ATOM   190  O  O   . VAL A 1 43  ? 2.206   -8.968  -8.681  1.00 10.00 ? 43  VAL A O   1 
ATOM   191  C  CB  . VAL A 1 43  ? 3.694   -7.310  -10.941 1.00 21.75 ? 43  VAL A CB  1 
ATOM   192  C  CG1 . VAL A 1 43  ? 3.828   -6.228  -11.994 1.00 26.36 ? 43  VAL A CG1 1 
ATOM   193  C  CG2 . VAL A 1 43  ? 4.547   -7.011  -9.720  1.00 16.86 ? 43  VAL A CG2 1 
ATOM   194  N  N   . ARG A 1 44  ? 2.440   -9.947  -10.586 1.00 40.78 ? 44  ARG A N   1 
ATOM   195  C  CA  . ARG A 1 44  ? 2.429   -11.164 -9.817  1.00 10.00 ? 44  ARG A CA  1 
ATOM   196  C  C   . ARG A 1 44  ? 3.757   -11.909 -9.696  1.00 10.00 ? 44  ARG A C   1 
ATOM   197  O  O   . ARG A 1 44  ? 3.835   -13.104 -9.409  1.00 50.44 ? 44  ARG A O   1 
ATOM   198  C  CB  . ARG A 1 44  ? 1.500   -12.063 -10.511 1.00 25.21 ? 44  ARG A CB  1 
ATOM   199  C  CG  . ARG A 1 44  ? 0.131   -11.460 -10.617 1.00 18.62 ? 44  ARG A CG  1 
ATOM   200  C  CD  . ARG A 1 44  ? -0.761  -12.634 -11.011 1.00 65.00 ? 44  ARG A CD  1 
ATOM   201  N  NE  . ARG A 1 44  ? -2.014  -12.703 -10.309 1.00 39.56 ? 44  ARG A NE  1 
ATOM   202  C  CZ  . ARG A 1 44  ? -3.117  -12.913 -11.009 1.00 65.00 ? 44  ARG A CZ  1 
ATOM   203  N  NH1 . ARG A 1 44  ? -3.020  -13.089 -12.358 1.00 65.00 ? 44  ARG A NH1 1 
ATOM   204  N  NH2 . ARG A 1 44  ? -4.307  -12.918 -10.373 1.00 10.47 ? 44  ARG A NH2 1 
ATOM   205  N  N   . GLU A 1 45  ? 4.794   -11.172 -9.995  1.00 50.18 ? 45  GLU A N   1 
ATOM   206  C  CA  . GLU A 1 45  ? 6.132   -11.651 -10.055 1.00 20.88 ? 45  GLU A CA  1 
ATOM   207  C  C   . GLU A 1 45  ? 6.919   -11.370 -8.786  1.00 16.64 ? 45  GLU A C   1 
ATOM   208  O  O   . GLU A 1 45  ? 7.424   -10.254 -8.603  1.00 18.08 ? 45  GLU A O   1 
ATOM   209  C  CB  . GLU A 1 45  ? 6.716   -10.744 -11.129 1.00 10.00 ? 45  GLU A CB  1 
ATOM   210  C  CG  . GLU A 1 45  ? 7.653   -11.500 -12.073 1.00 42.70 ? 45  GLU A CG  1 
ATOM   211  C  CD  . GLU A 1 45  ? 7.271   -12.930 -12.216 1.00 27.79 ? 45  GLU A CD  1 
ATOM   212  O  OE1 . GLU A 1 45  ? 7.662   -13.665 -11.194 1.00 65.00 ? 45  GLU A OE1 1 
ATOM   213  O  OE2 . GLU A 1 45  ? 6.756   -13.362 -13.239 1.00 42.67 ? 45  GLU A OE2 1 
ATOM   214  N  N   . LYS A 1 46  ? 7.091   -12.356 -7.939  1.00 32.09 ? 46  LYS A N   1 
ATOM   215  C  CA  . LYS A 1 46  ? 7.817   -12.082 -6.723  1.00 10.00 ? 46  LYS A CA  1 
ATOM   216  C  C   . LYS A 1 46  ? 9.257   -11.696 -6.989  1.00 10.00 ? 46  LYS A C   1 
ATOM   217  O  O   . LYS A 1 46  ? 9.950   -11.026 -6.224  1.00 22.29 ? 46  LYS A O   1 
ATOM   218  C  CB  . LYS A 1 46  ? 7.781   -13.265 -5.776  1.00 23.64 ? 46  LYS A CB  1 
ATOM   219  C  CG  . LYS A 1 46  ? 8.379   -14.505 -6.403  1.00 65.00 ? 46  LYS A CG  1 
ATOM   220  C  CD  . LYS A 1 46  ? 9.340   -15.228 -5.469  1.00 65.00 ? 46  LYS A CD  1 
ATOM   221  C  CE  . LYS A 1 46  ? 10.380  -16.083 -6.206  1.00 65.00 ? 46  LYS A CE  1 
ATOM   222  N  NZ  . LYS A 1 46  ? 11.753  -15.930 -5.690  1.00 61.96 ? 46  LYS A NZ  1 
ATOM   223  N  N   . SER A 1 47  ? 9.745   -12.093 -8.098  1.00 22.09 ? 47  SER A N   1 
ATOM   224  C  CA  . SER A 1 47  ? 11.104  -11.720 -8.319  1.00 14.80 ? 47  SER A CA  1 
ATOM   225  C  C   . SER A 1 47  ? 11.187  -10.242 -8.717  1.00 65.00 ? 47  SER A C   1 
ATOM   226  O  O   . SER A 1 47  ? 12.261  -9.682  -8.881  1.00 34.37 ? 47  SER A O   1 
ATOM   227  C  CB  . SER A 1 47  ? 11.709  -12.623 -9.388  1.00 65.00 ? 47  SER A CB  1 
ATOM   228  O  OG  . SER A 1 47  ? 10.689  -13.241 -10.148 1.00 62.73 ? 47  SER A OG  1 
ATOM   229  N  N   . ASP A 1 48  ? 10.080  -9.549  -8.891  1.00 35.91 ? 48  ASP A N   1 
ATOM   230  C  CA  . ASP A 1 48  ? 10.275  -8.166  -9.297  1.00 11.64 ? 48  ASP A CA  1 
ATOM   231  C  C   . ASP A 1 48  ? 10.864  -7.311  -8.177  1.00 31.52 ? 48  ASP A C   1 
ATOM   232  O  O   . ASP A 1 48  ? 10.501  -7.311  -7.002  1.00 15.15 ? 48  ASP A O   1 
ATOM   233  C  CB  . ASP A 1 48  ? 9.009   -7.519  -9.914  1.00 65.00 ? 48  ASP A CB  1 
ATOM   234  C  CG  . ASP A 1 48  ? 9.124   -6.053  -10.313 1.00 65.00 ? 48  ASP A CG  1 
ATOM   235  O  OD1 . ASP A 1 48  ? 9.592   -5.178  -9.591  1.00 29.80 ? 48  ASP A OD1 1 
ATOM   236  O  OD2 . ASP A 1 48  ? 8.499   -5.807  -11.443 1.00 45.77 ? 48  ASP A OD2 1 
ATOM   237  N  N   . PRO A 1 49  ? 11.800  -6.516  -8.570  1.00 12.73 ? 49  PRO A N   1 
ATOM   238  C  CA  . PRO A 1 49  ? 12.488  -5.669  -7.614  1.00 24.21 ? 49  PRO A CA  1 
ATOM   239  C  C   . PRO A 1 49  ? 11.621  -4.525  -7.171  1.00 24.46 ? 49  PRO A C   1 
ATOM   240  O  O   . PRO A 1 49  ? 11.646  -4.105  -6.027  1.00 29.24 ? 49  PRO A O   1 
ATOM   241  C  CB  . PRO A 1 49  ? 13.724  -5.143  -8.351  1.00 65.00 ? 49  PRO A CB  1 
ATOM   242  C  CG  . PRO A 1 49  ? 13.677  -5.702  -9.774  1.00 27.27 ? 49  PRO A CG  1 
ATOM   243  C  CD  . PRO A 1 49  ? 12.346  -6.404  -9.947  1.00 18.85 ? 49  PRO A CD  1 
ATOM   244  N  N   . HIS A 1 50  ? 10.819  -3.985  -8.063  1.00 12.19 ? 50  HIS A N   1 
ATOM   245  C  CA  . HIS A 1 50  ? 10.036  -2.915  -7.503  1.00 21.13 ? 50  HIS A CA  1 
ATOM   246  C  C   . HIS A 1 50  ? 8.999   -3.326  -6.486  1.00 10.00 ? 50  HIS A C   1 
ATOM   247  O  O   . HIS A 1 50  ? 8.160   -2.543  -6.074  1.00 17.21 ? 50  HIS A O   1 
ATOM   248  C  CB  . HIS A 1 50  ? 9.586   -1.835  -8.483  1.00 12.17 ? 50  HIS A CB  1 
ATOM   249  C  CG  . HIS A 1 50  ? 10.754  -1.287  -9.218  1.00 33.81 ? 50  HIS A CG  1 
ATOM   250  N  ND1 . HIS A 1 50  ? 11.206  -1.907  -10.378 1.00 64.62 ? 50  HIS A ND1 1 
ATOM   251  C  CD2 . HIS A 1 50  ? 11.544  -0.205  -8.948  1.00 26.02 ? 50  HIS A CD2 1 
ATOM   252  C  CE1 . HIS A 1 50  ? 12.245  -1.189  -10.791 1.00 30.09 ? 50  HIS A CE1 1 
ATOM   253  N  NE2 . HIS A 1 50  ? 12.475  -0.166  -9.956  1.00 65.00 ? 50  HIS A NE2 1 
ATOM   254  N  N   . ILE A 1 51  ? 9.033   -4.569  -6.028  1.00 17.23 ? 51  ILE A N   1 
ATOM   255  C  CA  . ILE A 1 51  ? 8.024   -4.909  -5.024  1.00 31.04 ? 51  ILE A CA  1 
ATOM   256  C  C   . ILE A 1 51  ? 8.616   -4.965  -3.638  1.00 10.00 ? 51  ILE A C   1 
ATOM   257  O  O   . ILE A 1 51  ? 7.928   -5.201  -2.653  1.00 29.27 ? 51  ILE A O   1 
ATOM   258  C  CB  . ILE A 1 51  ? 7.291   -6.204  -5.281  1.00 47.92 ? 51  ILE A CB  1 
ATOM   259  C  CG1 . ILE A 1 51  ? 8.310   -7.331  -5.321  1.00 10.00 ? 51  ILE A CG1 1 
ATOM   260  C  CG2 . ILE A 1 51  ? 6.427   -6.073  -6.514  1.00 10.00 ? 51  ILE A CG2 1 
ATOM   261  C  CD1 . ILE A 1 51  ? 7.848   -8.621  -5.979  1.00 16.80 ? 51  ILE A CD1 1 
ATOM   262  N  N   . LYS A 1 52  ? 9.936   -4.796  -3.580  1.00 40.39 ? 52  LYS A N   1 
ATOM   263  C  CA  . LYS A 1 52  ? 10.679  -4.819  -2.335  1.00 15.89 ? 52  LYS A CA  1 
ATOM   264  C  C   . LYS A 1 52  ? 10.458  -3.515  -1.580  1.00 10.00 ? 52  LYS A C   1 
ATOM   265  O  O   . LYS A 1 52  ? 10.909  -2.421  -1.975  1.00 12.23 ? 52  LYS A O   1 
ATOM   266  C  CB  . LYS A 1 52  ? 12.145  -5.075  -2.636  1.00 13.44 ? 52  LYS A CB  1 
ATOM   267  C  CG  . LYS A 1 52  ? 12.754  -6.228  -1.896  1.00 12.76 ? 52  LYS A CG  1 
ATOM   268  C  CD  . LYS A 1 52  ? 14.112  -6.627  -2.448  1.00 65.00 ? 52  LYS A CD  1 
ATOM   269  C  CE  . LYS A 1 52  ? 14.031  -7.858  -3.347  1.00 65.00 ? 52  LYS A CE  1 
ATOM   270  N  NZ  . LYS A 1 52  ? 15.215  -8.045  -4.205  1.00 65.00 ? 52  LYS A NZ  1 
ATOM   271  N  N   . LEU A 1 53  ? 9.752   -3.669  -0.490  1.00 16.61 ? 53  LEU A N   1 
ATOM   272  C  CA  . LEU A 1 53  ? 9.400   -2.559  0.394   1.00 59.91 ? 53  LEU A CA  1 
ATOM   273  C  C   . LEU A 1 53  ? 10.077  -2.647  1.721   1.00 33.81 ? 53  LEU A C   1 
ATOM   274  O  O   . LEU A 1 53  ? 10.571  -3.697  2.110   1.00 25.95 ? 53  LEU A O   1 
ATOM   275  C  CB  . LEU A 1 53  ? 7.921   -2.614  0.845   1.00 10.46 ? 53  LEU A CB  1 
ATOM   276  C  CG  . LEU A 1 53  ? 6.992   -3.052  -0.281  1.00 65.00 ? 53  LEU A CG  1 
ATOM   277  C  CD1 . LEU A 1 53  ? 5.577   -2.638  0.091   1.00 14.53 ? 53  LEU A CD1 1 
ATOM   278  C  CD2 . LEU A 1 53  ? 7.454   -2.395  -1.584  1.00 42.53 ? 53  LEU A CD2 1 
ATOM   279  N  N   . GLN A 1 54  ? 9.883   -1.532  2.392   1.00 10.14 ? 54  GLN A N   1 
ATOM   280  C  CA  . GLN A 1 54  ? 10.291  -1.151  3.722   1.00 10.87 ? 54  GLN A CA  1 
ATOM   281  C  C   . GLN A 1 54  ? 9.066   -0.561  4.409   1.00 18.56 ? 54  GLN A C   1 
ATOM   282  O  O   . GLN A 1 54  ? 8.445   0.418   3.946   1.00 20.58 ? 54  GLN A O   1 
ATOM   283  C  CB  . GLN A 1 54  ? 11.303  0.000   3.635   1.00 10.00 ? 54  GLN A CB  1 
ATOM   284  C  CG  . GLN A 1 54  ? 12.041  0.215   4.946   1.00 57.35 ? 54  GLN A CG  1 
ATOM   285  C  CD  . GLN A 1 54  ? 13.132  -0.815  4.955   1.00 65.00 ? 54  GLN A CD  1 
ATOM   286  O  OE1 . GLN A 1 54  ? 14.096  -0.716  4.161   1.00 62.34 ? 54  GLN A OE1 1 
ATOM   287  N  NE2 . GLN A 1 54  ? 12.872  -1.892  5.692   1.00 65.00 ? 54  GLN A NE2 1 
ATOM   288  N  N   . LEU A 1 55  ? 8.655   -1.195  5.461   1.00 26.13 ? 55  LEU A N   1 
ATOM   289  C  CA  . LEU A 1 55  ? 7.506   -0.674  6.148   1.00 64.67 ? 55  LEU A CA  1 
ATOM   290  C  C   . LEU A 1 55  ? 8.034   -0.143  7.453   1.00 10.00 ? 55  LEU A C   1 
ATOM   291  O  O   . LEU A 1 55  ? 8.508   -0.926  8.276   1.00 20.91 ? 55  LEU A O   1 
ATOM   292  C  CB  . LEU A 1 55  ? 6.482   -1.793  6.332   1.00 27.09 ? 55  LEU A CB  1 
ATOM   293  C  CG  . LEU A 1 55  ? 5.459   -1.780  5.212   1.00 65.00 ? 55  LEU A CG  1 
ATOM   294  C  CD1 . LEU A 1 55  ? 5.545   -3.074  4.409   1.00 32.39 ? 55  LEU A CD1 1 
ATOM   295  C  CD2 . LEU A 1 55  ? 4.067   -1.612  5.800   1.00 55.18 ? 55  LEU A CD2 1 
ATOM   296  N  N   . GLN A 1 56  ? 8.125   1.170   7.601   1.00 65.00 ? 56  GLN A N   1 
ATOM   297  C  CA  . GLN A 1 56  ? 8.669   1.637   8.853   1.00 21.86 ? 56  GLN A CA  1 
ATOM   298  C  C   . GLN A 1 56  ? 7.574   2.134   9.765   1.00 28.60 ? 56  GLN A C   1 
ATOM   299  O  O   . GLN A 1 56  ? 6.844   3.057   9.392   1.00 57.41 ? 56  GLN A O   1 
ATOM   300  C  CB  . GLN A 1 56  ? 9.717   2.727   8.677   1.00 23.09 ? 56  GLN A CB  1 
ATOM   301  C  CG  . GLN A 1 56  ? 10.503  2.587   7.369   1.00 65.00 ? 56  GLN A CG  1 
ATOM   302  C  CD  . GLN A 1 56  ? 11.127  3.903   6.885   1.00 65.00 ? 56  GLN A CD  1 
ATOM   303  O  OE1 . GLN A 1 56  ? 11.946  3.911   5.945   1.00 65.00 ? 56  GLN A OE1 1 
ATOM   304  N  NE2 . GLN A 1 56  ? 10.736  5.013   7.527   1.00 65.00 ? 56  GLN A NE2 1 
ATOM   305  N  N   . ALA A 1 57  ? 7.438   1.466   10.901  1.00 33.52 ? 57  ALA A N   1 
ATOM   306  C  CA  . ALA A 1 57  ? 6.500   1.866   11.906  1.00 36.25 ? 57  ALA A CA  1 
ATOM   307  C  C   . ALA A 1 57  ? 7.126   3.061   12.596  1.00 30.79 ? 57  ALA A C   1 
ATOM   308  O  O   . ALA A 1 57  ? 8.346   3.110   12.763  1.00 54.06 ? 57  ALA A O   1 
ATOM   309  C  CB  . ALA A 1 57  ? 6.222   0.775   12.906  1.00 65.00 ? 57  ALA A CB  1 
ATOM   310  N  N   . GLU A 1 58  ? 6.255   4.028   12.884  1.00 23.76 ? 58  GLU A N   1 
ATOM   311  C  CA  . GLU A 1 58  ? 6.596   5.328   13.421  1.00 39.83 ? 58  GLU A CA  1 
ATOM   312  C  C   . GLU A 1 58  ? 5.945   5.628   14.751  1.00 65.00 ? 58  GLU A C   1 
ATOM   313  O  O   . GLU A 1 58  ? 6.459   6.380   15.567  1.00 65.00 ? 58  GLU A O   1 
ATOM   314  C  CB  . GLU A 1 58  ? 6.464   6.433   12.346  1.00 65.00 ? 58  GLU A CB  1 
ATOM   315  C  CG  . GLU A 1 58  ? 6.883   5.922   10.945  1.00 65.00 ? 58  GLU A CG  1 
ATOM   316  C  CD  . GLU A 1 58  ? 7.631   6.906   10.114  1.00 59.49 ? 58  GLU A CD  1 
ATOM   317  O  OE1 . GLU A 1 58  ? 7.702   8.117   10.346  1.00 65.00 ? 58  GLU A OE1 1 
ATOM   318  O  OE2 . GLU A 1 58  ? 8.243   6.298   9.154   1.00 39.47 ? 58  GLU A OE2 1 
ATOM   319  N  N   . GLU A 1 59  ? 4.819   5.009   15.017  1.00 10.00 ? 59  GLU A N   1 
ATOM   320  C  CA  . GLU A 1 59  ? 4.225   5.081   16.322  1.00 10.00 ? 59  GLU A CA  1 
ATOM   321  C  C   . GLU A 1 59  ? 3.581   3.736   16.375  1.00 57.73 ? 59  GLU A C   1 
ATOM   322  O  O   . GLU A 1 59  ? 3.691   2.955   15.423  1.00 12.54 ? 59  GLU A O   1 
ATOM   323  C  CB  . GLU A 1 59  ? 3.248   6.283   16.577  1.00 65.00 ? 59  GLU A CB  1 
ATOM   324  C  CG  . GLU A 1 59  ? 1.719   6.068   16.328  1.00 24.54 ? 59  GLU A CG  1 
ATOM   325  C  CD  . GLU A 1 59  ? 0.843   7.270   16.611  1.00 31.48 ? 59  GLU A CD  1 
ATOM   326  O  OE1 . GLU A 1 59  ? 1.246   8.425   16.588  1.00 47.04 ? 59  GLU A OE1 1 
ATOM   327  O  OE2 . GLU A 1 59  ? -0.406  6.941   16.827  1.00 62.92 ? 59  GLU A OE2 1 
ATOM   328  N  N   . ARG A 1 60  ? 2.925   3.479   17.468  1.00 65.00 ? 60  ARG A N   1 
ATOM   329  C  CA  . ARG A 1 60  ? 2.227   2.240   17.521  1.00 26.33 ? 60  ARG A CA  1 
ATOM   330  C  C   . ARG A 1 60  ? 1.153   2.315   16.417  1.00 65.00 ? 60  ARG A C   1 
ATOM   331  O  O   . ARG A 1 60  ? 0.512   3.375   16.235  1.00 32.04 ? 60  ARG A O   1 
ATOM   332  C  CB  . ARG A 1 60  ? 1.624   2.187   18.900  1.00 64.89 ? 60  ARG A CB  1 
ATOM   333  C  CG  . ARG A 1 60  ? 1.190   0.797   19.275  1.00 30.74 ? 60  ARG A CG  1 
ATOM   334  C  CD  . ARG A 1 60  ? 0.286   0.866   20.491  1.00 65.00 ? 60  ARG A CD  1 
ATOM   335  N  NE  . ARG A 1 60  ? 0.832   -0.002  21.511  1.00 48.83 ? 60  ARG A NE  1 
ATOM   336  C  CZ  . ARG A 1 60  ? 0.188   -0.411  22.590  1.00 65.00 ? 60  ARG A CZ  1 
ATOM   337  N  NH1 . ARG A 1 60  ? -1.063  -0.017  22.876  1.00 52.82 ? 60  ARG A NH1 1 
ATOM   338  N  NH2 . ARG A 1 60  ? 0.833   -1.259  23.398  1.00 65.00 ? 60  ARG A NH2 1 
ATOM   339  N  N   . GLY A 1 61  ? 1.051   1.213   15.658  1.00 26.39 ? 61  GLY A N   1 
ATOM   340  C  CA  . GLY A 1 61  ? 0.120   1.024   14.554  1.00 58.25 ? 61  GLY A CA  1 
ATOM   341  C  C   . GLY A 1 61  ? 0.256   1.913   13.319  1.00 21.98 ? 61  GLY A C   1 
ATOM   342  O  O   . GLY A 1 61  ? -0.494  1.792   12.344  1.00 65.00 ? 61  GLY A O   1 
ATOM   343  N  N   . VAL A 1 62  ? 1.194   2.828   13.317  1.00 65.00 ? 62  VAL A N   1 
ATOM   344  C  CA  . VAL A 1 62  ? 1.310   3.703   12.153  1.00 65.00 ? 62  VAL A CA  1 
ATOM   345  C  C   . VAL A 1 62  ? 2.561   3.421   11.373  1.00 35.64 ? 62  VAL A C   1 
ATOM   346  O  O   . VAL A 1 62  ? 3.650   3.597   11.924  1.00 29.18 ? 62  VAL A O   1 
ATOM   347  C  CB  . VAL A 1 62  ? 1.309   5.166   12.573  1.00 27.17 ? 62  VAL A CB  1 
ATOM   348  C  CG1 . VAL A 1 62  ? 1.924   6.036   11.479  1.00 32.00 ? 62  VAL A CG1 1 
ATOM   349  C  CG2 . VAL A 1 62  ? -0.098  5.576   13.015  1.00 36.87 ? 62  VAL A CG2 1 
ATOM   350  N  N   . VAL A 1 63  ? 2.386   3.018   10.107  1.00 25.25 ? 63  VAL A N   1 
ATOM   351  C  CA  . VAL A 1 63  ? 3.531   2.710   9.265   1.00 24.61 ? 63  VAL A CA  1 
ATOM   352  C  C   . VAL A 1 63  ? 3.747   3.558   8.010   1.00 12.59 ? 63  VAL A C   1 
ATOM   353  O  O   . VAL A 1 63  ? 2.930   4.339   7.508   1.00 17.57 ? 63  VAL A O   1 
ATOM   354  C  CB  . VAL A 1 63  ? 3.486   1.265   8.801   1.00 31.23 ? 63  VAL A CB  1 
ATOM   355  C  CG1 . VAL A 1 63  ? 3.169   0.307   9.941   1.00 10.00 ? 63  VAL A CG1 1 
ATOM   356  C  CG2 . VAL A 1 63  ? 2.446   1.152   7.702   1.00 10.00 ? 63  VAL A CG2 1 
ATOM   357  N  N   . SER A 1 64  ? 4.931   3.338   7.515   1.00 23.34 ? 64  SER A N   1 
ATOM   358  C  CA  . SER A 1 64  ? 5.339   3.919   6.274   1.00 65.00 ? 64  SER A CA  1 
ATOM   359  C  C   . SER A 1 64  ? 5.912   2.789   5.445   1.00 28.82 ? 64  SER A C   1 
ATOM   360  O  O   . SER A 1 64  ? 6.732   1.984   5.872   1.00 18.83 ? 64  SER A O   1 
ATOM   361  C  CB  . SER A 1 64  ? 6.192   5.193   6.335   1.00 10.00 ? 64  SER A CB  1 
ATOM   362  O  OG  . SER A 1 64  ? 7.573   4.856   6.323   1.00 18.47 ? 64  SER A OG  1 
ATOM   363  N  N   . ILE A 1 65  ? 5.346   2.662   4.287   1.00 25.54 ? 65  ILE A N   1 
ATOM   364  C  CA  . ILE A 1 65  ? 5.766   1.674   3.338   1.00 16.83 ? 65  ILE A CA  1 
ATOM   365  C  C   . ILE A 1 65  ? 6.621   2.424   2.339   1.00 10.00 ? 65  ILE A C   1 
ATOM   366  O  O   . ILE A 1 65  ? 6.120   3.335   1.691   1.00 41.13 ? 65  ILE A O   1 
ATOM   367  C  CB  . ILE A 1 65  ? 4.503   1.341   2.598   1.00 37.75 ? 65  ILE A CB  1 
ATOM   368  C  CG1 . ILE A 1 65  ? 3.411   1.203   3.645   1.00 10.00 ? 65  ILE A CG1 1 
ATOM   369  C  CG2 . ILE A 1 65  ? 4.724   0.136   1.696   1.00 12.17 ? 65  ILE A CG2 1 
ATOM   370  C  CD1 . ILE A 1 65  ? 2.077   0.798   3.063   1.00 38.86 ? 65  ILE A CD1 1 
ATOM   371  N  N   . LYS A 1 66  ? 7.884   2.093   2.162   1.00 10.00 ? 66  LYS A N   1 
ATOM   372  C  CA  . LYS A 1 66  ? 8.652   2.833   1.173   1.00 10.00 ? 66  LYS A CA  1 
ATOM   373  C  C   . LYS A 1 66  ? 9.227   1.927   0.092   1.00 46.05 ? 66  LYS A C   1 
ATOM   374  O  O   . LYS A 1 66  ? 9.456   0.759   0.332   1.00 10.00 ? 66  LYS A O   1 
ATOM   375  C  CB  . LYS A 1 66  ? 9.750   3.608   1.877   1.00 65.00 ? 66  LYS A CB  1 
ATOM   376  C  CG  . LYS A 1 66  ? 11.128  3.182   1.421   1.00 25.09 ? 66  LYS A CG  1 
ATOM   377  C  CD  . LYS A 1 66  ? 11.862  4.285   0.682   1.00 65.00 ? 66  LYS A CD  1 
ATOM   378  C  CE  . LYS A 1 66  ? 13.272  4.474   1.224   1.00 28.52 ? 66  LYS A CE  1 
ATOM   379  N  NZ  . LYS A 1 66  ? 13.774  5.867   1.124   1.00 37.16 ? 66  LYS A NZ  1 
ATOM   380  N  N   . GLY A 1 67  ? 9.461   2.419   -1.123  1.00 11.42 ? 67  GLY A N   1 
ATOM   381  C  CA  . GLY A 1 67  ? 10.025  1.550   -2.158  1.00 17.90 ? 67  GLY A CA  1 
ATOM   382  C  C   . GLY A 1 67  ? 11.536  1.535   -2.013  1.00 12.09 ? 67  GLY A C   1 
ATOM   383  O  O   . GLY A 1 67  ? 12.172  2.602   -2.022  1.00 12.30 ? 67  GLY A O   1 
ATOM   384  N  N   . VAL A 1 68  ? 12.049  0.333   -1.731  1.00 23.03 ? 68  VAL A N   1 
ATOM   385  C  CA  . VAL A 1 68  ? 13.474  0.186   -1.465  1.00 10.00 ? 68  VAL A CA  1 
ATOM   386  C  C   . VAL A 1 68  ? 14.257  0.739   -2.653  1.00 26.63 ? 68  VAL A C   1 
ATOM   387  O  O   . VAL A 1 68  ? 15.176  1.566   -2.555  1.00 28.53 ? 68  VAL A O   1 
ATOM   388  C  CB  . VAL A 1 68  ? 13.873  -1.258  -1.102  1.00 10.00 ? 68  VAL A CB  1 
ATOM   389  C  CG1 . VAL A 1 68  ? 15.379  -1.438  -1.000  1.00 34.88 ? 68  VAL A CG1 1 
ATOM   390  C  CG2 . VAL A 1 68  ? 13.226  -1.769  0.189   1.00 17.27 ? 68  VAL A CG2 1 
ATOM   391  N  N   . CYS A 1 69  ? 13.842  0.292   -3.822  1.00 24.85 ? 69  CYS A N   1 
ATOM   392  C  CA  . CYS A 1 69  ? 14.531  0.680   -5.030  1.00 12.48 ? 69  CYS A CA  1 
ATOM   393  C  C   . CYS A 1 69  ? 14.101  2.050   -5.468  1.00 22.17 ? 69  CYS A C   1 
ATOM   394  O  O   . CYS A 1 69  ? 14.919  2.910   -5.759  1.00 32.03 ? 69  CYS A O   1 
ATOM   395  C  CB  . CYS A 1 69  ? 14.299  -0.296  -6.195  1.00 18.25 ? 69  CYS A CB  1 
ATOM   396  S  SG  . CYS A 1 69  ? 14.911  -1.989  -5.975  1.00 53.29 ? 69  CYS A SG  1 
ATOM   397  N  N   . ALA A 1 70  ? 12.799  2.230   -5.561  1.00 19.86 ? 70  ALA A N   1 
ATOM   398  C  CA  . ALA A 1 70  ? 12.370  3.525   -5.987  1.00 30.21 ? 70  ALA A CA  1 
ATOM   399  C  C   . ALA A 1 70  ? 12.792  4.587   -5.012  1.00 27.64 ? 70  ALA A C   1 
ATOM   400  O  O   . ALA A 1 70  ? 12.788  5.725   -5.386  1.00 10.00 ? 70  ALA A O   1 
ATOM   401  C  CB  . ALA A 1 70  ? 10.890  3.634   -6.207  1.00 13.35 ? 70  ALA A CB  1 
ATOM   402  N  N   . ASN A 1 71  ? 13.072  4.230   -3.768  1.00 15.56 ? 71  ASN A N   1 
ATOM   403  C  CA  . ASN A 1 71  ? 13.464  5.252   -2.850  1.00 10.55 ? 71  ASN A CA  1 
ATOM   404  C  C   . ASN A 1 71  ? 12.454  6.365   -2.766  1.00 30.36 ? 71  ASN A C   1 
ATOM   405  O  O   . ASN A 1 71  ? 12.937  7.478   -2.876  1.00 25.07 ? 71  ASN A O   1 
ATOM   406  C  CB  . ASN A 1 71  ? 14.722  5.898   -3.427  1.00 53.23 ? 71  ASN A CB  1 
ATOM   407  C  CG  . ASN A 1 71  ? 15.772  6.032   -2.390  1.00 49.87 ? 71  ASN A CG  1 
ATOM   408  O  OD1 . ASN A 1 71  ? 15.895  5.132   -1.533  1.00 63.56 ? 71  ASN A OD1 1 
ATOM   409  N  ND2 . ASN A 1 71  ? 16.472  7.166   -2.445  1.00 57.18 ? 71  ASN A ND2 1 
ATOM   410  N  N   . ARG A 1 72  ? 11.154  6.008   -2.715  1.00 36.58 ? 72  ARG A N   1 
ATOM   411  C  CA  . ARG A 1 72  ? 9.977   6.880   -2.660  1.00 54.61 ? 72  ARG A CA  1 
ATOM   412  C  C   . ARG A 1 72  ? 8.948   6.349   -1.708  1.00 10.00 ? 72  ARG A C   1 
ATOM   413  O  O   . ARG A 1 72  ? 8.799   5.168   -1.622  1.00 12.25 ? 72  ARG A O   1 
ATOM   414  C  CB  . ARG A 1 72  ? 9.248   6.929   -3.988  1.00 27.09 ? 72  ARG A CB  1 
ATOM   415  C  CG  . ARG A 1 72  ? 10.165  7.424   -5.073  1.00 58.60 ? 72  ARG A CG  1 
ATOM   416  C  CD  . ARG A 1 72  ? 9.366   7.825   -6.279  1.00 30.56 ? 72  ARG A CD  1 
ATOM   417  N  NE  . ARG A 1 72  ? 10.130  8.618   -7.226  1.00 21.18 ? 72  ARG A NE  1 
ATOM   418  C  CZ  . ARG A 1 72  ? 9.774   9.876   -7.538  1.00 65.00 ? 72  ARG A CZ  1 
ATOM   419  N  NH1 . ARG A 1 72  ? 8.711   10.475  -7.003  1.00 10.00 ? 72  ARG A NH1 1 
ATOM   420  N  NH2 . ARG A 1 72  ? 10.535  10.576  -8.404  1.00 65.00 ? 72  ARG A NH2 1 
ATOM   421  N  N   . TYR A 1 73  ? 8.182   7.218   -1.077  1.00 57.13 ? 73  TYR A N   1 
ATOM   422  C  CA  . TYR A 1 73  ? 7.166   6.803   -0.129  1.00 14.26 ? 73  TYR A CA  1 
ATOM   423  C  C   . TYR A 1 73  ? 5.777   6.844   -0.711  1.00 27.98 ? 73  TYR A C   1 
ATOM   424  O  O   . TYR A 1 73  ? 5.382   7.769   -1.411  1.00 15.22 ? 73  TYR A O   1 
ATOM   425  C  CB  . TYR A 1 73  ? 7.159   7.678   1.147   1.00 10.00 ? 73  TYR A CB  1 
ATOM   426  C  CG  . TYR A 1 73  ? 8.506   7.721   1.787   1.00 24.31 ? 73  TYR A CG  1 
ATOM   427  C  CD1 . TYR A 1 73  ? 8.926   6.670   2.605   1.00 13.90 ? 73  TYR A CD1 1 
ATOM   428  C  CD2 . TYR A 1 73  ? 9.383   8.774   1.522   1.00 13.03 ? 73  TYR A CD2 1 
ATOM   429  C  CE1 . TYR A 1 73  ? 10.194  6.657   3.190   1.00 65.00 ? 73  TYR A CE1 1 
ATOM   430  C  CE2 . TYR A 1 73  ? 10.641  8.794   2.120   1.00 62.05 ? 73  TYR A CE2 1 
ATOM   431  C  CZ  . TYR A 1 73  ? 11.053  7.725   2.928   1.00 64.34 ? 73  TYR A CZ  1 
ATOM   432  O  OH  . TYR A 1 73  ? 12.288  7.742   3.511   1.00 36.82 ? 73  TYR A OH  1 
ATOM   433  N  N   . LEU A 1 74  ? 5.006   5.867   -0.275  1.00 12.21 ? 74  LEU A N   1 
ATOM   434  C  CA  . LEU A 1 74  ? 3.621   5.716   -0.639  1.00 24.23 ? 74  LEU A CA  1 
ATOM   435  C  C   . LEU A 1 74  ? 2.827   6.800   0.009   1.00 14.15 ? 74  LEU A C   1 
ATOM   436  O  O   . LEU A 1 74  ? 2.888   7.053   1.225   1.00 19.35 ? 74  LEU A O   1 
ATOM   437  C  CB  . LEU A 1 74  ? 3.095   4.326   -0.302  1.00 11.84 ? 74  LEU A CB  1 
ATOM   438  C  CG  . LEU A 1 74  ? 1.736   4.016   -0.890  1.00 37.50 ? 74  LEU A CG  1 
ATOM   439  C  CD1 . LEU A 1 74  ? 1.915   3.835   -2.394  1.00 42.87 ? 74  LEU A CD1 1 
ATOM   440  C  CD2 . LEU A 1 74  ? 1.211   2.721   -0.258  1.00 30.97 ? 74  LEU A CD2 1 
ATOM   441  N  N   . ALA A 1 75  ? 2.092   7.432   -0.875  1.00 13.95 ? 75  ALA A N   1 
ATOM   442  C  CA  . ALA A 1 75  ? 1.293   8.545   -0.514  1.00 10.00 ? 75  ALA A CA  1 
ATOM   443  C  C   . ALA A 1 75  ? -0.114  8.473   -0.964  1.00 26.49 ? 75  ALA A C   1 
ATOM   444  O  O   . ALA A 1 75  ? -0.465  7.830   -1.922  1.00 24.73 ? 75  ALA A O   1 
ATOM   445  C  CB  . ALA A 1 75  ? 1.902   9.783   -1.102  1.00 12.69 ? 75  ALA A CB  1 
ATOM   446  N  N   . MET A 1 76  ? -0.942  9.191   -0.229  1.00 11.89 ? 76  MET A N   1 
ATOM   447  C  CA  . MET A 1 76  ? -2.323  9.225   -0.602  1.00 10.84 ? 76  MET A CA  1 
ATOM   448  C  C   . MET A 1 76  ? -2.778  10.625  -0.837  1.00 47.09 ? 76  MET A C   1 
ATOM   449  O  O   . MET A 1 76  ? -2.591  11.449  0.042   1.00 21.22 ? 76  MET A O   1 
ATOM   450  C  CB  . MET A 1 76  ? -3.199  8.500   0.420   1.00 10.00 ? 76  MET A CB  1 
ATOM   451  C  CG  . MET A 1 76  ? -4.681  8.777   0.312   1.00 15.66 ? 76  MET A CG  1 
ATOM   452  S  SD  . MET A 1 76  ? -5.730  7.291   0.258   1.00 44.43 ? 76  MET A SD  1 
ATOM   453  C  CE  . MET A 1 76  ? -5.225  6.606   -1.329  1.00 10.00 ? 76  MET A CE  1 
ATOM   454  N  N   . LYS A 1 77  ? -3.403  10.852  -1.992  1.00 24.60 ? 77  LYS A N   1 
ATOM   455  C  CA  . LYS A 1 77  ? -3.880  12.185  -2.301  1.00 47.62 ? 77  LYS A CA  1 
ATOM   456  C  C   . LYS A 1 77  ? -5.398  12.409  -2.017  1.00 62.94 ? 77  LYS A C   1 
ATOM   457  O  O   . LYS A 1 77  ? -6.244  11.499  -2.038  1.00 19.32 ? 77  LYS A O   1 
ATOM   458  C  CB  . LYS A 1 77  ? -3.345  12.692  -3.658  1.00 16.38 ? 77  LYS A CB  1 
ATOM   459  C  CG  . LYS A 1 77  ? -2.076  11.999  -4.180  1.00 38.31 ? 77  LYS A CG  1 
ATOM   460  C  CD  . LYS A 1 77  ? -0.838  12.906  -4.280  1.00 25.31 ? 77  LYS A CD  1 
ATOM   461  C  CE  . LYS A 1 77  ? -1.066  14.223  -3.522  1.00 30.11 ? 77  LYS A CE  1 
ATOM   462  N  NZ  . LYS A 1 77  ? -0.079  15.284  -3.763  1.00 48.38 ? 77  LYS A NZ  1 
ATOM   463  N  N   . GLU A 1 78  ? -5.708  13.646  -1.630  1.00 14.65 ? 78  GLU A N   1 
ATOM   464  C  CA  . GLU A 1 78  ? -7.021  14.222  -1.386  1.00 53.44 ? 78  GLU A CA  1 
ATOM   465  C  C   . GLU A 1 78  ? -8.115  13.603  -2.261  1.00 15.05 ? 78  GLU A C   1 
ATOM   466  O  O   . GLU A 1 78  ? -9.240  13.404  -1.820  1.00 45.55 ? 78  GLU A O   1 
ATOM   467  C  CB  . GLU A 1 78  ? -6.875  15.658  -1.895  1.00 13.39 ? 78  GLU A CB  1 
ATOM   468  C  CG  . GLU A 1 78  ? -7.750  16.747  -1.269  1.00 44.90 ? 78  GLU A CG  1 
ATOM   469  C  CD  . GLU A 1 78  ? -7.213  18.002  -1.902  1.00 65.00 ? 78  GLU A CD  1 
ATOM   470  O  OE1 . GLU A 1 78  ? -7.238  17.931  -3.212  1.00 48.27 ? 78  GLU A OE1 1 
ATOM   471  O  OE2 . GLU A 1 78  ? -6.614  18.885  -1.312  1.00 65.00 ? 78  GLU A OE2 1 
ATOM   472  N  N   . ASP A 1 79  ? -7.814  13.344  -3.527  1.00 38.39 ? 79  ASP A N   1 
ATOM   473  C  CA  . ASP A 1 79  ? -8.833  12.734  -4.372  1.00 40.34 ? 79  ASP A CA  1 
ATOM   474  C  C   . ASP A 1 79  ? -8.969  11.199  -4.313  1.00 63.61 ? 79  ASP A C   1 
ATOM   475  O  O   . ASP A 1 79  ? -9.809  10.597  -4.981  1.00 57.87 ? 79  ASP A O   1 
ATOM   476  C  CB  . ASP A 1 79  ? -8.852  13.256  -5.818  1.00 27.44 ? 79  ASP A CB  1 
ATOM   477  C  CG  . ASP A 1 79  ? -7.585  13.071  -6.614  1.00 26.19 ? 79  ASP A CG  1 
ATOM   478  O  OD1 . ASP A 1 79  ? -6.844  12.042  -6.252  1.00 20.89 ? 79  ASP A OD1 1 
ATOM   479  O  OD2 . ASP A 1 79  ? -7.278  13.854  -7.484  1.00 25.29 ? 79  ASP A OD2 1 
ATOM   480  N  N   . GLY A 1 80  ? -8.179  10.519  -3.497  1.00 28.74 ? 80  GLY A N   1 
ATOM   481  C  CA  . GLY A 1 80  ? -8.275  9.076   -3.465  1.00 33.99 ? 80  GLY A CA  1 
ATOM   482  C  C   . GLY A 1 80  ? -7.097  8.470   -4.235  1.00 15.64 ? 80  GLY A C   1 
ATOM   483  O  O   . GLY A 1 80  ? -6.912  7.244   -4.230  1.00 36.34 ? 80  GLY A O   1 
ATOM   484  N  N   . ARG A 1 81  ? -6.304  9.359   -4.885  1.00 17.90 ? 81  ARG A N   1 
ATOM   485  C  CA  . ARG A 1 81  ? -5.113  8.988   -5.669  1.00 54.54 ? 81  ARG A CA  1 
ATOM   486  C  C   . ARG A 1 81  ? -3.984  8.322   -4.867  1.00 32.54 ? 81  ARG A C   1 
ATOM   487  O  O   . ARG A 1 81  ? -3.629  8.770   -3.790  1.00 45.74 ? 81  ARG A O   1 
ATOM   488  C  CB  . ARG A 1 81  ? -4.555  10.144  -6.560  1.00 23.62 ? 81  ARG A CB  1 
ATOM   489  C  CG  . ARG A 1 81  ? -4.984  10.041  -8.039  1.00 19.14 ? 81  ARG A CG  1 
ATOM   490  C  CD  . ARG A 1 81  ? -4.759  11.291  -8.909  1.00 34.07 ? 81  ARG A CD  1 
ATOM   491  N  NE  . ARG A 1 81  ? -4.474  12.482  -8.131  1.00 19.68 ? 81  ARG A NE  1 
ATOM   492  C  CZ  . ARG A 1 81  ? -3.368  13.205  -8.203  1.00 65.00 ? 81  ARG A CZ  1 
ATOM   493  N  NH1 . ARG A 1 81  ? -2.395  12.948  -9.078  1.00 10.08 ? 81  ARG A NH1 1 
ATOM   494  N  NH2 . ARG A 1 81  ? -3.248  14.232  -7.360  1.00 20.09 ? 81  ARG A NH2 1 
ATOM   495  N  N   . LEU A 1 82  ? -3.390  7.265   -5.423  1.00 26.07 ? 82  LEU A N   1 
ATOM   496  C  CA  . LEU A 1 82  ? -2.269  6.583   -4.806  1.00 29.52 ? 82  LEU A CA  1 
ATOM   497  C  C   . LEU A 1 82  ? -0.988  6.742   -5.567  1.00 10.00 ? 82  LEU A C   1 
ATOM   498  O  O   . LEU A 1 82  ? -0.862  6.280   -6.694  1.00 39.55 ? 82  LEU A O   1 
ATOM   499  C  CB  . LEU A 1 82  ? -2.477  5.075   -4.662  1.00 20.85 ? 82  LEU A CB  1 
ATOM   500  C  CG  . LEU A 1 82  ? -2.560  4.554   -3.213  1.00 65.00 ? 82  LEU A CG  1 
ATOM   501  C  CD1 . LEU A 1 82  ? -2.245  3.068   -3.247  1.00 19.72 ? 82  LEU A CD1 1 
ATOM   502  C  CD2 . LEU A 1 82  ? -1.610  5.297   -2.252  1.00 21.80 ? 82  LEU A CD2 1 
ATOM   503  N  N   . LEU A 1 83  ? 0.020   7.310   -4.950  1.00 10.00 ? 83  LEU A N   1 
ATOM   504  C  CA  . LEU A 1 83  ? 1.291   7.370   -5.665  1.00 21.24 ? 83  LEU A CA  1 
ATOM   505  C  C   . LEU A 1 83  ? 2.526   7.453   -4.746  1.00 65.00 ? 83  LEU A C   1 
ATOM   506  O  O   . LEU A 1 83  ? 2.433   7.709   -3.538  1.00 17.27 ? 83  LEU A O   1 
ATOM   507  C  CB  . LEU A 1 83  ? 1.242   8.507   -6.687  1.00 51.19 ? 83  LEU A CB  1 
ATOM   508  C  CG  . LEU A 1 83  ? 0.992   9.789   -5.918  1.00 22.45 ? 83  LEU A CG  1 
ATOM   509  C  CD1 . LEU A 1 83  ? 2.331   10.371  -5.463  1.00 65.00 ? 83  LEU A CD1 1 
ATOM   510  C  CD2 . LEU A 1 83  ? 0.254   10.808  -6.760  1.00 10.00 ? 83  LEU A CD2 1 
ATOM   511  N  N   . ALA A 1 84  ? 3.723   7.234   -5.313  1.00 27.13 ? 84  ALA A N   1 
ATOM   512  C  CA  . ALA A 1 84  ? 4.913   7.288   -4.471  1.00 24.96 ? 84  ALA A CA  1 
ATOM   513  C  C   . ALA A 1 84  ? 5.710   8.587   -4.644  1.00 25.95 ? 84  ALA A C   1 
ATOM   514  O  O   . ALA A 1 84  ? 6.193   8.927   -5.716  1.00 47.34 ? 84  ALA A O   1 
ATOM   515  C  CB  . ALA A 1 84  ? 5.721   5.983   -4.451  1.00 17.66 ? 84  ALA A CB  1 
ATOM   516  N  N   . SER A 1 85  ? 5.820   9.350   -3.565  1.00 28.78 ? 85  SER A N   1 
ATOM   517  C  CA  . SER A 1 85  ? 6.492   10.624  -3.557  1.00 10.13 ? 85  SER A CA  1 
ATOM   518  C  C   . SER A 1 85  ? 7.818   10.585  -2.819  1.00 26.10 ? 85  SER A C   1 
ATOM   519  O  O   . SER A 1 85  ? 7.944   9.830   -1.842  1.00 11.20 ? 85  SER A O   1 
ATOM   520  C  CB  . SER A 1 85  ? 5.667   11.656  -2.800  1.00 13.89 ? 85  SER A CB  1 
ATOM   521  O  OG  . SER A 1 85  ? 6.496   12.789  -2.714  1.00 54.46 ? 85  SER A OG  1 
ATOM   522  N  N   . LYS A 1 86  ? 8.713   11.498  -3.236  1.00 25.10 ? 86  LYS A N   1 
ATOM   523  C  CA  . LYS A 1 86  ? 10.016  11.637  -2.604  1.00 65.00 ? 86  LYS A CA  1 
ATOM   524  C  C   . LYS A 1 86  ? 9.774   12.150  -1.183  1.00 31.45 ? 86  LYS A C   1 
ATOM   525  O  O   . LYS A 1 86  ? 10.081  11.513  -0.184  1.00 52.06 ? 86  LYS A O   1 
ATOM   526  C  CB  . LYS A 1 86  ? 11.030  12.505  -3.383  1.00 19.82 ? 86  LYS A CB  1 
ATOM   527  C  CG  . LYS A 1 86  ? 11.466  12.073  -4.787  1.00 65.00 ? 86  LYS A CG  1 
ATOM   528  C  CD  . LYS A 1 86  ? 12.924  11.579  -4.940  1.00 65.00 ? 86  LYS A CD  1 
ATOM   529  C  CE  . LYS A 1 86  ? 13.875  12.520  -5.701  1.00 65.00 ? 86  LYS A CE  1 
ATOM   530  N  NZ  . LYS A 1 86  ? 14.255  12.067  -7.056  1.00 65.00 ? 86  LYS A NZ  1 
ATOM   531  N  N   . CYS A 1 87  ? 9.095   13.292  -1.129  1.00 35.32 ? 87  CYS A N   1 
ATOM   532  C  CA  . CYS A 1 87  ? 8.704   13.983  0.091   1.00 44.85 ? 87  CYS A CA  1 
ATOM   533  C  C   . CYS A 1 87  ? 7.906   13.313  1.263   1.00 22.65 ? 87  CYS A C   1 
ATOM   534  O  O   . CYS A 1 87  ? 6.962   12.531  1.139   1.00 58.56 ? 87  CYS A O   1 
ATOM   535  C  CB  . CYS A 1 87  ? 8.638   15.509  -0.071  1.00 48.81 ? 87  CYS A CB  1 
ATOM   536  S  SG  . CYS A 1 87  ? 7.410   16.142  -1.233  1.00 48.13 ? 87  CYS A SG  1 
ATOM   537  N  N   . VAL A 1 88  ? 8.328   13.634  2.470   1.00 62.22 ? 88  VAL A N   1 
ATOM   538  C  CA  . VAL A 1 88  ? 7.700   13.118  3.664   1.00 37.95 ? 88  VAL A CA  1 
ATOM   539  C  C   . VAL A 1 88  ? 6.874   14.215  4.300   1.00 65.00 ? 88  VAL A C   1 
ATOM   540  O  O   . VAL A 1 88  ? 7.294   15.308  4.722   1.00 27.61 ? 88  VAL A O   1 
ATOM   541  C  CB  . VAL A 1 88  ? 8.683   12.478  4.624   1.00 65.00 ? 88  VAL A CB  1 
ATOM   542  C  CG1 . VAL A 1 88  ? 8.047   12.227  6.002   1.00 34.13 ? 88  VAL A CG1 1 
ATOM   543  C  CG2 . VAL A 1 88  ? 9.120   11.173  3.955   1.00 65.00 ? 88  VAL A CG2 1 
ATOM   544  N  N   . THR A 1 89  ? 5.625   13.826  4.290   1.00 64.49 ? 89  THR A N   1 
ATOM   545  C  CA  . THR A 1 89  ? 4.488   14.612  4.618   1.00 24.07 ? 89  THR A CA  1 
ATOM   546  C  C   . THR A 1 89  ? 3.551   13.718  5.353   1.00 42.73 ? 89  THR A C   1 
ATOM   547  O  O   . THR A 1 89  ? 3.826   12.521  5.342   1.00 28.62 ? 89  THR A O   1 
ATOM   548  C  CB  . THR A 1 89  ? 3.955   14.769  3.194   1.00 65.00 ? 89  THR A CB  1 
ATOM   549  O  OG1 . THR A 1 89  ? 4.507   13.707  2.382   1.00 45.87 ? 89  THR A OG1 1 
ATOM   550  C  CG2 . THR A 1 89  ? 4.402   16.147  2.715   1.00 65.00 ? 89  THR A CG2 1 
ATOM   551  N  N   . ASP A 1 90  ? 2.486   14.298  5.939   1.00 13.65 ? 90  ASP A N   1 
ATOM   552  C  CA  . ASP A 1 90  ? 1.522   13.476  6.654   1.00 53.44 ? 90  ASP A CA  1 
ATOM   553  C  C   . ASP A 1 90  ? 0.663   12.606  5.769   1.00 40.42 ? 90  ASP A C   1 
ATOM   554  O  O   . ASP A 1 90  ? -0.281  11.969  6.209   1.00 22.71 ? 90  ASP A O   1 
ATOM   555  C  CB  . ASP A 1 90  ? 0.661   14.186  7.717   1.00 65.00 ? 90  ASP A CB  1 
ATOM   556  C  CG  . ASP A 1 90  ? 1.027   15.619  8.013   1.00 65.00 ? 90  ASP A CG  1 
ATOM   557  O  OD1 . ASP A 1 90  ? 0.423   16.470  7.182   1.00 65.00 ? 90  ASP A OD1 1 
ATOM   558  O  OD2 . ASP A 1 90  ? 1.715   15.933  8.993   1.00 65.00 ? 90  ASP A OD2 1 
ATOM   559  N  N   . GLU A 1 91  ? 0.945   12.585  4.483   1.00 19.67 ? 91  GLU A N   1 
ATOM   560  C  CA  . GLU A 1 91  ? 0.159   11.737  3.621   1.00 17.58 ? 91  GLU A CA  1 
ATOM   561  C  C   . GLU A 1 91  ? 0.964   10.502  3.425   1.00 18.59 ? 91  GLU A C   1 
ATOM   562  O  O   . GLU A 1 91  ? 0.416   9.593   2.832   1.00 24.43 ? 91  GLU A O   1 
ATOM   563  C  CB  . GLU A 1 91  ? -0.387  12.296  2.274   1.00 20.40 ? 91  GLU A CB  1 
ATOM   564  C  CG  . GLU A 1 91  ? -0.842  13.778  2.299   1.00 42.52 ? 91  GLU A CG  1 
ATOM   565  C  CD  . GLU A 1 91  ? -1.253  14.333  0.939   1.00 27.43 ? 91  GLU A CD  1 
ATOM   566  O  OE1 . GLU A 1 91  ? -0.539  13.895  -0.081  1.00 39.62 ? 91  GLU A OE1 1 
ATOM   567  O  OE2 . GLU A 1 91  ? -2.187  15.104  0.778   1.00 39.30 ? 91  GLU A OE2 1 
ATOM   568  N  N   . CYS A 1 92  ? 2.254   10.501  3.898   1.00 10.95 ? 92  CYS A N   1 
ATOM   569  C  CA  . CYS A 1 92  ? 3.076   9.297   3.783   1.00 25.25 ? 92  CYS A CA  1 
ATOM   570  C  C   . CYS A 1 92  ? 2.532   8.297   4.814   1.00 29.66 ? 92  CYS A C   1 
ATOM   571  O  O   . CYS A 1 92  ? 3.030   7.187   4.944   1.00 14.18 ? 92  CYS A O   1 
ATOM   572  C  CB  . CYS A 1 92  ? 4.655   9.511   3.886   1.00 18.25 ? 92  CYS A CB  1 
ATOM   573  S  SG  A CYS A 1 92  ? 5.433   10.014  5.500   0.50 16.59 ? 92  CYS A SG  1 
ATOM   574  S  SG  B CYS A 1 92  ? 5.220   11.133  3.396   0.50 27.06 ? 92  CYS A SG  1 
ATOM   575  N  N   . PHE A 1 93  ? 1.502   8.654   5.614   1.00 23.98 ? 93  PHE A N   1 
ATOM   576  C  CA  . PHE A 1 93  ? 1.130   7.747   6.752   1.00 19.47 ? 93  PHE A CA  1 
ATOM   577  C  C   . PHE A 1 93  ? -0.200  6.985   6.655   1.00 14.68 ? 93  PHE A C   1 
ATOM   578  O  O   . PHE A 1 93  ? -1.204  7.610   6.311   1.00 27.88 ? 93  PHE A O   1 
ATOM   579  C  CB  . PHE A 1 93  ? 1.181   8.422   8.194   1.00 10.00 ? 93  PHE A CB  1 
ATOM   580  C  CG  . PHE A 1 93  ? 2.418   9.175   8.573   1.00 41.42 ? 93  PHE A CG  1 
ATOM   581  C  CD1 . PHE A 1 93  ? 3.579   8.523   9.003   1.00 56.80 ? 93  PHE A CD1 1 
ATOM   582  C  CD2 . PHE A 1 93  ? 2.456   10.562  8.448   1.00 65.00 ? 93  PHE A CD2 1 
ATOM   583  C  CE1 . PHE A 1 93  ? 4.736   9.253   9.295   1.00 65.00 ? 93  PHE A CE1 1 
ATOM   584  C  CE2 . PHE A 1 93  ? 3.593   11.317  8.756   1.00 65.00 ? 93  PHE A CE2 1 
ATOM   585  C  CZ  . PHE A 1 93  ? 4.738   10.646  9.180   1.00 64.20 ? 93  PHE A CZ  1 
ATOM   586  N  N   . PHE A 1 94  ? -0.137  5.727   7.178   1.00 10.00 ? 94  PHE A N   1 
ATOM   587  C  CA  . PHE A 1 94  ? -1.136  4.648   7.258   1.00 15.33 ? 94  PHE A CA  1 
ATOM   588  C  C   . PHE A 1 94  ? -1.223  3.841   8.578   1.00 65.00 ? 94  PHE A C   1 
ATOM   589  O  O   . PHE A 1 94  ? -0.314  3.089   8.990   1.00 27.28 ? 94  PHE A O   1 
ATOM   590  C  CB  . PHE A 1 94  ? -0.952  3.577   6.125   1.00 10.00 ? 94  PHE A CB  1 
ATOM   591  C  CG  . PHE A 1 94  ? -0.817  4.250   4.751   1.00 12.89 ? 94  PHE A CG  1 
ATOM   592  C  CD1 . PHE A 1 94  ? 0.361   4.895   4.373   1.00 10.00 ? 94  PHE A CD1 1 
ATOM   593  C  CD2 . PHE A 1 94  ? -1.905  4.336   3.876   1.00 10.00 ? 94  PHE A CD2 1 
ATOM   594  C  CE1 . PHE A 1 94  ? 0.512   5.628   3.185   1.00 13.47 ? 94  PHE A CE1 1 
ATOM   595  C  CE2 . PHE A 1 94  ? -1.763  5.032   2.670   1.00 31.04 ? 94  PHE A CE2 1 
ATOM   596  C  CZ  . PHE A 1 94  ? -0.574  5.669   2.314   1.00 13.23 ? 94  PHE A CZ  1 
ATOM   597  N  N   . PHE A 1 95  ? -2.375  3.936   9.247   1.00 13.41 ? 95  PHE A N   1 
ATOM   598  C  CA  . PHE A 1 95  ? -2.608  3.066   10.376  1.00 37.76 ? 95  PHE A CA  1 
ATOM   599  C  C   . PHE A 1 95  ? -2.616  1.667   9.849   1.00 25.95 ? 95  PHE A C   1 
ATOM   600  O  O   . PHE A 1 95  ? -3.468  1.302   9.035   1.00 37.61 ? 95  PHE A O   1 
ATOM   601  C  CB  . PHE A 1 95  ? -4.063  3.119   10.753  1.00 33.59 ? 95  PHE A CB  1 
ATOM   602  C  CG  . PHE A 1 95  ? -4.260  4.423   11.336  1.00 25.75 ? 95  PHE A CG  1 
ATOM   603  C  CD1 . PHE A 1 95  ? -3.645  4.679   12.557  1.00 10.00 ? 95  PHE A CD1 1 
ATOM   604  C  CD2 . PHE A 1 95  ? -5.047  5.368   10.679  1.00 13.70 ? 95  PHE A CD2 1 
ATOM   605  C  CE1 . PHE A 1 95  ? -3.851  5.916   13.161  1.00 10.00 ? 95  PHE A CE1 1 
ATOM   606  C  CE2 . PHE A 1 95  ? -5.207  6.629   11.247  1.00 27.42 ? 95  PHE A CE2 1 
ATOM   607  C  CZ  . PHE A 1 95  ? -4.626  6.871   12.498  1.00 26.95 ? 95  PHE A CZ  1 
ATOM   608  N  N   . GLU A 1 96  ? -1.752  0.849   10.355  1.00 22.81 ? 96  GLU A N   1 
ATOM   609  C  CA  . GLU A 1 96  ? -1.763  -0.515  9.878   1.00 32.74 ? 96  GLU A CA  1 
ATOM   610  C  C   . GLU A 1 96  ? -2.770  -1.318  10.698  1.00 21.85 ? 96  GLU A C   1 
ATOM   611  O  O   . GLU A 1 96  ? -3.278  -0.822  11.681  1.00 29.78 ? 96  GLU A O   1 
ATOM   612  C  CB  . GLU A 1 96  ? -0.329  -1.051  9.975   1.00 18.71 ? 96  GLU A CB  1 
ATOM   613  C  CG  . GLU A 1 96  ? -0.187  -2.485  9.460   1.00 49.98 ? 96  GLU A CG  1 
ATOM   614  C  CD  . GLU A 1 96  ? 1.219   -2.911  9.757   1.00 65.00 ? 96  GLU A CD  1 
ATOM   615  O  OE1 . GLU A 1 96  ? 1.824   -2.388  10.692  1.00 53.54 ? 96  GLU A OE1 1 
ATOM   616  O  OE2 . GLU A 1 96  ? 1.719   -3.789  8.877   1.00 44.52 ? 96  GLU A OE2 1 
ATOM   617  N  N   . ARG A 1 97  ? -3.134  -2.530  10.322  1.00 41.48 ? 97  ARG A N   1 
ATOM   618  C  CA  . ARG A 1 97  ? -4.129  -3.225  11.145  1.00 10.84 ? 97  ARG A CA  1 
ATOM   619  C  C   . ARG A 1 97  ? -4.312  -4.707  10.821  1.00 43.46 ? 97  ARG A C   1 
ATOM   620  O  O   . ARG A 1 97  ? -4.588  -5.022  9.669   1.00 15.83 ? 97  ARG A O   1 
ATOM   621  C  CB  . ARG A 1 97  ? -5.477  -2.492  11.100  1.00 65.00 ? 97  ARG A CB  1 
ATOM   622  C  CG  . ARG A 1 97  ? -6.470  -3.030  12.123  1.00 14.45 ? 97  ARG A CG  1 
ATOM   623  C  CD  . ARG A 1 97  ? -7.851  -2.377  12.086  1.00 51.48 ? 97  ARG A CD  1 
ATOM   624  N  NE  . ARG A 1 97  ? -8.955  -3.292  11.712  1.00 25.00 ? 97  ARG A NE  1 
ATOM   625  C  CZ  . ARG A 1 97  ? -9.748  -3.907  12.631  1.00 65.00 ? 97  ARG A CZ  1 
ATOM   626  N  NH1 . ARG A 1 97  ? -9.582  -3.724  13.953  1.00 43.92 ? 97  ARG A NH1 1 
ATOM   627  N  NH2 . ARG A 1 97  ? -10.732 -4.722  12.215  1.00 17.95 ? 97  ARG A NH2 1 
ATOM   628  N  N   . LEU A 1 98  ? -4.170  -5.603  11.814  1.00 13.64 ? 98  LEU A N   1 
ATOM   629  C  CA  . LEU A 1 98  ? -4.389  -7.049  11.627  1.00 23.55 ? 98  LEU A CA  1 
ATOM   630  C  C   . LEU A 1 98  ? -5.873  -7.356  11.742  1.00 46.72 ? 98  LEU A C   1 
ATOM   631  O  O   . LEU A 1 98  ? -6.542  -7.268  12.789  1.00 16.01 ? 98  LEU A O   1 
ATOM   632  C  CB  . LEU A 1 98  ? -3.550  -7.977  12.544  1.00 33.71 ? 98  LEU A CB  1 
ATOM   633  C  CG  . LEU A 1 98  ? -3.679  -9.486  12.335  1.00 36.32 ? 98  LEU A CG  1 
ATOM   634  C  CD1 . LEU A 1 98  ? -2.856  -9.930  11.126  1.00 19.14 ? 98  LEU A CD1 1 
ATOM   635  C  CD2 . LEU A 1 98  ? -3.163  -10.189 13.602  1.00 11.16 ? 98  LEU A CD2 1 
ATOM   636  N  N   . GLU A 1 99  ? -6.410  -7.686  10.595  1.00 10.00 ? 99  GLU A N   1 
ATOM   637  C  CA  . GLU A 1 99  ? -7.829  -7.961  10.565  1.00 10.00 ? 99  GLU A CA  1 
ATOM   638  C  C   . GLU A 1 99  ? -8.163  -9.248  11.270  1.00 47.03 ? 99  GLU A C   1 
ATOM   639  O  O   . GLU A 1 99  ? -7.321  -10.144 11.466  1.00 10.85 ? 99  GLU A O   1 
ATOM   640  C  CB  . GLU A 1 99  ? -8.342  -8.053  9.129   1.00 10.63 ? 99  GLU A CB  1 
ATOM   641  C  CG  . GLU A 1 99  ? -8.509  -6.661  8.496   1.00 31.56 ? 99  GLU A CG  1 
ATOM   642  C  CD  . GLU A 1 99  ? -8.953  -5.619  9.506   1.00 30.91 ? 99  GLU A CD  1 
ATOM   643  O  OE1 . GLU A 1 99  ? -9.635  -5.846  10.490  1.00 27.09 ? 99  GLU A OE1 1 
ATOM   644  O  OE2 . GLU A 1 99  ? -8.585  -4.420  9.165   1.00 31.73 ? 99  GLU A OE2 1 
ATOM   645  N  N   . SER A 1 100 ? -9.425  -9.338  11.608  1.00 26.50 ? 100 SER A N   1 
ATOM   646  C  CA  . SER A 1 100 ? -9.889  -10.520 12.236  1.00 30.69 ? 100 SER A CA  1 
ATOM   647  C  C   . SER A 1 100 ? -9.536  -11.767 11.443  1.00 23.63 ? 100 SER A C   1 
ATOM   648  O  O   . SER A 1 100 ? -9.200  -12.798 12.024  1.00 19.02 ? 100 SER A O   1 
ATOM   649  C  CB  . SER A 1 100 ? -11.351 -10.442 12.532  1.00 23.24 ? 100 SER A CB  1 
ATOM   650  O  OG  . SER A 1 100 ? -11.996 -11.305 11.626  1.00 50.42 ? 100 SER A OG  1 
ATOM   651  N  N   . ASN A 1 101 ? -9.415  -11.624 10.114  1.00 15.33 ? 101 ASN A N   1 
ATOM   652  C  CA  . ASN A 1 101 ? -9.071  -12.756 9.231   1.00 11.37 ? 101 ASN A CA  1 
ATOM   653  C  C   . ASN A 1 101 ? -7.573  -12.929 9.033   1.00 65.00 ? 101 ASN A C   1 
ATOM   654  O  O   . ASN A 1 101 ? -7.161  -13.636 8.121   1.00 26.31 ? 101 ASN A O   1 
ATOM   655  C  CB  . ASN A 1 101 ? -9.597  -12.446 7.806   1.00 65.00 ? 101 ASN A CB  1 
ATOM   656  C  CG  . ASN A 1 101 ? -9.377  -10.979 7.450   1.00 28.71 ? 101 ASN A CG  1 
ATOM   657  O  OD1 . ASN A 1 101 ? -8.290  -10.394 7.671   1.00 24.30 ? 101 ASN A OD1 1 
ATOM   658  N  ND2 . ASN A 1 101 ? -10.421 -10.359 6.903   1.00 57.84 ? 101 ASN A ND2 1 
ATOM   659  N  N   . ASN A 1 102 ? -6.776  -12.172 9.769   1.00 10.00 ? 102 ASN A N   1 
ATOM   660  C  CA  . ASN A 1 102 ? -5.335  -12.223 9.597   1.00 46.27 ? 102 ASN A CA  1 
ATOM   661  C  C   . ASN A 1 102 ? -4.680  -11.689 8.317   1.00 10.03 ? 102 ASN A C   1 
ATOM   662  O  O   . ASN A 1 102 ? -3.591  -12.149 7.864   1.00 13.68 ? 102 ASN A O   1 
ATOM   663  C  CB  . ASN A 1 102 ? -4.738  -13.531 10.128  1.00 23.15 ? 102 ASN A CB  1 
ATOM   664  C  CG  . ASN A 1 102 ? -4.923  -13.614 11.622  1.00 10.00 ? 102 ASN A CG  1 
ATOM   665  O  OD1 . ASN A 1 102 ? -5.518  -12.720 12.243  1.00 42.21 ? 102 ASN A OD1 1 
ATOM   666  N  ND2 . ASN A 1 102 ? -4.431  -14.709 12.168  1.00 20.37 ? 102 ASN A ND2 1 
ATOM   667  N  N   . TYR A 1 103 ? -5.357  -10.685 7.752   1.00 25.47 ? 103 TYR A N   1 
ATOM   668  C  CA  . TYR A 1 103 ? -4.830  -9.897  6.636   1.00 10.00 ? 103 TYR A CA  1 
ATOM   669  C  C   . TYR A 1 103 ? -4.806  -8.566  7.254   1.00 10.00 ? 103 TYR A C   1 
ATOM   670  O  O   . TYR A 1 103 ? -5.568  -8.326  8.194   1.00 26.92 ? 103 TYR A O   1 
ATOM   671  C  CB  . TYR A 1 103 ? -5.611  -9.745  5.327   1.00 17.88 ? 103 TYR A CB  1 
ATOM   672  C  CG  . TYR A 1 103 ? -5.477  -10.993 4.535   1.00 25.80 ? 103 TYR A CG  1 
ATOM   673  C  CD1 . TYR A 1 103 ? -4.393  -11.317 3.709   1.00 65.00 ? 103 TYR A CD1 1 
ATOM   674  C  CD2 . TYR A 1 103 ? -6.554  -11.864 4.634   1.00 10.00 ? 103 TYR A CD2 1 
ATOM   675  C  CE1 . TYR A 1 103 ? -4.380  -12.537 3.041   1.00 10.00 ? 103 TYR A CE1 1 
ATOM   676  C  CE2 . TYR A 1 103 ? -6.466  -13.147 4.116   1.00 17.79 ? 103 TYR A CE2 1 
ATOM   677  C  CZ  . TYR A 1 103 ? -5.428  -13.444 3.243   1.00 65.00 ? 103 TYR A CZ  1 
ATOM   678  O  OH  . TYR A 1 103 ? -5.468  -14.669 2.628   1.00 49.51 ? 103 TYR A OH  1 
ATOM   679  N  N   . ASN A 1 104 ? -3.913  -7.785  6.689   1.00 21.40 ? 104 ASN A N   1 
ATOM   680  C  CA  . ASN A 1 104 ? -3.480  -6.479  7.111   1.00 10.00 ? 104 ASN A CA  1 
ATOM   681  C  C   . ASN A 1 104 ? -4.071  -5.364  6.285   1.00 22.30 ? 104 ASN A C   1 
ATOM   682  O  O   . ASN A 1 104 ? -4.449  -5.585  5.128   1.00 16.19 ? 104 ASN A O   1 
ATOM   683  C  CB  . ASN A 1 104 ? -1.954  -6.512  6.898   1.00 32.36 ? 104 ASN A CB  1 
ATOM   684  C  CG  . ASN A 1 104 ? -1.179  -6.848  8.186   1.00 50.12 ? 104 ASN A CG  1 
ATOM   685  O  OD1 . ASN A 1 104 ? -0.245  -7.653  8.203   1.00 39.47 ? 104 ASN A OD1 1 
ATOM   686  N  ND2 . ASN A 1 104 ? -1.526  -6.190  9.289   1.00 14.83 ? 104 ASN A ND2 1 
ATOM   687  N  N   . THR A 1 105 ? -4.143  -4.162  6.882   1.00 37.46 ? 105 THR A N   1 
ATOM   688  C  CA  . THR A 1 105 ? -4.726  -3.029  6.167   1.00 10.00 ? 105 THR A CA  1 
ATOM   689  C  C   . THR A 1 105 ? -4.140  -1.711  6.509   1.00 28.55 ? 105 THR A C   1 
ATOM   690  O  O   . THR A 1 105 ? -3.883  -1.388  7.667   1.00 21.93 ? 105 THR A O   1 
ATOM   691  C  CB  . THR A 1 105 ? -6.272  -2.946  6.145   1.00 53.22 ? 105 THR A CB  1 
ATOM   692  O  OG1 . THR A 1 105 ? -6.797  -2.404  7.345   1.00 11.13 ? 105 THR A OG1 1 
ATOM   693  C  CG2 . THR A 1 105 ? -6.841  -4.323  5.892   1.00 10.15 ? 105 THR A CG2 1 
ATOM   694  N  N   . TYR A 1 106 ? -4.042  -0.957  5.426   1.00 10.00 ? 106 TYR A N   1 
ATOM   695  C  CA  . TYR A 1 106 ? -3.434  0.337   5.443   1.00 20.07 ? 106 TYR A CA  1 
ATOM   696  C  C   . TYR A 1 106 ? -4.409  1.364   4.997   1.00 10.08 ? 106 TYR A C   1 
ATOM   697  O  O   . TYR A 1 106 ? -4.934  1.417   3.903   1.00 14.31 ? 106 TYR A O   1 
ATOM   698  C  CB  . TYR A 1 106 ? -2.210  0.163   4.543   1.00 11.51 ? 106 TYR A CB  1 
ATOM   699  C  CG  . TYR A 1 106 ? -1.443  -1.102  4.960   1.00 10.21 ? 106 TYR A CG  1 
ATOM   700  C  CD1 . TYR A 1 106 ? -0.476  -0.973  5.955   1.00 44.41 ? 106 TYR A CD1 1 
ATOM   701  C  CD2 . TYR A 1 106 ? -1.530  -2.325  4.289   1.00 20.70 ? 106 TYR A CD2 1 
ATOM   702  C  CE1 . TYR A 1 106 ? 0.373   -2.020  6.308   1.00 10.00 ? 106 TYR A CE1 1 
ATOM   703  C  CE2 . TYR A 1 106 ? -0.767  -3.414  4.704   1.00 32.68 ? 106 TYR A CE2 1 
ATOM   704  C  CZ  . TYR A 1 106 ? 0.182   -3.261  5.713   1.00 18.66 ? 106 TYR A CZ  1 
ATOM   705  O  OH  . TYR A 1 106 ? 0.919   -4.329  6.140   1.00 10.21 ? 106 TYR A OH  1 
ATOM   706  N  N   . ARG A 1 107 ? -4.795  2.124   5.945   1.00 22.64 ? 107 ARG A N   1 
ATOM   707  C  CA  . ARG A 1 107 ? -5.791  3.063   5.647   1.00 10.00 ? 107 ARG A CA  1 
ATOM   708  C  C   . ARG A 1 107 ? -5.102  4.326   5.916   1.00 54.72 ? 107 ARG A C   1 
ATOM   709  O  O   . ARG A 1 107 ? -4.217  4.328   6.766   1.00 44.15 ? 107 ARG A O   1 
ATOM   710  C  CB  . ARG A 1 107 ? -6.858  2.912   6.680   1.00 20.57 ? 107 ARG A CB  1 
ATOM   711  C  CG  . ARG A 1 107 ? -7.920  3.997   6.637   1.00 16.22 ? 107 ARG A CG  1 
ATOM   712  C  CD  . ARG A 1 107 ? -9.088  3.441   7.457   1.00 10.00 ? 107 ARG A CD  1 
ATOM   713  N  NE  . ARG A 1 107 ? -8.740  3.292   8.906   1.00 24.78 ? 107 ARG A NE  1 
ATOM   714  C  CZ  . ARG A 1 107 ? -8.515  4.357   9.712   1.00 10.00 ? 107 ARG A CZ  1 
ATOM   715  N  NH1 . ARG A 1 107 ? -8.569  5.625   9.242   1.00 42.95 ? 107 ARG A NH1 1 
ATOM   716  N  NH2 . ARG A 1 107 ? -8.204  4.162   11.000  1.00 13.87 ? 107 ARG A NH2 1 
ATOM   717  N  N   . SER A 1 108 ? -5.529  5.344   5.205   1.00 15.28 ? 108 SER A N   1 
ATOM   718  C  CA  . SER A 1 108 ? -4.908  6.611   5.327   1.00 10.01 ? 108 SER A CA  1 
ATOM   719  C  C   . SER A 1 108 ? -5.053  7.354   6.647   1.00 10.61 ? 108 SER A C   1 
ATOM   720  O  O   . SER A 1 108 ? -6.144  7.602   7.157   1.00 10.29 ? 108 SER A O   1 
ATOM   721  C  CB  . SER A 1 108 ? -5.270  7.522   4.202   1.00 10.00 ? 108 SER A CB  1 
ATOM   722  O  OG  . SER A 1 108 ? -4.450  8.669   4.321   1.00 12.19 ? 108 SER A OG  1 
ATOM   723  N  N   . ARG A 1 109 ? -3.914  7.702   7.218   1.00 15.57 ? 109 ARG A N   1 
ATOM   724  C  CA  . ARG A 1 109 ? -3.889  8.491   8.414   1.00 18.67 ? 109 ARG A CA  1 
ATOM   725  C  C   . ARG A 1 109 ? -4.485  9.857   8.096   1.00 22.61 ? 109 ARG A C   1 
ATOM   726  O  O   . ARG A 1 109 ? -5.134  10.514  8.903   1.00 10.00 ? 109 ARG A O   1 
ATOM   727  C  CB  . ARG A 1 109 ? -2.509  8.543   9.063   1.00 20.27 ? 109 ARG A CB  1 
ATOM   728  C  CG  . ARG A 1 109 ? -2.517  9.100   10.508  1.00 43.81 ? 109 ARG A CG  1 
ATOM   729  C  CD  . ARG A 1 109 ? -1.150  9.574   11.094  1.00 17.25 ? 109 ARG A CD  1 
ATOM   730  N  NE  . ARG A 1 109 ? -1.310  10.345  12.335  1.00 20.70 ? 109 ARG A NE  1 
ATOM   731  C  CZ  . ARG A 1 109 ? -0.865  11.578  12.653  1.00 65.00 ? 109 ARG A CZ  1 
ATOM   732  N  NH1 . ARG A 1 109 ? -0.123  12.357  11.834  1.00 34.52 ? 109 ARG A NH1 1 
ATOM   733  N  NH2 . ARG A 1 109 ? -1.218  12.022  13.874  1.00 13.72 ? 109 ARG A NH2 1 
ATOM   734  N  N   . LYS A 1 110 ? -4.276  10.331  6.883   1.00 12.92 ? 110 LYS A N   1 
ATOM   735  C  CA  . LYS A 1 110 ? -4.832  11.647  6.567   1.00 30.43 ? 110 LYS A CA  1 
ATOM   736  C  C   . LYS A 1 110 ? -6.292  11.616  6.086   1.00 26.72 ? 110 LYS A C   1 
ATOM   737  O  O   . LYS A 1 110 ? -7.149  12.337  6.597   1.00 27.94 ? 110 LYS A O   1 
ATOM   738  C  CB  . LYS A 1 110 ? -3.973  12.352  5.551   1.00 22.28 ? 110 LYS A CB  1 
ATOM   739  C  CG  . LYS A 1 110 ? -3.926  13.842  5.820   1.00 32.45 ? 110 LYS A CG  1 
ATOM   740  C  CD  . LYS A 1 110 ? -3.834  14.665  4.549   1.00 48.20 ? 110 LYS A CD  1 
ATOM   741  C  CE  . LYS A 1 110 ? -3.691  16.147  4.830   1.00 45.34 ? 110 LYS A CE  1 
ATOM   742  N  NZ  . LYS A 1 110 ? -2.452  16.752  4.277   1.00 52.33 ? 110 LYS A NZ  1 
ATOM   743  N  N   . TYR A 1 111 ? -6.568  10.744  5.133   1.00 43.98 ? 111 TYR A N   1 
ATOM   744  C  CA  . TYR A 1 111 ? -7.847  10.577  4.525   1.00 10.00 ? 111 TYR A CA  1 
ATOM   745  C  C   . TYR A 1 111 ? -8.533  9.385   5.124   1.00 21.65 ? 111 TYR A C   1 
ATOM   746  O  O   . TYR A 1 111 ? -8.749  8.295   4.588   1.00 17.74 ? 111 TYR A O   1 
ATOM   747  C  CB  . TYR A 1 111 ? -7.578  10.578  3.037   1.00 10.00 ? 111 TYR A CB  1 
ATOM   748  C  CG  . TYR A 1 111 ? -6.831  11.820  2.596   1.00 30.41 ? 111 TYR A CG  1 
ATOM   749  C  CD1 . TYR A 1 111 ? -7.393  13.091  2.714   1.00 22.06 ? 111 TYR A CD1 1 
ATOM   750  C  CD2 . TYR A 1 111 ? -5.579  11.716  1.986   1.00 24.01 ? 111 TYR A CD2 1 
ATOM   751  C  CE1 . TYR A 1 111 ? -6.712  14.231  2.262   1.00 24.83 ? 111 TYR A CE1 1 
ATOM   752  C  CE2 . TYR A 1 111 ? -4.861  12.840  1.554   1.00 10.00 ? 111 TYR A CE2 1 
ATOM   753  C  CZ  . TYR A 1 111 ? -5.433  14.102  1.718   1.00 65.00 ? 111 TYR A CZ  1 
ATOM   754  O  OH  . TYR A 1 111 ? -4.745  15.204  1.303   1.00 22.71 ? 111 TYR A OH  1 
ATOM   755  N  N   . THR A 1 112 ? -8.786  9.657   6.375   1.00 30.25 ? 112 THR A N   1 
ATOM   756  C  CA  . THR A 1 112 ? -9.312  8.737   7.329   1.00 37.79 ? 112 THR A CA  1 
ATOM   757  C  C   . THR A 1 112 ? -10.069 7.561   6.882   1.00 49.63 ? 112 THR A C   1 
ATOM   758  O  O   . THR A 1 112 ? -10.014 6.459   7.424   1.00 58.19 ? 112 THR A O   1 
ATOM   759  C  CB  . THR A 1 112 ? -9.181  9.016   8.832   1.00 65.00 ? 112 THR A CB  1 
ATOM   760  O  OG1 . THR A 1 112 ? -10.251 9.859   9.208   1.00 65.00 ? 112 THR A OG1 1 
ATOM   761  C  CG2 . THR A 1 112 ? -7.817  9.668   9.159   1.00 17.36 ? 112 THR A CG2 1 
ATOM   762  N  N   . SER A 1 113 ? -10.766 7.822   5.825   1.00 47.63 ? 113 SER A N   1 
ATOM   763  C  CA  . SER A 1 113 ? -11.572 6.752   5.358   1.00 29.13 ? 113 SER A CA  1 
ATOM   764  C  C   . SER A 1 113 ? -10.919 5.994   4.247   1.00 36.15 ? 113 SER A C   1 
ATOM   765  O  O   . SER A 1 113 ? -11.500 5.012   3.888   1.00 16.18 ? 113 SER A O   1 
ATOM   766  C  CB  . SER A 1 113 ? -12.898 7.301   4.898   1.00 65.00 ? 113 SER A CB  1 
ATOM   767  O  OG  . SER A 1 113 ? -13.811 7.058   5.932   1.00 22.79 ? 113 SER A OG  1 
ATOM   768  N  N   . TRP A 1 114 ? -9.758  6.404   3.721   1.00 63.39 ? 114 TRP A N   1 
ATOM   769  C  CA  . TRP A 1 114 ? -9.177  5.718   2.576   1.00 10.00 ? 114 TRP A CA  1 
ATOM   770  C  C   . TRP A 1 114 ? -8.204  4.569   2.785   1.00 42.30 ? 114 TRP A C   1 
ATOM   771  O  O   . TRP A 1 114 ? -7.350  4.654   3.655   1.00 26.23 ? 114 TRP A O   1 
ATOM   772  C  CB  . TRP A 1 114 ? -8.863  6.698   1.472   1.00 16.89 ? 114 TRP A CB  1 
ATOM   773  C  CG  . TRP A 1 114 ? -10.101 7.471   1.138   1.00 65.00 ? 114 TRP A CG  1 
ATOM   774  C  CD1 . TRP A 1 114 ? -11.383 7.148   1.448   1.00 65.00 ? 114 TRP A CD1 1 
ATOM   775  C  CD2 . TRP A 1 114 ? -10.178 8.694   0.423   1.00 34.29 ? 114 TRP A CD2 1 
ATOM   776  N  NE1 . TRP A 1 114 ? -12.264 8.058   0.909   1.00 15.73 ? 114 TRP A NE1 1 
ATOM   777  C  CE2 . TRP A 1 114 ? -11.547 9.020   0.280   1.00 14.77 ? 114 TRP A CE2 1 
ATOM   778  C  CE3 . TRP A 1 114 ? -9.202  9.470   -0.181  1.00 50.12 ? 114 TRP A CE3 1 
ATOM   779  C  CZ2 . TRP A 1 114 ? -11.975 10.146  -0.368  1.00 10.00 ? 114 TRP A CZ2 1 
ATOM   780  C  CZ3 . TRP A 1 114 ? -9.614  10.599  -0.874  1.00 65.00 ? 114 TRP A CZ3 1 
ATOM   781  C  CH2 . TRP A 1 114 ? -10.975 10.921  -0.958  1.00 65.00 ? 114 TRP A CH2 1 
ATOM   782  N  N   . TYR A 1 115 ? -8.345  3.469   2.005   1.00 10.00 ? 115 TYR A N   1 
ATOM   783  C  CA  . TYR A 1 115 ? -7.480  2.306   2.181   1.00 10.00 ? 115 TYR A CA  1 
ATOM   784  C  C   . TYR A 1 115 ? -6.535  2.090   1.009   1.00 50.55 ? 115 TYR A C   1 
ATOM   785  O  O   . TYR A 1 115 ? -6.844  2.383   -0.109  1.00 10.50 ? 115 TYR A O   1 
ATOM   786  C  CB  . TYR A 1 115 ? -8.377  1.091   2.173   1.00 19.22 ? 115 TYR A CB  1 
ATOM   787  C  CG  . TYR A 1 115 ? -9.004  0.904   3.482   1.00 10.00 ? 115 TYR A CG  1 
ATOM   788  C  CD1 . TYR A 1 115 ? -10.211 1.541   3.769   1.00 42.03 ? 115 TYR A CD1 1 
ATOM   789  C  CD2 . TYR A 1 115 ? -8.341  0.135   4.433   1.00 22.54 ? 115 TYR A CD2 1 
ATOM   790  C  CE1 . TYR A 1 115 ? -10.815 1.348   5.007   1.00 12.26 ? 115 TYR A CE1 1 
ATOM   791  C  CE2 . TYR A 1 115 ? -8.922  -0.045  5.683   1.00 31.13 ? 115 TYR A CE2 1 
ATOM   792  C  CZ  . TYR A 1 115 ? -10.142 0.571   5.950   1.00 63.09 ? 115 TYR A CZ  1 
ATOM   793  O  OH  . TYR A 1 115 ? -10.723 0.383   7.150   1.00 33.57 ? 115 TYR A OH  1 
ATOM   794  N  N   . VAL A 1 116 ? -5.396  1.503   1.214   1.00 16.85 ? 116 VAL A N   1 
ATOM   795  C  CA  . VAL A 1 116 ? -4.544  1.242   0.127   1.00 27.69 ? 116 VAL A CA  1 
ATOM   796  C  C   . VAL A 1 116 ? -5.171  0.021   -0.458  1.00 25.44 ? 116 VAL A C   1 
ATOM   797  O  O   . VAL A 1 116 ? -5.525  -0.852  0.288   1.00 18.03 ? 116 VAL A O   1 
ATOM   798  C  CB  . VAL A 1 116 ? -3.150  0.882   0.629   1.00 16.05 ? 116 VAL A CB  1 
ATOM   799  C  CG1 . VAL A 1 116 ? -2.395  0.139   -0.465  1.00 10.00 ? 116 VAL A CG1 1 
ATOM   800  C  CG2 . VAL A 1 116 ? -2.385  2.104   1.143   1.00 10.00 ? 116 VAL A CG2 1 
ATOM   801  N  N   . ALA A 1 117 ? -5.339  -0.044  -1.770  1.00 15.03 ? 117 ALA A N   1 
ATOM   802  C  CA  . ALA A 1 117 ? -6.015  -1.187  -2.380  1.00 27.94 ? 117 ALA A CA  1 
ATOM   803  C  C   . ALA A 1 117 ? -5.596  -1.469  -3.854  1.00 10.00 ? 117 ALA A C   1 
ATOM   804  O  O   . ALA A 1 117 ? -5.223  -0.579  -4.634  1.00 25.61 ? 117 ALA A O   1 
ATOM   805  C  CB  . ALA A 1 117 ? -7.500  -0.839  -2.257  1.00 10.22 ? 117 ALA A CB  1 
ATOM   806  N  N   . LEU A 1 118 ? -5.685  -2.717  -4.302  1.00 49.58 ? 118 LEU A N   1 
ATOM   807  C  CA  . LEU A 1 118 ? -5.319  -3.075  -5.677  1.00 10.00 ? 118 LEU A CA  1 
ATOM   808  C  C   . LEU A 1 118 ? -6.515  -3.705  -6.408  1.00 23.09 ? 118 LEU A C   1 
ATOM   809  O  O   . LEU A 1 118 ? -7.124  -4.652  -5.902  1.00 24.30 ? 118 LEU A O   1 
ATOM   810  C  CB  . LEU A 1 118 ? -4.181  -4.106  -5.646  1.00 10.00 ? 118 LEU A CB  1 
ATOM   811  C  CG  . LEU A 1 118 ? -2.767  -3.542  -5.425  1.00 10.72 ? 118 LEU A CG  1 
ATOM   812  C  CD1 . LEU A 1 118 ? -1.699  -4.641  -5.479  1.00 14.70 ? 118 LEU A CD1 1 
ATOM   813  C  CD2 . LEU A 1 118 ? -2.439  -2.384  -6.369  1.00 15.87 ? 118 LEU A CD2 1 
ATOM   814  N  N   . LYS A 1 119 ? -6.914  -3.240  -7.594  1.00 17.90 ? 119 LYS A N   1 
ATOM   815  C  CA  . LYS A 1 119 ? -8.073  -3.928  -8.246  1.00 30.13 ? 119 LYS A CA  1 
ATOM   816  C  C   . LYS A 1 119 ? -7.666  -5.342  -8.647  1.00 10.12 ? 119 LYS A C   1 
ATOM   817  O  O   . LYS A 1 119 ? -6.482  -5.627  -8.722  1.00 12.16 ? 119 LYS A O   1 
ATOM   818  C  CB  . LYS A 1 119 ? -8.597  -3.158  -9.446  1.00 10.00 ? 119 LYS A CB  1 
ATOM   819  C  CG  . LYS A 1 119 ? -8.816  -1.676  -9.166  1.00 11.34 ? 119 LYS A CG  1 
ATOM   820  C  CD  . LYS A 1 119 ? -9.286  -0.944  -10.404 1.00 10.42 ? 119 LYS A CD  1 
ATOM   821  C  CE  . LYS A 1 119 ? -10.658 -0.301  -10.268 1.00 43.03 ? 119 LYS A CE  1 
ATOM   822  N  NZ  . LYS A 1 119 ? -10.860 0.848   -11.189 1.00 44.69 ? 119 LYS A NZ  1 
ATOM   823  N  N   . ARG A 1 120 ? -8.594  -6.254  -8.904  1.00 38.34 ? 120 ARG A N   1 
ATOM   824  C  CA  . ARG A 1 120 ? -8.175  -7.617  -9.222  1.00 17.83 ? 120 ARG A CA  1 
ATOM   825  C  C   . ARG A 1 120 ? -7.436  -7.733  -10.578 1.00 10.00 ? 120 ARG A C   1 
ATOM   826  O  O   . ARG A 1 120 ? -6.769  -8.690  -10.858 1.00 19.92 ? 120 ARG A O   1 
ATOM   827  C  CB  . ARG A 1 120 ? -9.311  -8.635  -9.108  1.00 30.70 ? 120 ARG A CB  1 
ATOM   828  C  CG  . ARG A 1 120 ? -10.516 -8.208  -9.945  1.00 39.91 ? 120 ARG A CG  1 
ATOM   829  C  CD  . ARG A 1 120 ? -11.855 -8.484  -9.263  1.00 53.69 ? 120 ARG A CD  1 
ATOM   830  N  NE  . ARG A 1 120 ? -12.004 -7.729  -8.020  1.00 65.00 ? 120 ARG A NE  1 
ATOM   831  C  CZ  . ARG A 1 120 ? -12.842 -8.002  -7.031  1.00 40.87 ? 120 ARG A CZ  1 
ATOM   832  N  NH1 . ARG A 1 120 ? -13.627 -9.067  -7.071  1.00 64.22 ? 120 ARG A NH1 1 
ATOM   833  N  NH2 . ARG A 1 120 ? -12.853 -7.212  -5.954  1.00 46.63 ? 120 ARG A NH2 1 
ATOM   834  N  N   . THR A 1 121 ? -7.606  -6.756  -11.406 1.00 10.12 ? 121 THR A N   1 
ATOM   835  C  CA  . THR A 1 121 ? -6.854  -6.748  -12.633 1.00 49.52 ? 121 THR A CA  1 
ATOM   836  C  C   . THR A 1 121 ? -5.433  -6.346  -12.311 1.00 26.66 ? 121 THR A C   1 
ATOM   837  O  O   . THR A 1 121 ? -4.597  -6.727  -13.105 1.00 65.00 ? 121 THR A O   1 
ATOM   838  C  CB  . THR A 1 121 ? -7.338  -5.761  -13.726 1.00 31.98 ? 121 THR A CB  1 
ATOM   839  O  OG1 . THR A 1 121 ? -7.439  -4.476  -13.132 1.00 24.18 ? 121 THR A OG1 1 
ATOM   840  C  CG2 . THR A 1 121 ? -8.659  -6.188  -14.375 1.00 47.97 ? 121 THR A CG2 1 
ATOM   841  N  N   . GLY A 1 122 ? -5.148  -5.560  -11.227 1.00 18.15 ? 122 GLY A N   1 
ATOM   842  C  CA  . GLY A 1 122 ? -3.726  -5.198  -10.915 1.00 10.00 ? 122 GLY A CA  1 
ATOM   843  C  C   . GLY A 1 122 ? -3.364  -3.718  -10.801 1.00 43.09 ? 122 GLY A C   1 
ATOM   844  O  O   . GLY A 1 122 ? -2.218  -3.252  -10.599 1.00 11.48 ? 122 GLY A O   1 
ATOM   845  N  N   . GLN A 1 123 ? -4.381  -2.941  -10.981 1.00 15.09 ? 123 GLN A N   1 
ATOM   846  C  CA  . GLN A 1 123 ? -4.150  -1.550  -10.895 1.00 10.00 ? 123 GLN A CA  1 
ATOM   847  C  C   . GLN A 1 123 ? -4.673  -1.233  -9.527  1.00 11.51 ? 123 GLN A C   1 
ATOM   848  O  O   . GLN A 1 123 ? -5.531  -1.934  -8.998  1.00 15.61 ? 123 GLN A O   1 
ATOM   849  C  CB  . GLN A 1 123 ? -4.919  -0.727  -11.967 1.00 10.00 ? 123 GLN A CB  1 
ATOM   850  C  CG  . GLN A 1 123 ? -4.477  -0.946  -13.450 1.00 65.00 ? 123 GLN A CG  1 
ATOM   851  C  CD  . GLN A 1 123 ? -3.003  -0.590  -13.826 1.00 65.00 ? 123 GLN A CD  1 
ATOM   852  O  OE1 . GLN A 1 123 ? -2.679  0.541   -14.276 1.00 65.00 ? 123 GLN A OE1 1 
ATOM   853  N  NE2 . GLN A 1 123 ? -2.110  -1.593  -13.786 1.00 65.00 ? 123 GLN A NE2 1 
ATOM   854  N  N   . TYR A 1 124 ? -4.111  -0.222  -8.950  1.00 20.37 ? 124 TYR A N   1 
ATOM   855  C  CA  . TYR A 1 124 ? -4.560  0.192   -7.663  1.00 48.43 ? 124 TYR A CA  1 
ATOM   856  C  C   . TYR A 1 124 ? -5.958  0.753   -7.807  1.00 32.66 ? 124 TYR A C   1 
ATOM   857  O  O   . TYR A 1 124 ? -6.423  1.078   -8.885  1.00 33.39 ? 124 TYR A O   1 
ATOM   858  C  CB  . TYR A 1 124 ? -3.591  1.202   -7.086  1.00 10.00 ? 124 TYR A CB  1 
ATOM   859  C  CG  . TYR A 1 124 ? -3.775  2.595   -7.631  1.00 11.85 ? 124 TYR A CG  1 
ATOM   860  C  CD1 . TYR A 1 124 ? -4.759  3.394   -7.045  1.00 17.58 ? 124 TYR A CD1 1 
ATOM   861  C  CD2 . TYR A 1 124 ? -2.940  3.183   -8.590  1.00 23.17 ? 124 TYR A CD2 1 
ATOM   862  C  CE1 . TYR A 1 124 ? -4.915  4.731   -7.423  1.00 19.45 ? 124 TYR A CE1 1 
ATOM   863  C  CE2 . TYR A 1 124 ? -3.064  4.532   -8.954  1.00 10.00 ? 124 TYR A CE2 1 
ATOM   864  C  CZ  . TYR A 1 124 ? -4.082  5.307   -8.388  1.00 21.97 ? 124 TYR A CZ  1 
ATOM   865  O  OH  . TYR A 1 124 ? -4.306  6.629   -8.788  1.00 28.80 ? 124 TYR A OH  1 
ATOM   866  N  N   . LYS A 1 125 ? -6.642  0.820   -6.717  1.00 35.24 ? 125 LYS A N   1 
ATOM   867  C  CA  . LYS A 1 125 ? -7.994  1.206   -6.712  1.00 10.00 ? 125 LYS A CA  1 
ATOM   868  C  C   . LYS A 1 125 ? -8.102  2.543   -6.031  1.00 50.87 ? 125 LYS A C   1 
ATOM   869  O  O   . LYS A 1 125 ? -7.294  2.843   -5.158  1.00 10.12 ? 125 LYS A O   1 
ATOM   870  C  CB  . LYS A 1 125 ? -8.699  0.079   -6.005  1.00 19.58 ? 125 LYS A CB  1 
ATOM   871  C  CG  . LYS A 1 125 ? -10.201 0.114   -6.056  1.00 10.50 ? 125 LYS A CG  1 
ATOM   872  C  CD  . LYS A 1 125 ? -10.810 -1.263  -5.946  1.00 40.24 ? 125 LYS A CD  1 
ATOM   873  C  CE  . LYS A 1 125 ? -12.161 -1.219  -5.250  1.00 53.12 ? 125 LYS A CE  1 
ATOM   874  N  NZ  . LYS A 1 125 ? -12.629 -2.556  -4.853  1.00 30.29 ? 125 LYS A NZ  1 
ATOM   875  N  N   . LEU A 1 126 ? -9.022  3.387   -6.497  1.00 37.78 ? 126 LEU A N   1 
ATOM   876  C  CA  . LEU A 1 126 ? -9.169  4.710   -5.921  1.00 12.43 ? 126 LEU A CA  1 
ATOM   877  C  C   . LEU A 1 126 ? -9.501  4.619   -4.458  1.00 39.12 ? 126 LEU A C   1 
ATOM   878  O  O   . LEU A 1 126 ? -10.468 3.954   -4.073  1.00 65.00 ? 126 LEU A O   1 
ATOM   879  C  CB  . LEU A 1 126 ? -10.344 5.506   -6.542  1.00 11.15 ? 126 LEU A CB  1 
ATOM   880  C  CG  . LEU A 1 126 ? -9.925  6.436   -7.677  1.00 10.64 ? 126 LEU A CG  1 
ATOM   881  C  CD1 . LEU A 1 126 ? -11.085 7.365   -8.017  1.00 16.04 ? 126 LEU A CD1 1 
ATOM   882  C  CD2 . LEU A 1 126 ? -8.772  7.296   -7.177  1.00 17.55 ? 126 LEU A CD2 1 
ATOM   883  N  N   . GLY A 1 127 ? -8.711  5.331   -3.680  1.00 10.11 ? 127 GLY A N   1 
ATOM   884  C  CA  . GLY A 1 127 ? -8.904  5.387   -2.267  1.00 20.06 ? 127 GLY A CA  1 
ATOM   885  C  C   . GLY A 1 127 ? -10.321 5.758   -1.958  1.00 25.54 ? 127 GLY A C   1 
ATOM   886  O  O   . GLY A 1 127 ? -10.921 5.158   -1.074  1.00 10.00 ? 127 GLY A O   1 
ATOM   887  N  N   . SER A 1 128 ? -10.848 6.690   -2.747  1.00 18.85 ? 128 SER A N   1 
ATOM   888  C  CA  . SER A 1 128 ? -12.204 7.178   -2.528  1.00 58.65 ? 128 SER A CA  1 
ATOM   889  C  C   . SER A 1 128 ? -13.213 6.099   -2.743  1.00 21.25 ? 128 SER A C   1 
ATOM   890  O  O   . SER A 1 128 ? -14.353 6.212   -2.292  1.00 31.67 ? 128 SER A O   1 
ATOM   891  C  CB  . SER A 1 128 ? -12.626 8.310   -3.445  1.00 18.49 ? 128 SER A CB  1 
ATOM   892  O  OG  . SER A 1 128 ? -12.986 7.712   -4.682  1.00 40.23 ? 128 SER A OG  1 
ATOM   893  N  N   . LYS A 1 129 ? -12.834 5.068   -3.475  1.00 65.00 ? 129 LYS A N   1 
ATOM   894  C  CA  . LYS A 1 129 ? -13.841 4.047   -3.633  1.00 16.36 ? 129 LYS A CA  1 
ATOM   895  C  C   . LYS A 1 129 ? -13.655 2.844   -2.770  1.00 16.44 ? 129 LYS A C   1 
ATOM   896  O  O   . LYS A 1 129 ? -14.279 1.845   -3.014  1.00 23.91 ? 129 LYS A O   1 
ATOM   897  C  CB  . LYS A 1 129 ? -14.295 3.728   -5.043  1.00 11.63 ? 129 LYS A CB  1 
ATOM   898  C  CG  . LYS A 1 129 ? -13.831 4.734   -6.088  1.00 16.04 ? 129 LYS A CG  1 
ATOM   899  C  CD  . LYS A 1 129 ? -14.949 5.129   -7.040  1.00 35.76 ? 129 LYS A CD  1 
ATOM   900  C  CE  . LYS A 1 129 ? -14.493 5.985   -8.209  1.00 65.00 ? 129 LYS A CE  1 
ATOM   901  N  NZ  . LYS A 1 129 ? -14.394 5.243   -9.487  1.00 60.46 ? 129 LYS A NZ  1 
ATOM   902  N  N   . THR A 1 130 ? -12.756 2.923   -1.799  1.00 54.38 ? 130 THR A N   1 
ATOM   903  C  CA  . THR A 1 130 ? -12.576 1.794   -0.929  1.00 10.00 ? 130 THR A CA  1 
ATOM   904  C  C   . THR A 1 130 ? -13.445 1.933   0.280   1.00 21.73 ? 130 THR A C   1 
ATOM   905  O  O   . THR A 1 130 ? -13.996 2.963   0.576   1.00 22.53 ? 130 THR A O   1 
ATOM   906  C  CB  . THR A 1 130 ? -11.151 1.670   -0.363  1.00 10.00 ? 130 THR A CB  1 
ATOM   907  O  OG1 . THR A 1 130 ? -10.724 2.882   0.222   1.00 23.23 ? 130 THR A OG1 1 
ATOM   908  C  CG2 . THR A 1 130 ? -10.213 1.123   -1.401  1.00 13.20 ? 130 THR A CG2 1 
ATOM   909  N  N   . GLY A 1 131 ? -13.392 0.849   1.021   1.00 28.81 ? 131 GLY A N   1 
ATOM   910  C  CA  . GLY A 1 131 ? -14.126 0.651   2.226   1.00 10.71 ? 131 GLY A CA  1 
ATOM   911  C  C   . GLY A 1 131 ? -13.924 -0.816  2.650   1.00 45.49 ? 131 GLY A C   1 
ATOM   912  O  O   . GLY A 1 131 ? -13.488 -1.730  1.925   1.00 25.56 ? 131 GLY A O   1 
ATOM   913  N  N   . PRO A 1 132 ? -14.204 -1.003  3.910   1.00 20.41 ? 132 PRO A N   1 
ATOM   914  C  CA  . PRO A 1 132 ? -14.116 -2.201  4.684   1.00 36.71 ? 132 PRO A CA  1 
ATOM   915  C  C   . PRO A 1 132 ? -14.987 -3.307  4.144   1.00 31.97 ? 132 PRO A C   1 
ATOM   916  O  O   . PRO A 1 132 ? -16.089 -3.084  3.645   1.00 48.29 ? 132 PRO A O   1 
ATOM   917  C  CB  . PRO A 1 132 ? -14.613 -1.782  6.058   1.00 18.97 ? 132 PRO A CB  1 
ATOM   918  C  CG  . PRO A 1 132 ? -14.655 -0.262  6.100   1.00 50.42 ? 132 PRO A CG  1 
ATOM   919  C  CD  . PRO A 1 132 ? -14.430 0.227   4.689   1.00 19.26 ? 132 PRO A CD  1 
ATOM   920  N  N   . GLY A 1 133 ? -14.498 -4.532  4.231   1.00 37.42 ? 133 GLY A N   1 
ATOM   921  C  CA  . GLY A 1 133 ? -15.305 -5.604  3.693   1.00 10.00 ? 133 GLY A CA  1 
ATOM   922  C  C   . GLY A 1 133 ? -14.830 -5.949  2.307   1.00 59.89 ? 133 GLY A C   1 
ATOM   923  O  O   . GLY A 1 133 ? -15.183 -6.975  1.731   1.00 25.56 ? 133 GLY A O   1 
ATOM   924  N  N   . GLN A 1 134 ? -14.000 -5.082  1.765   1.00 16.90 ? 134 GLN A N   1 
ATOM   925  C  CA  . GLN A 1 134 ? -13.474 -5.381  0.450   1.00 11.07 ? 134 GLN A CA  1 
ATOM   926  C  C   . GLN A 1 134 ? -12.197 -6.183  0.479   1.00 39.17 ? 134 GLN A C   1 
ATOM   927  O  O   . GLN A 1 134 ? -11.286 -5.908  1.296   1.00 10.00 ? 134 GLN A O   1 
ATOM   928  C  CB  . GLN A 1 134 ? -13.206 -4.066  -0.290  1.00 65.00 ? 134 GLN A CB  1 
ATOM   929  C  CG  . GLN A 1 134 ? -14.473 -3.521  -0.964  1.00 12.25 ? 134 GLN A CG  1 
ATOM   930  C  CD  . GLN A 1 134 ? -14.323 -2.063  -1.345  1.00 35.85 ? 134 GLN A CD  1 
ATOM   931  O  OE1 . GLN A 1 134 ? -13.256 -1.617  -1.783  1.00 25.62 ? 134 GLN A OE1 1 
ATOM   932  N  NE2 . GLN A 1 134 ? -15.425 -1.326  -1.257  1.00 10.69 ? 134 GLN A NE2 1 
ATOM   933  N  N   . LYS A 1 135 ? -12.139 -7.107  -0.501  1.00 25.19 ? 135 LYS A N   1 
ATOM   934  C  CA  . LYS A 1 135 ? -10.993 -7.977  -0.653  1.00 10.00 ? 135 LYS A CA  1 
ATOM   935  C  C   . LYS A 1 135 ? -9.838  -7.129  -1.111  1.00 18.38 ? 135 LYS A C   1 
ATOM   936  O  O   . LYS A 1 135 ? -8.628  -7.336  -0.804  1.00 21.95 ? 135 LYS A O   1 
ATOM   937  C  CB  . LYS A 1 135 ? -11.229 -9.135  -1.649  1.00 10.00 ? 135 LYS A CB  1 
ATOM   938  C  CG  . LYS A 1 135 ? -11.904 -10.361 -1.025  1.00 17.44 ? 135 LYS A CG  1 
ATOM   939  C  CD  . LYS A 1 135 ? -12.312 -11.449 -2.016  1.00 65.00 ? 135 LYS A CD  1 
ATOM   940  C  CE  . LYS A 1 135 ? -13.459 -12.341 -1.537  1.00 65.00 ? 135 LYS A CE  1 
ATOM   941  N  NZ  . LYS A 1 135 ? -14.758 -11.657 -1.526  1.00 65.00 ? 135 LYS A NZ  1 
ATOM   942  N  N   . ALA A 1 136 ? -10.284 -6.155  -1.912  1.00 15.48 ? 136 ALA A N   1 
ATOM   943  C  CA  . ALA A 1 136 ? -9.367  -5.246  -2.530  1.00 15.76 ? 136 ALA A CA  1 
ATOM   944  C  C   . ALA A 1 136 ? -8.412  -4.692  -1.474  1.00 31.47 ? 136 ALA A C   1 
ATOM   945  O  O   . ALA A 1 136 ? -7.236  -4.689  -1.721  1.00 23.13 ? 136 ALA A O   1 
ATOM   946  C  CB  . ALA A 1 136 ? -10.129 -4.187  -3.319  1.00 42.98 ? 136 ALA A CB  1 
ATOM   947  N  N   . ILE A 1 137 ? -8.934  -4.349  -0.280  1.00 10.00 ? 137 ILE A N   1 
ATOM   948  C  CA  . ILE A 1 137 ? -8.148  -3.745  0.781   1.00 37.25 ? 137 ILE A CA  1 
ATOM   949  C  C   . ILE A 1 137 ? -7.171  -4.662  1.579   1.00 12.22 ? 137 ILE A C   1 
ATOM   950  O  O   . ILE A 1 137 ? -6.351  -4.185  2.391   1.00 18.59 ? 137 ILE A O   1 
ATOM   951  C  CB  . ILE A 1 137 ? -9.054  -2.858  1.690   1.00 34.66 ? 137 ILE A CB  1 
ATOM   952  C  CG1 . ILE A 1 137 ? -10.032 -3.663  2.544   1.00 15.63 ? 137 ILE A CG1 1 
ATOM   953  C  CG2 . ILE A 1 137 ? -9.860  -1.820  0.908   1.00 21.83 ? 137 ILE A CG2 1 
ATOM   954  C  CD1 . ILE A 1 137 ? -10.149 -2.958  3.889   1.00 19.84 ? 137 ILE A CD1 1 
ATOM   955  N  N   . LEU A 1 138 ? -7.309  -5.980  1.346   1.00 25.71 ? 138 LEU A N   1 
ATOM   956  C  CA  . LEU A 1 138 ? -6.647  -7.072  2.054   1.00 12.20 ? 138 LEU A CA  1 
ATOM   957  C  C   . LEU A 1 138 ? -5.273  -7.508  1.624   1.00 26.73 ? 138 LEU A C   1 
ATOM   958  O  O   . LEU A 1 138 ? -5.140  -8.177  0.591   1.00 24.42 ? 138 LEU A O   1 
ATOM   959  C  CB  . LEU A 1 138 ? -7.537  -8.332  2.120   1.00 10.00 ? 138 LEU A CB  1 
ATOM   960  C  CG  . LEU A 1 138 ? -8.552  -8.341  3.279   1.00 10.00 ? 138 LEU A CG  1 
ATOM   961  C  CD1 . LEU A 1 138 ? -8.835  -6.918  3.749   1.00 65.00 ? 138 LEU A CD1 1 
ATOM   962  C  CD2 . LEU A 1 138 ? -9.875  -9.018  2.898   1.00 11.50 ? 138 LEU A CD2 1 
ATOM   963  N  N   . PHE A 1 139 ? -4.321  -7.237  2.519   1.00 10.14 ? 139 PHE A N   1 
ATOM   964  C  CA  . PHE A 1 139 ? -2.898  -7.551  2.400   1.00 20.95 ? 139 PHE A CA  1 
ATOM   965  C  C   . PHE A 1 139 ? -2.276  -8.457  3.475   1.00 19.82 ? 139 PHE A C   1 
ATOM   966  O  O   . PHE A 1 139 ? -2.547  -8.426  4.673   1.00 26.26 ? 139 PHE A O   1 
ATOM   967  C  CB  . PHE A 1 139 ? -2.002  -6.286  2.261   1.00 14.79 ? 139 PHE A CB  1 
ATOM   968  C  CG  . PHE A 1 139 ? -2.263  -5.432  1.021   1.00 14.87 ? 139 PHE A CG  1 
ATOM   969  C  CD1 . PHE A 1 139 ? -1.613  -5.626  -0.202  1.00 34.74 ? 139 PHE A CD1 1 
ATOM   970  C  CD2 . PHE A 1 139 ? -3.167  -4.373  1.115   1.00 17.94 ? 139 PHE A CD2 1 
ATOM   971  C  CE1 . PHE A 1 139 ? -1.887  -4.810  -1.309  1.00 10.00 ? 139 PHE A CE1 1 
ATOM   972  C  CE2 . PHE A 1 139 ? -3.438  -3.523  0.039   1.00 19.49 ? 139 PHE A CE2 1 
ATOM   973  C  CZ  . PHE A 1 139 ? -2.793  -3.757  -1.177  1.00 13.07 ? 139 PHE A CZ  1 
ATOM   974  N  N   . LEU A 1 140 ? -1.322  -9.233  2.972   1.00 35.06 ? 140 LEU A N   1 
ATOM   975  C  CA  . LEU A 1 140 ? -0.491  -10.170 3.704   1.00 28.95 ? 140 LEU A CA  1 
ATOM   976  C  C   . LEU A 1 140 ? 0.986   -9.914  3.430   1.00 10.00 ? 140 LEU A C   1 
ATOM   977  O  O   . LEU A 1 140 ? 1.468   -10.309 2.378   1.00 24.54 ? 140 LEU A O   1 
ATOM   978  C  CB  . LEU A 1 140 ? -0.868  -11.635 3.395   1.00 10.00 ? 140 LEU A CB  1 
ATOM   979  C  CG  . LEU A 1 140 ? 0.058   -12.575 4.147   1.00 35.84 ? 140 LEU A CG  1 
ATOM   980  C  CD1 . LEU A 1 140 ? -0.312  -12.643 5.612   1.00 11.81 ? 140 LEU A CD1 1 
ATOM   981  C  CD2 . LEU A 1 140 ? 0.077   -13.965 3.530   1.00 49.88 ? 140 LEU A CD2 1 
ATOM   982  N  N   . PRO A 1 141 ? 1.713   -9.233  4.355   1.00 65.00 ? 141 PRO A N   1 
ATOM   983  C  CA  . PRO A 1 141 ? 3.132   -8.879  4.148   1.00 65.00 ? 141 PRO A CA  1 
ATOM   984  C  C   . PRO A 1 141 ? 4.056   -10.072 4.231   1.00 10.00 ? 141 PRO A C   1 
ATOM   985  O  O   . PRO A 1 141 ? 3.877   -10.981 5.057   1.00 65.00 ? 141 PRO A O   1 
ATOM   986  C  CB  . PRO A 1 141 ? 3.541   -7.903  5.273   1.00 17.15 ? 141 PRO A CB  1 
ATOM   987  C  CG  . PRO A 1 141 ? 2.308   -7.714  6.172   1.00 18.68 ? 141 PRO A CG  1 
ATOM   988  C  CD  . PRO A 1 141 ? 1.229   -8.699  5.682   1.00 21.09 ? 141 PRO A CD  1 
ATOM   989  N  N   . MET A 1 142 ? 5.070   -10.104 3.381   1.00 60.19 ? 142 MET A N   1 
ATOM   990  C  CA  . MET A 1 142 ? 5.975   -11.232 3.474   1.00 10.00 ? 142 MET A CA  1 
ATOM   991  C  C   . MET A 1 142 ? 7.380   -10.804 3.220   1.00 27.54 ? 142 MET A C   1 
ATOM   992  O  O   . MET A 1 142 ? 7.602   -9.829  2.511   1.00 35.37 ? 142 MET A O   1 
ATOM   993  C  CB  . MET A 1 142 ? 5.675   -12.435 2.575   1.00 37.86 ? 142 MET A CB  1 
ATOM   994  C  CG  . MET A 1 142 ? 4.229   -12.792 2.350   1.00 10.00 ? 142 MET A CG  1 
ATOM   995  S  SD  . MET A 1 142 ? 4.087   -13.419 0.659   1.00 36.09 ? 142 MET A SD  1 
ATOM   996  C  CE  . MET A 1 142 ? 2.310   -13.232 0.390   1.00 26.52 ? 142 MET A CE  1 
ATOM   997  N  N   . SER A 1 143 ? 8.297   -11.587 3.795   1.00 10.05 ? 143 SER A N   1 
ATOM   998  C  CA  . SER A 1 143 ? 9.716   -11.354 3.627   1.00 55.23 ? 143 SER A CA  1 
ATOM   999  C  C   . SER A 1 143 ? 10.226  -11.760 2.252   1.00 12.91 ? 143 SER A C   1 
ATOM   1000 O  O   . SER A 1 143 ? 9.429   -11.917 1.327   1.00 54.98 ? 143 SER A O   1 
ATOM   1001 C  CB  . SER A 1 143 ? 10.523  -12.063 4.671   1.00 24.74 ? 143 SER A CB  1 
ATOM   1002 O  OG  . SER A 1 143 ? 11.539  -11.161 5.052   1.00 54.13 ? 143 SER A OG  1 
HETATM 1003 SE SE  . SE4 B 2 .   ? -12.333 -4.570  -7.815  1.00 41.85 ? 147 SE4 A SE  1 
HETATM 1004 O  O1  . SE4 B 2 .   ? -11.557 -4.429  -9.146  1.00 45.94 ? 147 SE4 A O1  1 
HETATM 1005 O  O2  . SE4 B 2 .   ? -11.470 -5.419  -6.833  1.00 48.07 ? 147 SE4 A O2  1 
HETATM 1006 O  O3  . SE4 B 2 .   ? -13.600 -5.319  -8.116  1.00 65.00 ? 147 SE4 A O3  1 
HETATM 1007 O  O4  . SE4 B 2 .   ? -12.612 -3.181  -7.260  1.00 60.84 ? 147 SE4 A O4  1 
HETATM 1008 SE SE  . SE4 C 2 .   ? -15.520 -10.897 -4.498  0.50 38.45 ? 301 SE4 A SE  1 
HETATM 1009 O  O1  . SE4 C 2 .   ? -16.098 -11.367 -5.939  0.50 17.70 ? 301 SE4 A O1  1 
HETATM 1010 O  O2  . SE4 C 2 .   ? -15.093 -11.979 -3.774  0.50 10.00 ? 301 SE4 A O2  1 
HETATM 1011 O  O3  . SE4 C 2 .   ? -16.568 -10.169 -3.769  0.50 31.84 ? 301 SE4 A O3  1 
HETATM 1012 O  O4  . SE4 C 2 .   ? -14.400 -9.979  -4.663  0.50 65.00 ? 301 SE4 A O4  1 
HETATM 1013 C  C1  . BME D 3 .   ? 17.122  -2.918  -8.898  1.00 65.00 ? 302 BME A C1  1 
HETATM 1014 C  C2  . BME D 3 .   ? 17.417  -1.738  -7.935  1.00 31.69 ? 302 BME A C2  1 
HETATM 1015 O  O1  . BME D 3 .   ? 16.655  -2.358  -10.127 1.00 36.74 ? 302 BME A O1  1 
HETATM 1016 S  S2  . BME D 3 .   ? 16.994  -1.944  -6.168  1.00 45.25 ? 302 BME A S2  1 
HETATM 1017 C  C1  . BME E 3 .   ? 8.936   8.513   7.652   0.50 65.00 ? 303 BME A C1  1 
HETATM 1018 C  C2  . BME E 3 .   ? 7.471   8.384   7.193   0.50 36.32 ? 303 BME A C2  1 
HETATM 1019 O  O1  . BME E 3 .   ? 9.581   7.252   7.593   0.50 65.00 ? 303 BME A O1  1 
HETATM 1020 S  S2  . BME E 3 .   ? 7.262   9.172   5.568   0.50 45.17 ? 303 BME A S2  1 
HETATM 1021 O  O   . HOH F 4 .   ? 4.815   -5.517  -2.332  1.00 10.00 ? 149 HOH A O   1 
HETATM 1022 O  O   . HOH F 4 .   ? 11.496  -1.917  -4.174  1.00 10.68 ? 150 HOH A O   1 
HETATM 1023 O  O   . HOH F 4 .   ? -5.749  -1.841  2.904   1.00 12.35 ? 151 HOH A O   1 
HETATM 1024 O  O   . HOH F 4 .   ? -5.973  0.093   8.898   1.00 10.00 ? 152 HOH A O   1 
HETATM 1025 O  O   . HOH F 4 .   ? 9.321   -15.703 -10.441 1.00 24.79 ? 153 HOH A O   1 
HETATM 1026 O  O   . HOH F 4 .   ? 10.744  0.309   -5.520  1.00 10.00 ? 154 HOH A O   1 
HETATM 1027 O  O   . HOH F 4 .   ? -1.076  -10.961 8.649   1.00 40.19 ? 155 HOH A O   1 
HETATM 1028 O  O   . HOH F 4 .   ? 0.435   5.865   -9.328  1.00 14.73 ? 156 HOH A O   1 
HETATM 1029 O  O   . HOH F 4 .   ? -1.848  0.791   -10.558 1.00 40.06 ? 157 HOH A O   1 
HETATM 1030 O  O   . HOH F 4 .   ? -12.114 -5.631  -11.130 1.00 16.48 ? 158 HOH A O   1 
HETATM 1031 O  O   . HOH F 4 .   ? 10.543  -3.344  6.005   1.00 37.04 ? 161 HOH A O   1 
HETATM 1032 O  O   . HOH F 4 .   ? 11.852  -9.109  -5.695  1.00 14.49 ? 163 HOH A O   1 
HETATM 1033 O  O   . HOH F 4 .   ? -3.693  -4.381  14.773  1.00 17.47 ? 164 HOH A O   1 
HETATM 1034 O  O   . HOH F 4 .   ? -3.679  15.369  -1.402  1.00 21.44 ? 165 HOH A O   1 
HETATM 1035 O  O   . HOH F 4 .   ? -11.730 -6.676  12.884  1.00 40.84 ? 166 HOH A O   1 
HETATM 1036 O  O   . HOH F 4 .   ? -6.981  1.344   12.973  1.00 29.26 ? 167 HOH A O   1 
HETATM 1037 O  O   . HOH F 4 .   ? 16.403  2.307   -0.094  1.00 57.49 ? 168 HOH A O   1 
HETATM 1038 O  O   . HOH F 4 .   ? 7.182   13.955  -5.942  1.00 28.28 ? 169 HOH A O   1 
HETATM 1039 O  O   . HOH F 4 .   ? -5.775  2.554   -2.798  1.00 10.00 ? 170 HOH A O   1 
HETATM 1040 O  O   . HOH F 4 .   ? 4.082   5.580   2.737   1.00 10.44 ? 171 HOH A O   1 
HETATM 1041 O  O   . HOH F 4 .   ? -1.787  8.190   -10.640 1.00 21.06 ? 172 HOH A O   1 
HETATM 1042 O  O   . HOH F 4 .   ? -12.554 -10.660 3.108   1.00 52.89 ? 173 HOH A O   1 
HETATM 1043 O  O   . HOH F 4 .   ? -8.301  -11.752 -9.838  1.00 53.00 ? 175 HOH A O   1 
HETATM 1044 O  O   . HOH F 4 .   ? 9.114   3.074   5.011   1.00 21.29 ? 176 HOH A O   1 
HETATM 1045 O  O   . HOH F 4 .   ? 3.416   0.918   13.348  1.00 33.56 ? 177 HOH A O   1 
HETATM 1046 O  O   . HOH F 4 .   ? 1.882   9.855   14.862  1.00 37.68 ? 178 HOH A O   1 
HETATM 1047 O  O   . HOH F 4 .   ? -10.483 -1.915  9.317   1.00 17.15 ? 179 HOH A O   1 
HETATM 1048 O  O   . HOH F 4 .   ? -1.181  12.011  8.375   1.00 30.00 ? 180 HOH A O   1 
HETATM 1049 O  O   . HOH F 4 .   ? -5.146  12.412  10.217  1.00 54.35 ? 181 HOH A O   1 
HETATM 1050 O  O   . HOH F 4 .   ? -9.258  4.302   -10.350 1.00 43.90 ? 182 HOH A O   1 
HETATM 1051 O  O   . HOH F 4 .   ? -15.506 -8.294  -2.646  1.00 40.91 ? 183 HOH A O   1 
HETATM 1052 O  O   . HOH F 4 .   ? -12.748 -5.989  -3.931  1.00 17.55 ? 184 HOH A O   1 
HETATM 1053 O  O   . HOH F 4 .   ? -10.787 10.595  3.989   1.00 19.46 ? 185 HOH A O   1 
HETATM 1054 O  O   . HOH F 4 .   ? 5.909   4.072   19.480  1.00 41.36 ? 186 HOH A O   1 
HETATM 1055 O  O   . HOH F 4 .   ? 1.948   -9.602  -13.845 1.00 24.26 ? 187 HOH A O   1 
HETATM 1056 O  O   . HOH F 4 .   ? -7.310  1.686   10.464  1.00 25.29 ? 189 HOH A O   1 
HETATM 1057 O  O   . HOH F 4 .   ? -4.371  1.047   13.080  1.00 65.00 ? 190 HOH A O   1 
HETATM 1058 O  O   . HOH F 4 .   ? -12.548 -6.484  4.015   1.00 36.46 ? 192 HOH A O   1 
HETATM 1059 O  O   . HOH F 4 .   ? 1.277   -9.214  10.804  1.00 46.12 ? 193 HOH A O   1 
HETATM 1060 O  O   . HOH F 4 .   ? -2.607  -14.534 6.681   1.00 29.62 ? 194 HOH A O   1 
HETATM 1061 O  O   . HOH F 4 .   ? -10.426 -12.028 -8.091  1.00 34.74 ? 195 HOH A O   1 
HETATM 1062 O  O   . HOH F 4 .   ? 10.585  4.386   -13.796 1.00 45.73 ? 199 HOH A O   1 
HETATM 1063 O  O   . HOH F 4 .   ? 10.000  -10.209 -13.219 1.00 39.86 ? 201 HOH A O   1 
HETATM 1064 O  O   . HOH F 4 .   ? -11.958 -7.530  10.755  1.00 46.12 ? 202 HOH A O   1 
HETATM 1065 O  O   . HOH F 4 .   ? 1.138   -2.435  14.154  1.00 21.77 ? 203 HOH A O   1 
HETATM 1066 O  O   . HOH F 4 .   ? 10.412  -3.755  -12.590 1.00 28.57 ? 204 HOH A O   1 
HETATM 1067 O  O   . HOH F 4 .   ? 1.039   -7.196  -13.816 1.00 11.48 ? 205 HOH A O   1 
HETATM 1068 O  O   . HOH F 4 .   ? 8.229   -8.687  -12.748 1.00 35.41 ? 206 HOH A O   1 
HETATM 1069 O  O   . HOH F 4 .   ? 13.642  -4.829  -5.227  1.00 34.66 ? 208 HOH A O   1 
HETATM 1070 O  O   . HOH F 4 .   ? -17.549 2.701   -4.064  1.00 65.00 ? 209 HOH A O   1 
HETATM 1071 O  O   . HOH F 4 .   ? -13.620 -4.970  10.274  1.00 25.36 ? 211 HOH A O   1 
HETATM 1072 O  O   . HOH F 4 .   ? -11.758 -6.061  6.598   1.00 36.43 ? 212 HOH A O   1 
HETATM 1073 O  O   . HOH F 4 .   ? -12.830 2.166   7.514   1.00 38.89 ? 213 HOH A O   1 
HETATM 1074 O  O   . HOH F 4 .   ? -5.773  2.717   -10.670 1.00 34.30 ? 214 HOH A O   1 
HETATM 1075 O  O   . HOH F 4 .   ? 6.510   -3.949  -16.597 1.00 34.00 ? 215 HOH A O   1 
HETATM 1076 O  O   . HOH F 4 .   ? -3.806  -16.870 9.928   1.00 37.06 ? 216 HOH A O   1 
HETATM 1077 O  O   . HOH F 4 .   ? -2.028  17.332  -7.139  1.00 16.73 ? 217 HOH A O   1 
HETATM 1078 O  O   . HOH F 4 .   ? 4.433   -5.787  8.849   1.00 20.69 ? 218 HOH A O   1 
HETATM 1079 O  O   . HOH F 4 .   ? -15.998 -14.822 -3.118  1.00 41.83 ? 219 HOH A O   1 
HETATM 1080 O  O   . HOH F 4 .   ? 9.409   2.460   -13.999 1.00 24.82 ? 220 HOH A O   1 
HETATM 1081 O  O   . HOH F 4 .   ? 9.528   0.176   -14.327 1.00 23.60 ? 221 HOH A O   1 
HETATM 1082 O  O   . HOH F 4 .   ? -5.756  15.468  -5.102  1.00 33.14 ? 222 HOH A O   1 
HETATM 1083 O  O   . HOH F 4 .   ? 3.925   14.991  -4.763  1.00 39.49 ? 223 HOH A O   1 
HETATM 1084 O  O   . HOH F 4 .   ? -2.968  17.329  -2.301  1.00 19.32 ? 224 HOH A O   1 
HETATM 1085 O  O   . HOH F 4 .   ? -10.299 17.027  -3.620  1.00 43.94 ? 225 HOH A O   1 
# 
